data_9NCM
# 
_entry.id   9NCM 
# 
_audit_conform.dict_name       mmcif_pdbx.dic 
_audit_conform.dict_version    5.403 
_audit_conform.dict_location   http://mmcif.pdb.org/dictionaries/ascii/mmcif_pdbx.dic 
# 
loop_
_database_2.database_id 
_database_2.database_code 
_database_2.pdbx_database_accession 
_database_2.pdbx_DOI 
PDB   9NCM         pdb_00009ncm 10.2210/pdb9ncm/pdb 
WWPDB D_1000293051 ?            ?                   
# 
_pdbx_audit_revision_history.ordinal             1 
_pdbx_audit_revision_history.data_content_type   'Structure model' 
_pdbx_audit_revision_history.major_revision      1 
_pdbx_audit_revision_history.minor_revision      0 
_pdbx_audit_revision_history.revision_date       2025-04-09 
_pdbx_audit_revision_history.part_number         ? 
# 
_pdbx_audit_revision_details.ordinal             1 
_pdbx_audit_revision_details.revision_ordinal    1 
_pdbx_audit_revision_details.data_content_type   'Structure model' 
_pdbx_audit_revision_details.provider            repository 
_pdbx_audit_revision_details.type                'Initial release' 
_pdbx_audit_revision_details.description         ? 
_pdbx_audit_revision_details.details             ? 
# 
_pdbx_database_status.status_code                     REL 
_pdbx_database_status.status_code_sf                  REL 
_pdbx_database_status.status_code_mr                  ? 
_pdbx_database_status.entry_id                        9NCM 
_pdbx_database_status.recvd_initial_deposition_date   2025-02-16 
_pdbx_database_status.SG_entry                        N 
_pdbx_database_status.deposit_site                    RCSB 
_pdbx_database_status.process_site                    RCSB 
_pdbx_database_status.status_code_cs                  ? 
_pdbx_database_status.status_code_nmr_data            ? 
_pdbx_database_status.methods_development_category    ? 
_pdbx_database_status.pdb_format_compatible           Y 
# 
_pdbx_contact_author.id                 2 
_pdbx_contact_author.email              rs17@nyu.edu 
_pdbx_contact_author.name_first         Ruojie 
_pdbx_contact_author.name_last          Sha 
_pdbx_contact_author.name_mi            ? 
_pdbx_contact_author.role               'principal investigator/group leader' 
_pdbx_contact_author.identifier_ORCID   0000-0002-0807-734X 
# 
loop_
_audit_author.name 
_audit_author.pdbx_ordinal 
_audit_author.identifier_ORCID 
'Horvath, A.'   1 0009-0008-5770-8014 
'Vecchioni, S.' 2 0000-0001-8243-650X 
'Woloszyn, K.'  3 0000-0003-1200-583X 
'Ohayon, Y.P.'  4 0000-0001-7500-4282 
'Sha, R.'       5 0000-0002-0807-734X 
# 
_citation.abstract                  ? 
_citation.abstract_id_CAS           ? 
_citation.book_id_ISBN              ? 
_citation.book_publisher            ? 
_citation.book_publisher_city       ? 
_citation.book_title                ? 
_citation.coordinate_linkage        ? 
_citation.country                   ? 
_citation.database_id_Medline       ? 
_citation.details                   ? 
_citation.id                        primary 
_citation.journal_abbrev            'To Be Published' 
_citation.journal_id_ASTM           ? 
_citation.journal_id_CSD            0353 
_citation.journal_id_ISSN           ? 
_citation.journal_full              ? 
_citation.journal_issue             ? 
_citation.journal_volume            ? 
_citation.language                  ? 
_citation.page_first                ? 
_citation.page_last                 ? 
_citation.title                     'Shifted tensegrity triangles' 
_citation.year                      ? 
_citation.database_id_CSD           ? 
_citation.pdbx_database_id_DOI      ? 
_citation.pdbx_database_id_PubMed   ? 
_citation.pdbx_database_id_patent   ? 
_citation.unpublished_flag          ? 
# 
loop_
_citation_author.citation_id 
_citation_author.name 
_citation_author.ordinal 
_citation_author.identifier_ORCID 
primary 'Horvath, A.'   1 0009-0008-5770-8014 
primary 'Vecchioni, S.' 2 0000-0001-8243-650X 
primary 'Woloszyn, K.'  3 0000-0003-1200-583X 
primary 'Ohayon, Y.P.'  4 0000-0001-7500-4282 
primary 'Sha, R.'       5 0000-0002-0807-734X 
# 
loop_
_entity.id 
_entity.type 
_entity.src_method 
_entity.pdbx_description 
_entity.formula_weight 
_entity.pdbx_number_of_molecules 
_entity.pdbx_ec 
_entity.pdbx_mutation 
_entity.pdbx_fragment 
_entity.details 
1 polymer syn 
;DNA (5'-D(*GP*CP*AP*CP*CP*TP*GP*T)-3')
;
2402.592 1 ? ? ? ? 
2 polymer syn 
;DNA (5'-D(P*AP*CP*AP*CP*CP*GP*T)-3')
;
2082.400 1 ? ? ? ? 
3 polymer syn 
;DNA (5'-D(*CP*TP*GP*CP*TP*AP*CP*TP*GP*TP*GP*GP*TP*G)-3')
;
4302.788 1 ? ? ? ? 
4 polymer syn 
;DNA (5'-D(P*AP*CP*GP*GP*AP*CP*AP*GP*TP*AP*GP*CP*A)-3')
;
4009.638 1 ? ? ? ? 
# 
loop_
_entity_poly.entity_id 
_entity_poly.type 
_entity_poly.nstd_linkage 
_entity_poly.nstd_monomer 
_entity_poly.pdbx_seq_one_letter_code 
_entity_poly.pdbx_seq_one_letter_code_can 
_entity_poly.pdbx_strand_id 
_entity_poly.pdbx_target_identifier 
1 polydeoxyribonucleotide no no '(DG)(DC)(DA)(DC)(DC)(DT)(DG)(DT)'                         GCACCTGT       A ? 
2 polydeoxyribonucleotide no no '(DA)(DC)(DA)(DC)(DC)(DG)(DT)'                             ACACCGT        B ? 
3 polydeoxyribonucleotide no no '(DC)(DT)(DG)(DC)(DT)(DA)(DC)(DT)(DG)(DT)(DG)(DG)(DT)(DG)' CTGCTACTGTGGTG C ? 
4 polydeoxyribonucleotide no no '(DA)(DC)(DG)(DG)(DA)(DC)(DA)(DG)(DT)(DA)(DG)(DC)(DA)'     ACGGACAGTAGCA  E ? 
# 
loop_
_entity_poly_seq.entity_id 
_entity_poly_seq.num 
_entity_poly_seq.mon_id 
_entity_poly_seq.hetero 
1 1  DG n 
1 2  DC n 
1 3  DA n 
1 4  DC n 
1 5  DC n 
1 6  DT n 
1 7  DG n 
1 8  DT n 
2 1  DA n 
2 2  DC n 
2 3  DA n 
2 4  DC n 
2 5  DC n 
2 6  DG n 
2 7  DT n 
3 1  DC n 
3 2  DT n 
3 3  DG n 
3 4  DC n 
3 5  DT n 
3 6  DA n 
3 7  DC n 
3 8  DT n 
3 9  DG n 
3 10 DT n 
3 11 DG n 
3 12 DG n 
3 13 DT n 
3 14 DG n 
4 1  DA n 
4 2  DC n 
4 3  DG n 
4 4  DG n 
4 5  DA n 
4 6  DC n 
4 7  DA n 
4 8  DG n 
4 9  DT n 
4 10 DA n 
4 11 DG n 
4 12 DC n 
4 13 DA n 
# 
loop_
_pdbx_entity_src_syn.entity_id 
_pdbx_entity_src_syn.pdbx_src_id 
_pdbx_entity_src_syn.pdbx_alt_source_flag 
_pdbx_entity_src_syn.pdbx_beg_seq_num 
_pdbx_entity_src_syn.pdbx_end_seq_num 
_pdbx_entity_src_syn.organism_scientific 
_pdbx_entity_src_syn.organism_common_name 
_pdbx_entity_src_syn.ncbi_taxonomy_id 
_pdbx_entity_src_syn.details 
1 1 sample 1 8  'synthetic construct' ? 32630 ? 
2 1 sample 1 7  'synthetic construct' ? 32630 ? 
3 1 sample 1 14 'synthetic construct' ? 32630 ? 
4 1 sample 1 13 'synthetic construct' ? 32630 ? 
# 
loop_
_chem_comp.id 
_chem_comp.type 
_chem_comp.mon_nstd_flag 
_chem_comp.name 
_chem_comp.pdbx_synonyms 
_chem_comp.formula 
_chem_comp.formula_weight 
DA 'DNA linking' y "2'-DEOXYADENOSINE-5'-MONOPHOSPHATE" ? 'C10 H14 N5 O6 P' 331.222 
DC 'DNA linking' y "2'-DEOXYCYTIDINE-5'-MONOPHOSPHATE"  ? 'C9 H14 N3 O7 P'  307.197 
DG 'DNA linking' y "2'-DEOXYGUANOSINE-5'-MONOPHOSPHATE" ? 'C10 H14 N5 O7 P' 347.221 
DT 'DNA linking' y "THYMIDINE-5'-MONOPHOSPHATE"         ? 'C10 H15 N2 O8 P' 322.208 
# 
loop_
_pdbx_poly_seq_scheme.asym_id 
_pdbx_poly_seq_scheme.entity_id 
_pdbx_poly_seq_scheme.seq_id 
_pdbx_poly_seq_scheme.mon_id 
_pdbx_poly_seq_scheme.ndb_seq_num 
_pdbx_poly_seq_scheme.pdb_seq_num 
_pdbx_poly_seq_scheme.auth_seq_num 
_pdbx_poly_seq_scheme.pdb_mon_id 
_pdbx_poly_seq_scheme.auth_mon_id 
_pdbx_poly_seq_scheme.pdb_strand_id 
_pdbx_poly_seq_scheme.pdb_ins_code 
_pdbx_poly_seq_scheme.hetero 
A 1 1  DG 1  4  4  DG DG A . n 
A 1 2  DC 2  5  5  DC DC A . n 
A 1 3  DA 3  6  6  DA DA A . n 
A 1 4  DC 4  7  7  DC DC A . n 
A 1 5  DC 5  8  8  DC DC A . n 
A 1 6  DT 6  9  9  DT DT A . n 
A 1 7  DG 7  10 10 DG DG A . n 
A 1 8  DT 8  11 11 DT DT A . n 
B 2 1  DA 1  5  5  DA DA B . n 
B 2 2  DC 2  6  6  DC DC B . n 
B 2 3  DA 3  7  7  DA DA B . n 
B 2 4  DC 4  8  8  DC DC B . n 
B 2 5  DC 5  9  9  DC DC B . n 
B 2 6  DG 6  10 10 DG DG B . n 
B 2 7  DT 7  11 11 DT DT B . n 
C 3 1  DC 1  -2 -2 DC DC C . n 
C 3 2  DT 2  -1 -1 DT DT C . n 
C 3 3  DG 3  0  0  DG DG C . n 
C 3 4  DC 4  1  1  DC DC C . n 
C 3 5  DT 5  2  2  DT DT C . n 
C 3 6  DA 6  3  3  DA DA C . n 
C 3 7  DC 7  4  4  DC DC C . n 
C 3 8  DT 8  5  5  DT DT C . n 
C 3 9  DG 9  6  6  DG DG C . n 
C 3 10 DT 10 7  7  DT DT C . n 
C 3 11 DG 11 8  8  DG DG C . n 
C 3 12 DG 12 9  9  DG DG C . n 
C 3 13 DT 13 10 10 DT DT C . n 
C 3 14 DG 14 11 11 DG DG C . n 
D 4 1  DA 1  12 12 DA DA E . n 
D 4 2  DC 2  13 13 DC DC E . n 
D 4 3  DG 3  14 14 DG DG E . n 
D 4 4  DG 4  15 15 DG DG E . n 
D 4 5  DA 5  16 16 DA DA E . n 
D 4 6  DC 6  17 17 DC DC E . n 
D 4 7  DA 7  18 18 DA DA E . n 
D 4 8  DG 8  19 19 DG DG E . n 
D 4 9  DT 9  20 20 DT DT E . n 
D 4 10 DA 10 21 21 DA DA E . n 
D 4 11 DG 11 22 22 DG DG E . n 
D 4 12 DC 12 23 23 DC DC E . n 
D 4 13 DA 13 24 24 DA DA E . n 
# 
loop_
_software.citation_id 
_software.classification 
_software.compiler_name 
_software.compiler_version 
_software.contact_author 
_software.contact_author_email 
_software.date 
_software.description 
_software.dependencies 
_software.hardware 
_software.language 
_software.location 
_software.mods 
_software.name 
_software.os 
_software.os_version 
_software.type 
_software.version 
_software.pdbx_ordinal 
? refinement       ? ? ? ? ? ? ? ? ? ? ? PHENIX    ? ? ? 1.20.1_4487 1 
? 'data reduction' ? ? ? ? ? ? ? ? ? ? ? autoPROC  ? ? ? .           2 
? 'data scaling'   ? ? ? ? ? ? ? ? ? ? ? STARANISO ? ? ? .           3 
? phasing          ? ? ? ? ? ? ? ? ? ? ? PHASER    ? ? ? .           4 
# 
_cell.angle_alpha                  90.000 
_cell.angle_alpha_esd              ? 
_cell.angle_beta                   90.000 
_cell.angle_beta_esd               ? 
_cell.angle_gamma                  120.000 
_cell.angle_gamma_esd              ? 
_cell.entry_id                     9NCM 
_cell.details                      ? 
_cell.formula_units_Z              ? 
_cell.length_a                     106.888 
_cell.length_a_esd                 ? 
_cell.length_b                     106.888 
_cell.length_b_esd                 ? 
_cell.length_c                     91.525 
_cell.length_c_esd                 ? 
_cell.volume                       905583.021 
_cell.volume_esd                   ? 
_cell.Z_PDB                        9 
_cell.reciprocal_angle_alpha       ? 
_cell.reciprocal_angle_beta        ? 
_cell.reciprocal_angle_gamma       ? 
_cell.reciprocal_angle_alpha_esd   ? 
_cell.reciprocal_angle_beta_esd    ? 
_cell.reciprocal_angle_gamma_esd   ? 
_cell.reciprocal_length_a          ? 
_cell.reciprocal_length_b          ? 
_cell.reciprocal_length_c          ? 
_cell.reciprocal_length_a_esd      ? 
_cell.reciprocal_length_b_esd      ? 
_cell.reciprocal_length_c_esd      ? 
_cell.pdbx_unique_axis             ? 
_cell.pdbx_esd_method              ? 
# 
_symmetry.entry_id                         9NCM 
_symmetry.cell_setting                     ? 
_symmetry.Int_Tables_number                146 
_symmetry.space_group_name_Hall            'H 3' 
_symmetry.space_group_name_H-M             'H 3' 
_symmetry.pdbx_full_space_group_name_H-M   ? 
# 
_exptl.absorpt_coefficient_mu     ? 
_exptl.absorpt_correction_T_max   ? 
_exptl.absorpt_correction_T_min   ? 
_exptl.absorpt_correction_type    ? 
_exptl.absorpt_process_details    ? 
_exptl.entry_id                   9NCM 
_exptl.crystals_number            1 
_exptl.details                    ? 
_exptl.method                     'X-RAY DIFFRACTION' 
_exptl.method_details             ? 
# 
_exptl_crystal.colour                       ? 
_exptl_crystal.density_diffrn               ? 
_exptl_crystal.density_Matthews             ? 
_exptl_crystal.density_method               ? 
_exptl_crystal.density_percent_sol          ? 
_exptl_crystal.description                  ? 
_exptl_crystal.F_000                        ? 
_exptl_crystal.id                           1 
_exptl_crystal.preparation                  ? 
_exptl_crystal.size_max                     ? 
_exptl_crystal.size_mid                     ? 
_exptl_crystal.size_min                     ? 
_exptl_crystal.size_rad                     ? 
_exptl_crystal.colour_lustre                ? 
_exptl_crystal.colour_modifier              ? 
_exptl_crystal.colour_primary               ? 
_exptl_crystal.density_meas                 ? 
_exptl_crystal.density_meas_esd             ? 
_exptl_crystal.density_meas_gt              ? 
_exptl_crystal.density_meas_lt              ? 
_exptl_crystal.density_meas_temp            ? 
_exptl_crystal.density_meas_temp_esd        ? 
_exptl_crystal.density_meas_temp_gt         ? 
_exptl_crystal.density_meas_temp_lt         ? 
_exptl_crystal.pdbx_crystal_image_url       ? 
_exptl_crystal.pdbx_crystal_image_format    ? 
_exptl_crystal.pdbx_mosaicity               ? 
_exptl_crystal.pdbx_mosaicity_esd           ? 
_exptl_crystal.pdbx_mosaic_method           ? 
_exptl_crystal.pdbx_mosaic_block_size       ? 
_exptl_crystal.pdbx_mosaic_block_size_esd   ? 
# 
_exptl_crystal_grow.apparatus       ? 
_exptl_crystal_grow.atmosphere      ? 
_exptl_crystal_grow.crystal_id      1 
_exptl_crystal_grow.details         ? 
_exptl_crystal_grow.method          'VAPOR DIFFUSION, HANGING DROP' 
_exptl_crystal_grow.method_ref      ? 
_exptl_crystal_grow.pH              ? 
_exptl_crystal_grow.pressure        ? 
_exptl_crystal_grow.pressure_esd    ? 
_exptl_crystal_grow.seeding         ? 
_exptl_crystal_grow.seeding_ref     ? 
_exptl_crystal_grow.temp_details    '338-293 at 0.4/hr' 
_exptl_crystal_grow.temp_esd        ? 
_exptl_crystal_grow.time            ? 
_exptl_crystal_grow.pdbx_details    '100 mM MOPS, 1.25 M magnesium sulfate' 
_exptl_crystal_grow.pdbx_pH_range   ? 
_exptl_crystal_grow.temp            293 
# 
_diffrn.ambient_environment              ? 
_diffrn.ambient_temp                     100 
_diffrn.ambient_temp_details             ? 
_diffrn.ambient_temp_esd                 ? 
_diffrn.crystal_id                       1 
_diffrn.crystal_support                  ? 
_diffrn.crystal_treatment                ? 
_diffrn.details                          ? 
_diffrn.id                               1 
_diffrn.ambient_pressure                 ? 
_diffrn.ambient_pressure_esd             ? 
_diffrn.ambient_pressure_gt              ? 
_diffrn.ambient_pressure_lt              ? 
_diffrn.ambient_temp_gt                  ? 
_diffrn.ambient_temp_lt                  ? 
_diffrn.pdbx_serial_crystal_experiment   N 
# 
_diffrn_detector.details                      ? 
_diffrn_detector.detector                     PIXEL 
_diffrn_detector.diffrn_id                    1 
_diffrn_detector.type                         'DECTRIS EIGER X 9M' 
_diffrn_detector.area_resol_mean              ? 
_diffrn_detector.dtime                        ? 
_diffrn_detector.pdbx_frames_total            ? 
_diffrn_detector.pdbx_collection_time_total   ? 
_diffrn_detector.pdbx_collection_date         2022-10-16 
_diffrn_detector.pdbx_frequency               ? 
_diffrn_detector.id                           ? 
_diffrn_detector.number_of_axes               ? 
# 
_diffrn_radiation.collimation                      ? 
_diffrn_radiation.diffrn_id                        1 
_diffrn_radiation.filter_edge                      ? 
_diffrn_radiation.inhomogeneity                    ? 
_diffrn_radiation.monochromator                    ? 
_diffrn_radiation.polarisn_norm                    ? 
_diffrn_radiation.polarisn_ratio                   ? 
_diffrn_radiation.probe                            ? 
_diffrn_radiation.type                             ? 
_diffrn_radiation.xray_symbol                      ? 
_diffrn_radiation.wavelength_id                    1 
_diffrn_radiation.pdbx_monochromatic_or_laue_m_l   M 
_diffrn_radiation.pdbx_wavelength_list             ? 
_diffrn_radiation.pdbx_wavelength                  ? 
_diffrn_radiation.pdbx_diffrn_protocol             'SINGLE WAVELENGTH' 
_diffrn_radiation.pdbx_analyzer                    ? 
_diffrn_radiation.pdbx_scattering_type             x-ray 
# 
_diffrn_radiation_wavelength.id           1 
_diffrn_radiation_wavelength.wavelength   1.000010 
_diffrn_radiation_wavelength.wt           1.0 
# 
_diffrn_source.current                     ? 
_diffrn_source.details                     ? 
_diffrn_source.diffrn_id                   1 
_diffrn_source.power                       ? 
_diffrn_source.size                        ? 
_diffrn_source.source                      SYNCHROTRON 
_diffrn_source.target                      ? 
_diffrn_source.type                        'APS BEAMLINE 17-ID' 
_diffrn_source.voltage                     ? 
_diffrn_source.take-off_angle              ? 
_diffrn_source.pdbx_wavelength_list        1.000010 
_diffrn_source.pdbx_wavelength             ? 
_diffrn_source.pdbx_synchrotron_beamline   17-ID 
_diffrn_source.pdbx_synchrotron_site       APS 
# 
_reflns.B_iso_Wilson_estimate                          295.80 
_reflns.entry_id                                       9NCM 
_reflns.data_reduction_details                         ? 
_reflns.data_reduction_method                          ? 
_reflns.d_resolution_high                              4.147 
_reflns.d_resolution_low                               65.083 
_reflns.details                                        ? 
_reflns.limit_h_max                                    ? 
_reflns.limit_h_min                                    ? 
_reflns.limit_k_max                                    ? 
_reflns.limit_k_min                                    ? 
_reflns.limit_l_max                                    ? 
_reflns.limit_l_min                                    ? 
_reflns.number_all                                     ? 
_reflns.number_obs                                     2125 
_reflns.observed_criterion                             ? 
_reflns.observed_criterion_F_max                       ? 
_reflns.observed_criterion_F_min                       ? 
_reflns.observed_criterion_I_max                       ? 
_reflns.observed_criterion_I_min                       ? 
_reflns.observed_criterion_sigma_F                     ? 
_reflns.observed_criterion_sigma_I                     ? 
_reflns.percent_possible_obs                           87.7 
_reflns.R_free_details                                 ? 
_reflns.Rmerge_F_all                                   ? 
_reflns.Rmerge_F_obs                                   ? 
_reflns.Friedel_coverage                               ? 
_reflns.number_gt                                      ? 
_reflns.threshold_expression                           ? 
_reflns.pdbx_redundancy                                10.7 
_reflns.pdbx_netI_over_av_sigmaI                       ? 
_reflns.pdbx_netI_over_sigmaI                          16.8 
_reflns.pdbx_res_netI_over_av_sigmaI_2                 ? 
_reflns.pdbx_res_netI_over_sigmaI_2                    ? 
_reflns.pdbx_chi_squared                               ? 
_reflns.pdbx_scaling_rejects                           ? 
_reflns.pdbx_d_res_high_opt                            ? 
_reflns.pdbx_d_res_low_opt                             ? 
_reflns.pdbx_d_res_opt_method                          ? 
_reflns.phase_calculation_details                      ? 
_reflns.pdbx_Rrim_I_all                                ? 
_reflns.pdbx_Rpim_I_all                                ? 
_reflns.pdbx_d_opt                                     ? 
_reflns.pdbx_number_measured_all                       ? 
_reflns.pdbx_diffrn_id                                 1 
_reflns.pdbx_ordinal                                   1 
_reflns.pdbx_CC_half                                   1.000 
_reflns.pdbx_CC_star                                   ? 
_reflns.pdbx_R_split                                   ? 
_reflns.pdbx_Rmerge_I_obs                              ? 
_reflns.pdbx_Rmerge_I_all                              ? 
_reflns.pdbx_Rsym_value                                ? 
_reflns.pdbx_CC_split_method                           ? 
_reflns.pdbx_aniso_diffraction_limit_axis_1_ortho[1]   ? 
_reflns.pdbx_aniso_diffraction_limit_axis_1_ortho[2]   ? 
_reflns.pdbx_aniso_diffraction_limit_axis_1_ortho[3]   ? 
_reflns.pdbx_aniso_diffraction_limit_axis_2_ortho[1]   ? 
_reflns.pdbx_aniso_diffraction_limit_axis_2_ortho[2]   ? 
_reflns.pdbx_aniso_diffraction_limit_axis_2_ortho[3]   ? 
_reflns.pdbx_aniso_diffraction_limit_axis_3_ortho[1]   ? 
_reflns.pdbx_aniso_diffraction_limit_axis_3_ortho[2]   ? 
_reflns.pdbx_aniso_diffraction_limit_axis_3_ortho[3]   ? 
_reflns.pdbx_aniso_diffraction_limit_1                 ? 
_reflns.pdbx_aniso_diffraction_limit_2                 ? 
_reflns.pdbx_aniso_diffraction_limit_3                 ? 
_reflns.pdbx_aniso_B_tensor_eigenvector_1_ortho[1]     ? 
_reflns.pdbx_aniso_B_tensor_eigenvector_1_ortho[2]     ? 
_reflns.pdbx_aniso_B_tensor_eigenvector_1_ortho[3]     ? 
_reflns.pdbx_aniso_B_tensor_eigenvector_2_ortho[1]     ? 
_reflns.pdbx_aniso_B_tensor_eigenvector_2_ortho[2]     ? 
_reflns.pdbx_aniso_B_tensor_eigenvector_2_ortho[3]     ? 
_reflns.pdbx_aniso_B_tensor_eigenvector_3_ortho[1]     ? 
_reflns.pdbx_aniso_B_tensor_eigenvector_3_ortho[2]     ? 
_reflns.pdbx_aniso_B_tensor_eigenvector_3_ortho[3]     ? 
_reflns.pdbx_aniso_B_tensor_eigenvalue_1               ? 
_reflns.pdbx_aniso_B_tensor_eigenvalue_2               ? 
_reflns.pdbx_aniso_B_tensor_eigenvalue_3               ? 
_reflns.pdbx_orthogonalization_convention              ? 
_reflns.pdbx_percent_possible_ellipsoidal              ? 
_reflns.pdbx_percent_possible_spherical                ? 
_reflns.pdbx_percent_possible_ellipsoidal_anomalous    ? 
_reflns.pdbx_percent_possible_spherical_anomalous      ? 
_reflns.pdbx_redundancy_anomalous                      ? 
_reflns.pdbx_CC_half_anomalous                         ? 
_reflns.pdbx_absDiff_over_sigma_anomalous              ? 
_reflns.pdbx_percent_possible_anomalous                ? 
_reflns.pdbx_observed_signal_threshold                 ? 
_reflns.pdbx_signal_type                               ? 
_reflns.pdbx_signal_details                            ? 
_reflns.pdbx_signal_software_id                        ? 
# 
loop_
_reflns_shell.d_res_high 
_reflns_shell.d_res_low 
_reflns_shell.meanI_over_sigI_all 
_reflns_shell.meanI_over_sigI_obs 
_reflns_shell.number_measured_all 
_reflns_shell.number_measured_obs 
_reflns_shell.number_possible 
_reflns_shell.number_unique_all 
_reflns_shell.number_unique_obs 
_reflns_shell.percent_possible_obs 
_reflns_shell.Rmerge_F_all 
_reflns_shell.Rmerge_F_obs 
_reflns_shell.meanI_over_sigI_gt 
_reflns_shell.meanI_over_uI_all 
_reflns_shell.meanI_over_uI_gt 
_reflns_shell.number_measured_gt 
_reflns_shell.number_unique_gt 
_reflns_shell.percent_possible_gt 
_reflns_shell.Rmerge_F_gt 
_reflns_shell.Rmerge_I_gt 
_reflns_shell.pdbx_redundancy 
_reflns_shell.pdbx_chi_squared 
_reflns_shell.pdbx_netI_over_sigmaI_all 
_reflns_shell.pdbx_netI_over_sigmaI_obs 
_reflns_shell.pdbx_Rrim_I_all 
_reflns_shell.pdbx_Rpim_I_all 
_reflns_shell.pdbx_rejects 
_reflns_shell.pdbx_ordinal 
_reflns_shell.pdbx_diffrn_id 
_reflns_shell.pdbx_CC_half 
_reflns_shell.pdbx_CC_star 
_reflns_shell.pdbx_R_split 
_reflns_shell.percent_possible_all 
_reflns_shell.Rmerge_I_all 
_reflns_shell.Rmerge_I_obs 
_reflns_shell.pdbx_Rsym_value 
_reflns_shell.pdbx_percent_possible_ellipsoidal 
_reflns_shell.pdbx_percent_possible_spherical 
_reflns_shell.pdbx_percent_possible_ellipsoidal_anomalous 
_reflns_shell.pdbx_percent_possible_spherical_anomalous 
_reflns_shell.pdbx_redundancy_anomalous 
_reflns_shell.pdbx_CC_half_anomalous 
_reflns_shell.pdbx_absDiff_over_sigma_anomalous 
_reflns_shell.pdbx_percent_possible_anomalous 
4.147  4.549  ? ? ? ? ? ? 191 ? ? ? ? ? ? ? ? ? ? ? ? ? ? ? ? ? ? 1 1 0.287 ? ? ? ? ? ? ? ? ? ? ? ? ? ? 
10.343 65.083 ? ? ? ? ? ? 194 ? ? ? ? ? ? ? ? ? ? ? ? ? ? ? ? ? ? 2 1 1.000 ? ? ? ? ? ? ? ? ? ? ? ? ? ? 
# 
_refine.aniso_B[1][1]                            ? 
_refine.aniso_B[1][2]                            ? 
_refine.aniso_B[1][3]                            ? 
_refine.aniso_B[2][2]                            ? 
_refine.aniso_B[2][3]                            ? 
_refine.aniso_B[3][3]                            ? 
_refine.B_iso_max                                ? 
_refine.B_iso_mean                               296.18 
_refine.B_iso_min                                ? 
_refine.correlation_coeff_Fo_to_Fc               ? 
_refine.correlation_coeff_Fo_to_Fc_free          ? 
_refine.details                                  ? 
_refine.diff_density_max                         ? 
_refine.diff_density_max_esd                     ? 
_refine.diff_density_min                         ? 
_refine.diff_density_min_esd                     ? 
_refine.diff_density_rms                         ? 
_refine.diff_density_rms_esd                     ? 
_refine.entry_id                                 9NCM 
_refine.pdbx_refine_id                           'X-RAY DIFFRACTION' 
_refine.ls_abs_structure_details                 ? 
_refine.ls_abs_structure_Flack                   ? 
_refine.ls_abs_structure_Flack_esd               ? 
_refine.ls_abs_structure_Rogers                  ? 
_refine.ls_abs_structure_Rogers_esd              ? 
_refine.ls_d_res_high                            4.15 
_refine.ls_d_res_low                             32.68 
_refine.ls_extinction_coef                       ? 
_refine.ls_extinction_coef_esd                   ? 
_refine.ls_extinction_expression                 ? 
_refine.ls_extinction_method                     ? 
_refine.ls_goodness_of_fit_all                   ? 
_refine.ls_goodness_of_fit_all_esd               ? 
_refine.ls_goodness_of_fit_obs                   ? 
_refine.ls_goodness_of_fit_obs_esd               ? 
_refine.ls_hydrogen_treatment                    ? 
_refine.ls_matrix_type                           ? 
_refine.ls_number_constraints                    ? 
_refine.ls_number_parameters                     ? 
_refine.ls_number_reflns_all                     ? 
_refine.ls_number_reflns_obs                     2062 
_refine.ls_number_reflns_R_free                  92 
_refine.ls_number_reflns_R_work                  1970 
_refine.ls_number_restraints                     ? 
_refine.ls_percent_reflns_obs                    70.02 
_refine.ls_percent_reflns_R_free                 4.46 
_refine.ls_R_factor_all                          ? 
_refine.ls_R_factor_obs                          0.1883 
_refine.ls_R_factor_R_free                       0.1970 
_refine.ls_R_factor_R_free_error                 ? 
_refine.ls_R_factor_R_free_error_details         ? 
_refine.ls_R_factor_R_work                       0.1875 
_refine.ls_R_Fsqd_factor_obs                     ? 
_refine.ls_R_I_factor_obs                        ? 
_refine.ls_redundancy_reflns_all                 ? 
_refine.ls_redundancy_reflns_obs                 ? 
_refine.ls_restrained_S_all                      ? 
_refine.ls_restrained_S_obs                      ? 
_refine.ls_shift_over_esd_max                    ? 
_refine.ls_shift_over_esd_mean                   ? 
_refine.ls_structure_factor_coef                 ? 
_refine.ls_weighting_details                     ? 
_refine.ls_weighting_scheme                      ? 
_refine.ls_wR_factor_all                         ? 
_refine.ls_wR_factor_obs                         ? 
_refine.ls_wR_factor_R_free                      ? 
_refine.ls_wR_factor_R_work                      ? 
_refine.occupancy_max                            ? 
_refine.occupancy_min                            ? 
_refine.solvent_model_details                    'FLAT BULK SOLVENT MODEL' 
_refine.solvent_model_param_bsol                 ? 
_refine.solvent_model_param_ksol                 ? 
_refine.correlation_coeff_I_to_Fcsqd_work        ? 
_refine.correlation_coeff_I_to_Fcsqd_free        ? 
_refine.pdbx_R_complete                          ? 
_refine.ls_R_factor_gt                           ? 
_refine.ls_goodness_of_fit_gt                    ? 
_refine.ls_goodness_of_fit_ref                   ? 
_refine.ls_shift_over_su_max                     ? 
_refine.ls_shift_over_su_max_lt                  ? 
_refine.ls_shift_over_su_mean                    ? 
_refine.ls_shift_over_su_mean_lt                 ? 
_refine.pdbx_ls_sigma_I                          ? 
_refine.pdbx_ls_sigma_F                          1.96 
_refine.pdbx_ls_sigma_Fsqd                       ? 
_refine.pdbx_data_cutoff_high_absF               ? 
_refine.pdbx_data_cutoff_high_rms_absF           ? 
_refine.pdbx_data_cutoff_low_absF                ? 
_refine.pdbx_isotropic_thermal_model             ? 
_refine.pdbx_ls_cross_valid_method               'FREE R-VALUE' 
_refine.pdbx_method_to_determine_struct          'MOLECULAR REPLACEMENT' 
_refine.pdbx_starting_model                      ? 
_refine.pdbx_stereochemistry_target_values       'GeoStd + Monomer Library + CDL v1.2' 
_refine.pdbx_R_Free_selection_details            ? 
_refine.pdbx_stereochem_target_val_spec_case     ? 
_refine.pdbx_overall_ESU_R                       ? 
_refine.pdbx_overall_ESU_R_Free                  ? 
_refine.pdbx_solvent_vdw_probe_radii             1.1000 
_refine.pdbx_solvent_ion_probe_radii             ? 
_refine.pdbx_solvent_shrinkage_radii             0.9000 
_refine.pdbx_real_space_R                        ? 
_refine.pdbx_density_correlation                 ? 
_refine.pdbx_pd_number_of_powder_patterns        ? 
_refine.pdbx_pd_number_of_points                 ? 
_refine.pdbx_pd_meas_number_of_points            ? 
_refine.pdbx_pd_proc_ls_prof_R_factor            ? 
_refine.pdbx_pd_proc_ls_prof_wR_factor           ? 
_refine.pdbx_pd_Marquardt_correlation_coeff      ? 
_refine.pdbx_pd_Fsqrd_R_factor                   ? 
_refine.pdbx_pd_ls_matrix_band_width             ? 
_refine.pdbx_overall_phase_error                 37.0523 
_refine.pdbx_overall_SU_R_free_Cruickshank_DPI   ? 
_refine.pdbx_overall_SU_R_free_Blow_DPI          ? 
_refine.pdbx_overall_SU_R_Blow_DPI               ? 
_refine.pdbx_TLS_residual_ADP_flag               ? 
_refine.pdbx_diffrn_id                           1 
_refine.overall_SU_B                             ? 
_refine.overall_SU_ML                            -0.0000 
_refine.overall_SU_R_Cruickshank_DPI             ? 
_refine.overall_SU_R_free                        ? 
_refine.overall_FOM_free_R_set                   ? 
_refine.overall_FOM_work_R_set                   ? 
_refine.pdbx_average_fsc_overall                 ? 
_refine.pdbx_average_fsc_work                    ? 
_refine.pdbx_average_fsc_free                    ? 
# 
_refine_hist.pdbx_refine_id                   'X-RAY DIFFRACTION' 
_refine_hist.cycle_id                         LAST 
_refine_hist.details                          ? 
_refine_hist.d_res_high                       4.15 
_refine_hist.d_res_low                        32.68 
_refine_hist.number_atoms_solvent             0 
_refine_hist.number_atoms_total               855 
_refine_hist.number_reflns_all                ? 
_refine_hist.number_reflns_obs                ? 
_refine_hist.number_reflns_R_free             ? 
_refine_hist.number_reflns_R_work             ? 
_refine_hist.R_factor_all                     ? 
_refine_hist.R_factor_obs                     ? 
_refine_hist.R_factor_R_free                  ? 
_refine_hist.R_factor_R_work                  ? 
_refine_hist.pdbx_number_residues_total       ? 
_refine_hist.pdbx_B_iso_mean_ligand           ? 
_refine_hist.pdbx_B_iso_mean_solvent          ? 
_refine_hist.pdbx_number_atoms_protein        0 
_refine_hist.pdbx_number_atoms_nucleic_acid   855 
_refine_hist.pdbx_number_atoms_ligand         0 
_refine_hist.pdbx_number_atoms_lipid          ? 
_refine_hist.pdbx_number_atoms_carb           ? 
_refine_hist.pdbx_pseudo_atom_details         ? 
# 
loop_
_refine_ls_restr.pdbx_refine_id 
_refine_ls_restr.criterion 
_refine_ls_restr.dev_ideal 
_refine_ls_restr.dev_ideal_target 
_refine_ls_restr.number 
_refine_ls_restr.rejects 
_refine_ls_restr.type 
_refine_ls_restr.weight 
_refine_ls_restr.pdbx_restraint_function 
'X-RAY DIFFRACTION' ? 0.0057  ? 956  ? f_bond_d           ? ? 
'X-RAY DIFFRACTION' ? 0.7846  ? 1467 ? f_angle_d          ? ? 
'X-RAY DIFFRACTION' ? 0.0415  ? 166  ? f_chiral_restr     ? ? 
'X-RAY DIFFRACTION' ? 0.0035  ? 42   ? f_plane_restr      ? ? 
'X-RAY DIFFRACTION' ? 39.7367 ? 406  ? f_dihedral_angle_d ? ? 
# 
_refine_ls_shell.pdbx_refine_id                      'X-RAY DIFFRACTION' 
_refine_ls_shell.d_res_high                          4.15 
_refine_ls_shell.d_res_low                           32.68 
_refine_ls_shell.number_reflns_all                   ? 
_refine_ls_shell.number_reflns_obs                   ? 
_refine_ls_shell.number_reflns_R_free                92 
_refine_ls_shell.number_reflns_R_work                1970 
_refine_ls_shell.percent_reflns_obs                  70.02 
_refine_ls_shell.percent_reflns_R_free               ? 
_refine_ls_shell.R_factor_all                        ? 
_refine_ls_shell.R_factor_obs                        ? 
_refine_ls_shell.R_factor_R_free_error               ? 
_refine_ls_shell.R_factor_R_work                     0.1875 
_refine_ls_shell.redundancy_reflns_all               ? 
_refine_ls_shell.redundancy_reflns_obs               ? 
_refine_ls_shell.wR_factor_all                       ? 
_refine_ls_shell.wR_factor_obs                       ? 
_refine_ls_shell.wR_factor_R_free                    ? 
_refine_ls_shell.wR_factor_R_work                    ? 
_refine_ls_shell.pdbx_R_complete                     ? 
_refine_ls_shell.correlation_coeff_Fo_to_Fc          ? 
_refine_ls_shell.correlation_coeff_Fo_to_Fc_free     ? 
_refine_ls_shell.correlation_coeff_I_to_Fcsqd_work   ? 
_refine_ls_shell.correlation_coeff_I_to_Fcsqd_free   ? 
_refine_ls_shell.pdbx_total_number_of_bins_used      ? 
_refine_ls_shell.pdbx_phase_error                    ? 
_refine_ls_shell.pdbx_fsc_work                       ? 
_refine_ls_shell.pdbx_fsc_free                       ? 
_refine_ls_shell.R_factor_R_free                     0.1970 
# 
_struct.entry_id                     9NCM 
_struct.title                        
'[4,7,9-1] Shifted tensegrity triangle with an (arm,center,arm) distribution of (4,7,9) base pairs and 1 nt sticky ends' 
_struct.pdbx_model_details           ? 
_struct.pdbx_formula_weight          ? 
_struct.pdbx_formula_weight_method   ? 
_struct.pdbx_model_type_details      ? 
_struct.pdbx_CASP_flag               N 
# 
_struct_keywords.entry_id        9NCM 
_struct_keywords.text            'tensegrity triangle, DNA' 
_struct_keywords.pdbx_keywords   DNA 
# 
loop_
_struct_asym.id 
_struct_asym.pdbx_blank_PDB_chainid_flag 
_struct_asym.pdbx_modified 
_struct_asym.entity_id 
_struct_asym.details 
A N N 1 ? 
B N N 2 ? 
C N N 3 ? 
D N N 4 ? 
# 
loop_
_struct_ref.id 
_struct_ref.db_name 
_struct_ref.db_code 
_struct_ref.pdbx_db_accession 
_struct_ref.pdbx_db_isoform 
_struct_ref.entity_id 
_struct_ref.pdbx_seq_one_letter_code 
_struct_ref.pdbx_align_begin 
1 PDB 9NCM 9NCM ? 1 ? 1 
2 PDB 9NCM 9NCM ? 2 ? 1 
3 PDB 9NCM 9NCM ? 3 ? 1 
4 PDB 9NCM 9NCM ? 4 ? 1 
# 
loop_
_struct_ref_seq.align_id 
_struct_ref_seq.ref_id 
_struct_ref_seq.pdbx_PDB_id_code 
_struct_ref_seq.pdbx_strand_id 
_struct_ref_seq.seq_align_beg 
_struct_ref_seq.pdbx_seq_align_beg_ins_code 
_struct_ref_seq.seq_align_end 
_struct_ref_seq.pdbx_seq_align_end_ins_code 
_struct_ref_seq.pdbx_db_accession 
_struct_ref_seq.db_align_beg 
_struct_ref_seq.pdbx_db_align_beg_ins_code 
_struct_ref_seq.db_align_end 
_struct_ref_seq.pdbx_db_align_end_ins_code 
_struct_ref_seq.pdbx_auth_seq_align_beg 
_struct_ref_seq.pdbx_auth_seq_align_end 
1 1 9NCM A 1 ? 8  ? 9NCM 4  ? 11 ? 4  11 
2 2 9NCM B 1 ? 7  ? 9NCM 5  ? 11 ? 5  11 
3 3 9NCM C 1 ? 14 ? 9NCM -2 ? 11 ? -2 11 
4 4 9NCM E 1 ? 13 ? 9NCM 12 ? 24 ? 12 24 
# 
_pdbx_struct_assembly.id                   1 
_pdbx_struct_assembly.details              author_defined_assembly 
_pdbx_struct_assembly.method_details       ? 
_pdbx_struct_assembly.oligomeric_details   dodecameric 
_pdbx_struct_assembly.oligomeric_count     12 
# 
loop_
_pdbx_struct_assembly_gen.assembly_id 
_pdbx_struct_assembly_gen.oper_expression 
_pdbx_struct_assembly_gen.asym_id_list 
1 1 A,B,C,D 
1 2 A,B,C,D 
1 3 A,B,C,D 
# 
_pdbx_struct_assembly_auth_evidence.id                     1 
_pdbx_struct_assembly_auth_evidence.assembly_id            1 
_pdbx_struct_assembly_auth_evidence.experimental_support   'native gel electrophoresis' 
_pdbx_struct_assembly_auth_evidence.details                ? 
# 
loop_
_pdbx_struct_oper_list.id 
_pdbx_struct_oper_list.type 
_pdbx_struct_oper_list.name 
_pdbx_struct_oper_list.symmetry_operation 
_pdbx_struct_oper_list.matrix[1][1] 
_pdbx_struct_oper_list.matrix[1][2] 
_pdbx_struct_oper_list.matrix[1][3] 
_pdbx_struct_oper_list.vector[1] 
_pdbx_struct_oper_list.matrix[2][1] 
_pdbx_struct_oper_list.matrix[2][2] 
_pdbx_struct_oper_list.matrix[2][3] 
_pdbx_struct_oper_list.vector[2] 
_pdbx_struct_oper_list.matrix[3][1] 
_pdbx_struct_oper_list.matrix[3][2] 
_pdbx_struct_oper_list.matrix[3][3] 
_pdbx_struct_oper_list.vector[3] 
1 'identity operation'         1_555 x,y,z        1.0000000000  0.0000000000 0.0000000000  0.0000000000   0.0000000000 1.0000000000 0.0000000000  0.0000000000  0.0000000000  0.0000000000  1.0000000000  0.0000000000  
2 'crystal symmetry operation' 2_445 -y-1,x-y-1,z -0.3922789650 0.6666796117 0.6337629754  -31.2508949984 0.0537111107 0.7044137734 -0.7077544436 14.9016769805 -0.9182768266 -0.2435970673 -0.3121348084 14.0670562127 
3 'crystal symmetry operation' 3_545 -x+y,-x-1,z  -0.3922789650 0.0537111107 -0.9182768266 -0.1420026303  0.6666796117 0.7044137734 -0.2435970673 13.7640816692 0.6337629754  -0.7077544436 -0.3121348084 34.7432061922 
# 
loop_
_struct_conn.id 
_struct_conn.conn_type_id 
_struct_conn.pdbx_leaving_atom_flag 
_struct_conn.pdbx_PDB_id 
_struct_conn.ptnr1_label_asym_id 
_struct_conn.ptnr1_label_comp_id 
_struct_conn.ptnr1_label_seq_id 
_struct_conn.ptnr1_label_atom_id 
_struct_conn.pdbx_ptnr1_label_alt_id 
_struct_conn.pdbx_ptnr1_PDB_ins_code 
_struct_conn.pdbx_ptnr1_standard_comp_id 
_struct_conn.ptnr1_symmetry 
_struct_conn.ptnr2_label_asym_id 
_struct_conn.ptnr2_label_comp_id 
_struct_conn.ptnr2_label_seq_id 
_struct_conn.ptnr2_label_atom_id 
_struct_conn.pdbx_ptnr2_label_alt_id 
_struct_conn.pdbx_ptnr2_PDB_ins_code 
_struct_conn.ptnr1_auth_asym_id 
_struct_conn.ptnr1_auth_comp_id 
_struct_conn.ptnr1_auth_seq_id 
_struct_conn.ptnr2_auth_asym_id 
_struct_conn.ptnr2_auth_comp_id 
_struct_conn.ptnr2_auth_seq_id 
_struct_conn.ptnr2_symmetry 
_struct_conn.pdbx_ptnr3_label_atom_id 
_struct_conn.pdbx_ptnr3_label_seq_id 
_struct_conn.pdbx_ptnr3_label_comp_id 
_struct_conn.pdbx_ptnr3_label_asym_id 
_struct_conn.pdbx_ptnr3_label_alt_id 
_struct_conn.pdbx_ptnr3_PDB_ins_code 
_struct_conn.details 
_struct_conn.pdbx_dist_value 
_struct_conn.pdbx_value_order 
_struct_conn.pdbx_role 
hydrog1  hydrog ? ? A DA 3  N1 ? ? ? 1_555 C DT 13 N3 ? ? A DA 6  C DT 10 1_555 ? ? ? ? ? ? WATSON-CRICK ? ? ? 
hydrog2  hydrog ? ? A DA 3  N6 ? ? ? 1_555 C DT 13 O4 ? ? A DA 6  C DT 10 1_555 ? ? ? ? ? ? WATSON-CRICK ? ? ? 
hydrog3  hydrog ? ? A DC 4  N3 ? ? ? 1_555 C DG 12 N1 ? ? A DC 7  C DG 9  1_555 ? ? ? ? ? ? WATSON-CRICK ? ? ? 
hydrog4  hydrog ? ? A DC 4  N4 ? ? ? 1_555 C DG 12 O6 ? ? A DC 7  C DG 9  1_555 ? ? ? ? ? ? WATSON-CRICK ? ? ? 
hydrog5  hydrog ? ? A DC 4  O2 ? ? ? 1_555 C DG 12 N2 ? ? A DC 7  C DG 9  1_555 ? ? ? ? ? ? WATSON-CRICK ? ? ? 
hydrog6  hydrog ? ? A DC 5  N3 ? ? ? 1_555 C DG 11 N1 ? ? A DC 8  C DG 8  1_555 ? ? ? ? ? ? WATSON-CRICK ? ? ? 
hydrog7  hydrog ? ? A DC 5  N4 ? ? ? 1_555 C DG 11 O6 ? ? A DC 8  C DG 8  1_555 ? ? ? ? ? ? WATSON-CRICK ? ? ? 
hydrog8  hydrog ? ? A DC 5  O2 ? ? ? 1_555 C DG 11 N2 ? ? A DC 8  C DG 8  1_555 ? ? ? ? ? ? WATSON-CRICK ? ? ? 
hydrog9  hydrog ? ? A DT 6  N3 ? ? ? 1_555 B DA 3  N1 ? ? A DT 9  B DA 7  1_555 ? ? ? ? ? ? WATSON-CRICK ? ? ? 
hydrog10 hydrog ? ? A DT 6  O4 ? ? ? 1_555 B DA 3  N6 ? ? A DT 9  B DA 7  1_555 ? ? ? ? ? ? WATSON-CRICK ? ? ? 
hydrog11 hydrog ? ? A DG 7  N1 ? ? ? 1_555 B DC 2  N3 ? ? A DG 10 B DC 6  1_555 ? ? ? ? ? ? WATSON-CRICK ? ? ? 
hydrog12 hydrog ? ? A DG 7  N2 ? ? ? 1_555 B DC 2  O2 ? ? A DG 10 B DC 6  1_555 ? ? ? ? ? ? WATSON-CRICK ? ? ? 
hydrog13 hydrog ? ? A DG 7  O6 ? ? ? 1_555 B DC 2  N4 ? ? A DG 10 B DC 6  1_555 ? ? ? ? ? ? WATSON-CRICK ? ? ? 
hydrog14 hydrog ? ? A DT 8  N3 ? ? ? 1_555 B DA 1  N1 ? ? A DT 11 B DA 5  1_555 ? ? ? ? ? ? WATSON-CRICK ? ? ? 
hydrog15 hydrog ? ? A DT 8  O4 ? ? ? 1_555 B DA 1  N6 ? ? A DT 11 B DA 5  1_555 ? ? ? ? ? ? WATSON-CRICK ? ? ? 
hydrog16 hydrog ? ? B DC 4  N3 ? ? ? 1_555 D DG 4  N1 ? ? B DC 8  E DG 15 1_555 ? ? ? ? ? ? WATSON-CRICK ? ? ? 
hydrog17 hydrog ? ? B DC 4  N4 ? ? ? 1_555 D DG 4  O6 ? ? B DC 8  E DG 15 1_555 ? ? ? ? ? ? WATSON-CRICK ? ? ? 
hydrog18 hydrog ? ? B DC 4  O2 ? ? ? 1_555 D DG 4  N2 ? ? B DC 8  E DG 15 1_555 ? ? ? ? ? ? WATSON-CRICK ? ? ? 
hydrog19 hydrog ? ? B DC 5  N3 ? ? ? 1_555 D DG 3  N1 ? ? B DC 9  E DG 14 1_555 ? ? ? ? ? ? WATSON-CRICK ? ? ? 
hydrog20 hydrog ? ? B DC 5  N4 ? ? ? 1_555 D DG 3  O6 ? ? B DC 9  E DG 14 1_555 ? ? ? ? ? ? WATSON-CRICK ? ? ? 
hydrog21 hydrog ? ? B DC 5  O2 ? ? ? 1_555 D DG 3  N2 ? ? B DC 9  E DG 14 1_555 ? ? ? ? ? ? WATSON-CRICK ? ? ? 
hydrog22 hydrog ? ? B DG 6  N1 ? ? ? 1_555 D DC 2  N3 ? ? B DG 10 E DC 13 1_555 ? ? ? ? ? ? WATSON-CRICK ? ? ? 
hydrog23 hydrog ? ? B DG 6  N2 ? ? ? 1_555 D DC 2  O2 ? ? B DG 10 E DC 13 1_555 ? ? ? ? ? ? WATSON-CRICK ? ? ? 
hydrog24 hydrog ? ? B DG 6  O6 ? ? ? 1_555 D DC 2  N4 ? ? B DG 10 E DC 13 1_555 ? ? ? ? ? ? WATSON-CRICK ? ? ? 
hydrog25 hydrog ? ? B DT 7  N3 ? ? ? 1_555 D DA 1  N1 ? ? B DT 11 E DA 12 1_555 ? ? ? ? ? ? WATSON-CRICK ? ? ? 
hydrog26 hydrog ? ? B DT 7  O4 ? ? ? 1_555 D DA 1  N6 ? ? B DT 11 E DA 12 1_555 ? ? ? ? ? ? WATSON-CRICK ? ? ? 
hydrog27 hydrog ? ? C DG 3  N1 ? ? ? 1_555 D DC 12 N3 ? ? C DG 0  E DC 23 1_555 ? ? ? ? ? ? WATSON-CRICK ? ? ? 
hydrog28 hydrog ? ? C DG 3  N2 ? ? ? 1_555 D DC 12 O2 ? ? C DG 0  E DC 23 1_555 ? ? ? ? ? ? WATSON-CRICK ? ? ? 
hydrog29 hydrog ? ? C DG 3  O6 ? ? ? 1_555 D DC 12 N4 ? ? C DG 0  E DC 23 1_555 ? ? ? ? ? ? WATSON-CRICK ? ? ? 
hydrog30 hydrog ? ? C DC 4  N3 ? ? ? 1_555 D DG 11 N1 ? ? C DC 1  E DG 22 1_555 ? ? ? ? ? ? WATSON-CRICK ? ? ? 
hydrog31 hydrog ? ? C DC 4  N4 ? ? ? 1_555 D DG 11 O6 ? ? C DC 1  E DG 22 1_555 ? ? ? ? ? ? WATSON-CRICK ? ? ? 
hydrog32 hydrog ? ? C DC 4  O2 ? ? ? 1_555 D DG 11 N2 ? ? C DC 1  E DG 22 1_555 ? ? ? ? ? ? WATSON-CRICK ? ? ? 
hydrog33 hydrog ? ? C DT 5  N3 ? ? ? 1_555 D DA 10 N1 ? ? C DT 2  E DA 21 1_555 ? ? ? ? ? ? WATSON-CRICK ? ? ? 
hydrog34 hydrog ? ? C DT 5  O4 ? ? ? 1_555 D DA 10 N6 ? ? C DT 2  E DA 21 1_555 ? ? ? ? ? ? WATSON-CRICK ? ? ? 
hydrog35 hydrog ? ? C DA 6  N1 ? ? ? 1_555 D DT 9  N3 ? ? C DA 3  E DT 20 1_555 ? ? ? ? ? ? WATSON-CRICK ? ? ? 
hydrog36 hydrog ? ? C DA 6  N6 ? ? ? 1_555 D DT 9  O4 ? ? C DA 3  E DT 20 1_555 ? ? ? ? ? ? WATSON-CRICK ? ? ? 
hydrog37 hydrog ? ? C DC 7  N3 ? ? ? 1_555 D DG 8  N1 ? ? C DC 4  E DG 19 1_555 ? ? ? ? ? ? WATSON-CRICK ? ? ? 
hydrog38 hydrog ? ? C DC 7  N4 ? ? ? 1_555 D DG 8  O6 ? ? C DC 4  E DG 19 1_555 ? ? ? ? ? ? WATSON-CRICK ? ? ? 
hydrog39 hydrog ? ? C DC 7  O2 ? ? ? 1_555 D DG 8  N2 ? ? C DC 4  E DG 19 1_555 ? ? ? ? ? ? WATSON-CRICK ? ? ? 
hydrog40 hydrog ? ? C DT 8  N3 ? ? ? 1_555 D DA 7  N1 ? ? C DT 5  E DA 18 1_555 ? ? ? ? ? ? WATSON-CRICK ? ? ? 
hydrog41 hydrog ? ? C DT 8  O4 ? ? ? 1_555 D DA 7  N6 ? ? C DT 5  E DA 18 1_555 ? ? ? ? ? ? WATSON-CRICK ? ? ? 
hydrog42 hydrog ? ? C DG 9  N1 ? ? ? 1_555 D DA 5  N1 ? ? C DG 6  E DA 16 1_555 ? ? ? ? ? ? TYPE_8_PAIR  ? ? ? 
hydrog43 hydrog ? ? C DG 9  O6 ? ? ? 1_555 D DA 5  N6 ? ? C DG 6  E DA 16 1_555 ? ? ? ? ? ? TYPE_8_PAIR  ? ? ? 
hydrog44 hydrog ? ? C DG 9  N1 ? ? ? 1_555 D DC 6  N3 ? ? C DG 6  E DC 17 1_555 ? ? ? ? ? ? WATSON-CRICK ? ? ? 
hydrog45 hydrog ? ? C DG 9  N2 ? ? ? 1_555 D DC 6  O2 ? ? C DG 6  E DC 17 1_555 ? ? ? ? ? ? WATSON-CRICK ? ? ? 
hydrog46 hydrog ? ? C DG 9  O6 ? ? ? 1_555 D DC 6  N4 ? ? C DG 6  E DC 17 1_555 ? ? ? ? ? ? WATSON-CRICK ? ? ? 
hydrog47 hydrog ? ? C DT 10 N3 ? ? ? 1_555 D DA 5  N1 ? ? C DT 7  E DA 16 1_555 ? ? ? ? ? ? WATSON-CRICK ? ? ? 
hydrog48 hydrog ? ? C DT 10 O4 ? ? ? 1_555 D DA 5  N6 ? ? C DT 7  E DA 16 1_555 ? ? ? ? ? ? WATSON-CRICK ? ? ? 
# 
_struct_conn_type.id          hydrog 
_struct_conn_type.criteria    ? 
_struct_conn_type.reference   ? 
# 
_pdbx_entry_details.entry_id                   9NCM 
_pdbx_entry_details.compound_details           ? 
_pdbx_entry_details.source_details             ? 
_pdbx_entry_details.nonpolymer_details         ? 
_pdbx_entry_details.sequence_details           ? 
_pdbx_entry_details.has_ligand_of_interest     ? 
_pdbx_entry_details.has_protein_modification   N 
# 
_pdbx_validate_rmsd_angle.id                         1 
_pdbx_validate_rmsd_angle.PDB_model_num              1 
_pdbx_validate_rmsd_angle.auth_atom_id_1             "O4'" 
_pdbx_validate_rmsd_angle.auth_asym_id_1             C 
_pdbx_validate_rmsd_angle.auth_comp_id_1             DC 
_pdbx_validate_rmsd_angle.auth_seq_id_1              1 
_pdbx_validate_rmsd_angle.PDB_ins_code_1             ? 
_pdbx_validate_rmsd_angle.label_alt_id_1             ? 
_pdbx_validate_rmsd_angle.auth_atom_id_2             "C1'" 
_pdbx_validate_rmsd_angle.auth_asym_id_2             C 
_pdbx_validate_rmsd_angle.auth_comp_id_2             DC 
_pdbx_validate_rmsd_angle.auth_seq_id_2              1 
_pdbx_validate_rmsd_angle.PDB_ins_code_2             ? 
_pdbx_validate_rmsd_angle.label_alt_id_2             ? 
_pdbx_validate_rmsd_angle.auth_atom_id_3             N1 
_pdbx_validate_rmsd_angle.auth_asym_id_3             C 
_pdbx_validate_rmsd_angle.auth_comp_id_3             DC 
_pdbx_validate_rmsd_angle.auth_seq_id_3              1 
_pdbx_validate_rmsd_angle.PDB_ins_code_3             ? 
_pdbx_validate_rmsd_angle.label_alt_id_3             ? 
_pdbx_validate_rmsd_angle.angle_value                111.07 
_pdbx_validate_rmsd_angle.angle_target_value         108.30 
_pdbx_validate_rmsd_angle.angle_deviation            2.77 
_pdbx_validate_rmsd_angle.angle_standard_deviation   0.30 
_pdbx_validate_rmsd_angle.linker_flag                N 
# 
loop_
_space_group_symop.id 
_space_group_symop.operation_xyz 
1 x,y,z                 
2 -y,x-y,z              
3 -x+y,-x,z             
4 x+1/3,y+2/3,z+2/3     
5 -y+1/3,x-y+2/3,z+2/3  
6 -x+y+1/3,-x+2/3,z+2/3 
7 x+2/3,y+1/3,z+1/3     
8 -y+2/3,x-y+1/3,z+1/3  
9 -x+y+2/3,-x+1/3,z+1/3 
# 
loop_
_pdbx_refine_tls.id 
_pdbx_refine_tls.pdbx_refine_id 
_pdbx_refine_tls.details 
_pdbx_refine_tls.method 
_pdbx_refine_tls.origin_x 
_pdbx_refine_tls.origin_y 
_pdbx_refine_tls.origin_z 
_pdbx_refine_tls.T[1][1] 
_pdbx_refine_tls.T[1][1]_esd 
_pdbx_refine_tls.T[1][2] 
_pdbx_refine_tls.T[1][2]_esd 
_pdbx_refine_tls.T[1][3] 
_pdbx_refine_tls.T[1][3]_esd 
_pdbx_refine_tls.T[2][2] 
_pdbx_refine_tls.T[2][2]_esd 
_pdbx_refine_tls.T[2][3] 
_pdbx_refine_tls.T[2][3]_esd 
_pdbx_refine_tls.T[3][3] 
_pdbx_refine_tls.T[3][3]_esd 
_pdbx_refine_tls.L[1][1] 
_pdbx_refine_tls.L[1][1]_esd 
_pdbx_refine_tls.L[1][2] 
_pdbx_refine_tls.L[1][2]_esd 
_pdbx_refine_tls.L[1][3] 
_pdbx_refine_tls.L[1][3]_esd 
_pdbx_refine_tls.L[2][2] 
_pdbx_refine_tls.L[2][2]_esd 
_pdbx_refine_tls.L[2][3] 
_pdbx_refine_tls.L[2][3]_esd 
_pdbx_refine_tls.L[3][3] 
_pdbx_refine_tls.L[3][3]_esd 
_pdbx_refine_tls.S[1][1] 
_pdbx_refine_tls.S[1][1]_esd 
_pdbx_refine_tls.S[1][2] 
_pdbx_refine_tls.S[1][2]_esd 
_pdbx_refine_tls.S[1][3] 
_pdbx_refine_tls.S[1][3]_esd 
_pdbx_refine_tls.S[2][1] 
_pdbx_refine_tls.S[2][1]_esd 
_pdbx_refine_tls.S[2][2] 
_pdbx_refine_tls.S[2][2]_esd 
_pdbx_refine_tls.S[2][3] 
_pdbx_refine_tls.S[2][3]_esd 
_pdbx_refine_tls.S[3][1] 
_pdbx_refine_tls.S[3][1]_esd 
_pdbx_refine_tls.S[3][2] 
_pdbx_refine_tls.S[3][2]_esd 
_pdbx_refine_tls.S[3][3] 
_pdbx_refine_tls.S[3][3]_esd 
1 'X-RAY DIFFRACTION' ? refined 1.5921045033   -4.548234090  -3.2039619600 3.676041036   ? 1.782390758189  ? -0.120118859196 ? 2.23239098995 ? -0.20681867569  ? 2.09264729873 ? 4.65073878226  ? -4.45458184483 ? 2.01659260267  ? 4.22453253334 ? -2.54856229083 ? 7.6120106550  ? -0.41107930324 ? 1.005492563569 ? -1.21873039150  ? -0.29724671729  ? 0.171903096941 ? 0.725547712508  ? 1.937322565367 ? 2.168046048073  ? 0.967170769159  ? 
2 'X-RAY DIFFRACTION' ? refined -4.5042758302  -5.7031487049 0.1870102033  2.89573455999 ? 0.855099505170  ? -0.127248005872 ? 2.33859649666 ? -0.621733749674 ? 3.14139349306 ? 7.29218637074  ? 3.30382622928  ? 1.54201810727  ? 4.89492428232 ? 0.04353655323  ? 0.33659407156 ? 1.90011096669  ? 0.98295190988  ? -1.869639616510 ? -0.611058334681 ? -1.03755007482 ? -0.91570688388  ? 0.74815462751  ? -0.665786405925 ? -1.004018869229 ? 
3 'X-RAY DIFFRACTION' ? refined 10.03374545005 11.734695667  2.5613074732  3.78285274168 ? -0.552028093694 ? -0.013852142833 ? 4.28480305752 ? 0.862686233222  ? 2.45452077380 ? 5.612845206390 ? 1.08090421490  ? -1.08564277065 ? 0.48914426644 ? -0.09301732252 ? 0.23286834584 ? 2.810242907133 ? 2.69838917634  ? -2.23566022714  ? -0.02621993050  ? -2.24621880549 ? -2.57508181607  ? -5.49191703980 ? 3.91111404607   ? 1.60012202850   ? 
4 'X-RAY DIFFRACTION' ? refined -6.01353063225 6.9994838318  3.423256706   3.51591510295 ? 2.101785959683  ? -0.938302415896 ? 0.61542006196 ? 0.03558342123   ? 3.98979749803 ? 1.41133868949  ? 1.03093196822  ? -0.17499717683 ? 2.50098967092 ? 1.664043949810 ? 1.84812678603 ? 0.83021192586  ? 0.286363020600 ? -2.166215727717 ? -0.170424667129 ? 1.06361483952  ? -1.484988026646 ? -0.86440268226 ? -1.100246735376 ? -0.18786276929  ? 
# 
loop_
_pdbx_refine_tls_group.id 
_pdbx_refine_tls_group.pdbx_refine_id 
_pdbx_refine_tls_group.refine_tls_id 
_pdbx_refine_tls_group.beg_label_asym_id 
_pdbx_refine_tls_group.beg_label_seq_id 
_pdbx_refine_tls_group.beg_auth_asym_id 
_pdbx_refine_tls_group.beg_auth_seq_id 
_pdbx_refine_tls_group.beg_PDB_ins_code 
_pdbx_refine_tls_group.end_label_asym_id 
_pdbx_refine_tls_group.end_label_seq_id 
_pdbx_refine_tls_group.end_auth_asym_id 
_pdbx_refine_tls_group.end_auth_seq_id 
_pdbx_refine_tls_group.end_PDB_ins_code 
_pdbx_refine_tls_group.selection 
_pdbx_refine_tls_group.selection_details 
1 'X-RAY DIFFRACTION' 1 C ? C -2 ? C ? C 11 ? ? 
;chain 'C' and (resid -2 through 11 )
;
2 'X-RAY DIFFRACTION' 2 D ? E 12 ? D ? E 24 ? ? 
;chain 'E' and (resid 12 through 24 )
;
3 'X-RAY DIFFRACTION' 3 A ? A 4  ? A ? A 11 ? ? 
;chain 'A' and (resid 4 through 11 )
;
4 'X-RAY DIFFRACTION' 4 B ? B 5  ? B ? B 11 ? ? 
;chain 'B' and (resid 5 through 11 )
;
# 
loop_
_chem_comp_atom.comp_id 
_chem_comp_atom.atom_id 
_chem_comp_atom.type_symbol 
_chem_comp_atom.pdbx_aromatic_flag 
_chem_comp_atom.pdbx_stereo_config 
_chem_comp_atom.pdbx_ordinal 
DA OP3    O N N 1   
DA P      P N N 2   
DA OP1    O N N 3   
DA OP2    O N N 4   
DA "O5'"  O N N 5   
DA "C5'"  C N N 6   
DA "C4'"  C N R 7   
DA "O4'"  O N N 8   
DA "C3'"  C N S 9   
DA "O3'"  O N N 10  
DA "C2'"  C N N 11  
DA "C1'"  C N R 12  
DA N9     N Y N 13  
DA C8     C Y N 14  
DA N7     N Y N 15  
DA C5     C Y N 16  
DA C6     C Y N 17  
DA N6     N N N 18  
DA N1     N Y N 19  
DA C2     C Y N 20  
DA N3     N Y N 21  
DA C4     C Y N 22  
DA HOP3   H N N 23  
DA HOP2   H N N 24  
DA "H5'"  H N N 25  
DA "H5''" H N N 26  
DA "H4'"  H N N 27  
DA "H3'"  H N N 28  
DA "HO3'" H N N 29  
DA "H2'"  H N N 30  
DA "H2''" H N N 31  
DA "H1'"  H N N 32  
DA H8     H N N 33  
DA H61    H N N 34  
DA H62    H N N 35  
DA H2     H N N 36  
DC OP3    O N N 37  
DC P      P N N 38  
DC OP1    O N N 39  
DC OP2    O N N 40  
DC "O5'"  O N N 41  
DC "C5'"  C N N 42  
DC "C4'"  C N R 43  
DC "O4'"  O N N 44  
DC "C3'"  C N S 45  
DC "O3'"  O N N 46  
DC "C2'"  C N N 47  
DC "C1'"  C N R 48  
DC N1     N N N 49  
DC C2     C N N 50  
DC O2     O N N 51  
DC N3     N N N 52  
DC C4     C N N 53  
DC N4     N N N 54  
DC C5     C N N 55  
DC C6     C N N 56  
DC HOP3   H N N 57  
DC HOP2   H N N 58  
DC "H5'"  H N N 59  
DC "H5''" H N N 60  
DC "H4'"  H N N 61  
DC "H3'"  H N N 62  
DC "HO3'" H N N 63  
DC "H2'"  H N N 64  
DC "H2''" H N N 65  
DC "H1'"  H N N 66  
DC H41    H N N 67  
DC H42    H N N 68  
DC H5     H N N 69  
DC H6     H N N 70  
DG OP3    O N N 71  
DG P      P N N 72  
DG OP1    O N N 73  
DG OP2    O N N 74  
DG "O5'"  O N N 75  
DG "C5'"  C N N 76  
DG "C4'"  C N R 77  
DG "O4'"  O N N 78  
DG "C3'"  C N S 79  
DG "O3'"  O N N 80  
DG "C2'"  C N N 81  
DG "C1'"  C N R 82  
DG N9     N Y N 83  
DG C8     C Y N 84  
DG N7     N Y N 85  
DG C5     C Y N 86  
DG C6     C N N 87  
DG O6     O N N 88  
DG N1     N N N 89  
DG C2     C N N 90  
DG N2     N N N 91  
DG N3     N N N 92  
DG C4     C Y N 93  
DG HOP3   H N N 94  
DG HOP2   H N N 95  
DG "H5'"  H N N 96  
DG "H5''" H N N 97  
DG "H4'"  H N N 98  
DG "H3'"  H N N 99  
DG "HO3'" H N N 100 
DG "H2'"  H N N 101 
DG "H2''" H N N 102 
DG "H1'"  H N N 103 
DG H8     H N N 104 
DG H1     H N N 105 
DG H21    H N N 106 
DG H22    H N N 107 
DT OP3    O N N 108 
DT P      P N N 109 
DT OP1    O N N 110 
DT OP2    O N N 111 
DT "O5'"  O N N 112 
DT "C5'"  C N N 113 
DT "C4'"  C N R 114 
DT "O4'"  O N N 115 
DT "C3'"  C N S 116 
DT "O3'"  O N N 117 
DT "C2'"  C N N 118 
DT "C1'"  C N R 119 
DT N1     N N N 120 
DT C2     C N N 121 
DT O2     O N N 122 
DT N3     N N N 123 
DT C4     C N N 124 
DT O4     O N N 125 
DT C5     C N N 126 
DT C7     C N N 127 
DT C6     C N N 128 
DT HOP3   H N N 129 
DT HOP2   H N N 130 
DT "H5'"  H N N 131 
DT "H5''" H N N 132 
DT "H4'"  H N N 133 
DT "H3'"  H N N 134 
DT "HO3'" H N N 135 
DT "H2'"  H N N 136 
DT "H2''" H N N 137 
DT "H1'"  H N N 138 
DT H3     H N N 139 
DT H71    H N N 140 
DT H72    H N N 141 
DT H73    H N N 142 
DT H6     H N N 143 
# 
loop_
_chem_comp_bond.comp_id 
_chem_comp_bond.atom_id_1 
_chem_comp_bond.atom_id_2 
_chem_comp_bond.value_order 
_chem_comp_bond.pdbx_aromatic_flag 
_chem_comp_bond.pdbx_stereo_config 
_chem_comp_bond.pdbx_ordinal 
DA OP3   P      sing N N 1   
DA OP3   HOP3   sing N N 2   
DA P     OP1    doub N N 3   
DA P     OP2    sing N N 4   
DA P     "O5'"  sing N N 5   
DA OP2   HOP2   sing N N 6   
DA "O5'" "C5'"  sing N N 7   
DA "C5'" "C4'"  sing N N 8   
DA "C5'" "H5'"  sing N N 9   
DA "C5'" "H5''" sing N N 10  
DA "C4'" "O4'"  sing N N 11  
DA "C4'" "C3'"  sing N N 12  
DA "C4'" "H4'"  sing N N 13  
DA "O4'" "C1'"  sing N N 14  
DA "C3'" "O3'"  sing N N 15  
DA "C3'" "C2'"  sing N N 16  
DA "C3'" "H3'"  sing N N 17  
DA "O3'" "HO3'" sing N N 18  
DA "C2'" "C1'"  sing N N 19  
DA "C2'" "H2'"  sing N N 20  
DA "C2'" "H2''" sing N N 21  
DA "C1'" N9     sing N N 22  
DA "C1'" "H1'"  sing N N 23  
DA N9    C8     sing Y N 24  
DA N9    C4     sing Y N 25  
DA C8    N7     doub Y N 26  
DA C8    H8     sing N N 27  
DA N7    C5     sing Y N 28  
DA C5    C6     sing Y N 29  
DA C5    C4     doub Y N 30  
DA C6    N6     sing N N 31  
DA C6    N1     doub Y N 32  
DA N6    H61    sing N N 33  
DA N6    H62    sing N N 34  
DA N1    C2     sing Y N 35  
DA C2    N3     doub Y N 36  
DA C2    H2     sing N N 37  
DA N3    C4     sing Y N 38  
DC OP3   P      sing N N 39  
DC OP3   HOP3   sing N N 40  
DC P     OP1    doub N N 41  
DC P     OP2    sing N N 42  
DC P     "O5'"  sing N N 43  
DC OP2   HOP2   sing N N 44  
DC "O5'" "C5'"  sing N N 45  
DC "C5'" "C4'"  sing N N 46  
DC "C5'" "H5'"  sing N N 47  
DC "C5'" "H5''" sing N N 48  
DC "C4'" "O4'"  sing N N 49  
DC "C4'" "C3'"  sing N N 50  
DC "C4'" "H4'"  sing N N 51  
DC "O4'" "C1'"  sing N N 52  
DC "C3'" "O3'"  sing N N 53  
DC "C3'" "C2'"  sing N N 54  
DC "C3'" "H3'"  sing N N 55  
DC "O3'" "HO3'" sing N N 56  
DC "C2'" "C1'"  sing N N 57  
DC "C2'" "H2'"  sing N N 58  
DC "C2'" "H2''" sing N N 59  
DC "C1'" N1     sing N N 60  
DC "C1'" "H1'"  sing N N 61  
DC N1    C2     sing N N 62  
DC N1    C6     sing N N 63  
DC C2    O2     doub N N 64  
DC C2    N3     sing N N 65  
DC N3    C4     doub N N 66  
DC C4    N4     sing N N 67  
DC C4    C5     sing N N 68  
DC N4    H41    sing N N 69  
DC N4    H42    sing N N 70  
DC C5    C6     doub N N 71  
DC C5    H5     sing N N 72  
DC C6    H6     sing N N 73  
DG OP3   P      sing N N 74  
DG OP3   HOP3   sing N N 75  
DG P     OP1    doub N N 76  
DG P     OP2    sing N N 77  
DG P     "O5'"  sing N N 78  
DG OP2   HOP2   sing N N 79  
DG "O5'" "C5'"  sing N N 80  
DG "C5'" "C4'"  sing N N 81  
DG "C5'" "H5'"  sing N N 82  
DG "C5'" "H5''" sing N N 83  
DG "C4'" "O4'"  sing N N 84  
DG "C4'" "C3'"  sing N N 85  
DG "C4'" "H4'"  sing N N 86  
DG "O4'" "C1'"  sing N N 87  
DG "C3'" "O3'"  sing N N 88  
DG "C3'" "C2'"  sing N N 89  
DG "C3'" "H3'"  sing N N 90  
DG "O3'" "HO3'" sing N N 91  
DG "C2'" "C1'"  sing N N 92  
DG "C2'" "H2'"  sing N N 93  
DG "C2'" "H2''" sing N N 94  
DG "C1'" N9     sing N N 95  
DG "C1'" "H1'"  sing N N 96  
DG N9    C8     sing Y N 97  
DG N9    C4     sing Y N 98  
DG C8    N7     doub Y N 99  
DG C8    H8     sing N N 100 
DG N7    C5     sing Y N 101 
DG C5    C6     sing N N 102 
DG C5    C4     doub Y N 103 
DG C6    O6     doub N N 104 
DG C6    N1     sing N N 105 
DG N1    C2     sing N N 106 
DG N1    H1     sing N N 107 
DG C2    N2     sing N N 108 
DG C2    N3     doub N N 109 
DG N2    H21    sing N N 110 
DG N2    H22    sing N N 111 
DG N3    C4     sing N N 112 
DT OP3   P      sing N N 113 
DT OP3   HOP3   sing N N 114 
DT P     OP1    doub N N 115 
DT P     OP2    sing N N 116 
DT P     "O5'"  sing N N 117 
DT OP2   HOP2   sing N N 118 
DT "O5'" "C5'"  sing N N 119 
DT "C5'" "C4'"  sing N N 120 
DT "C5'" "H5'"  sing N N 121 
DT "C5'" "H5''" sing N N 122 
DT "C4'" "O4'"  sing N N 123 
DT "C4'" "C3'"  sing N N 124 
DT "C4'" "H4'"  sing N N 125 
DT "O4'" "C1'"  sing N N 126 
DT "C3'" "O3'"  sing N N 127 
DT "C3'" "C2'"  sing N N 128 
DT "C3'" "H3'"  sing N N 129 
DT "O3'" "HO3'" sing N N 130 
DT "C2'" "C1'"  sing N N 131 
DT "C2'" "H2'"  sing N N 132 
DT "C2'" "H2''" sing N N 133 
DT "C1'" N1     sing N N 134 
DT "C1'" "H1'"  sing N N 135 
DT N1    C2     sing N N 136 
DT N1    C6     sing N N 137 
DT C2    O2     doub N N 138 
DT C2    N3     sing N N 139 
DT N3    C4     sing N N 140 
DT N3    H3     sing N N 141 
DT C4    O4     doub N N 142 
DT C4    C5     sing N N 143 
DT C5    C7     sing N N 144 
DT C5    C6     doub N N 145 
DT C7    H71    sing N N 146 
DT C7    H72    sing N N 147 
DT C7    H73    sing N N 148 
DT C6    H6     sing N N 149 
# 
loop_
_ndb_struct_conf_na.entry_id 
_ndb_struct_conf_na.feature 
9NCM 'double helix'        
9NCM 'a-form double helix' 
9NCM 'b-form double helix' 
# 
loop_
_ndb_struct_na_base_pair.model_number 
_ndb_struct_na_base_pair.i_label_asym_id 
_ndb_struct_na_base_pair.i_label_comp_id 
_ndb_struct_na_base_pair.i_label_seq_id 
_ndb_struct_na_base_pair.i_symmetry 
_ndb_struct_na_base_pair.j_label_asym_id 
_ndb_struct_na_base_pair.j_label_comp_id 
_ndb_struct_na_base_pair.j_label_seq_id 
_ndb_struct_na_base_pair.j_symmetry 
_ndb_struct_na_base_pair.shear 
_ndb_struct_na_base_pair.stretch 
_ndb_struct_na_base_pair.stagger 
_ndb_struct_na_base_pair.buckle 
_ndb_struct_na_base_pair.propeller 
_ndb_struct_na_base_pair.opening 
_ndb_struct_na_base_pair.pair_number 
_ndb_struct_na_base_pair.pair_name 
_ndb_struct_na_base_pair.i_auth_asym_id 
_ndb_struct_na_base_pair.i_auth_seq_id 
_ndb_struct_na_base_pair.i_PDB_ins_code 
_ndb_struct_na_base_pair.j_auth_asym_id 
_ndb_struct_na_base_pair.j_auth_seq_id 
_ndb_struct_na_base_pair.j_PDB_ins_code 
_ndb_struct_na_base_pair.hbond_type_28 
_ndb_struct_na_base_pair.hbond_type_12 
1 A DA 3  1_555 C DT 13 1_555 0.102  -0.050 -0.134 1.653   0.840   -2.610 1  A_DA6:DT10_C  A 6  ? C 10 ? 20 1 
1 A DC 4  1_555 C DG 12 1_555 0.217  -0.125 0.101  4.606   -4.633  0.307  2  A_DC7:DG9_C   A 7  ? C 9  ? 19 1 
1 A DC 5  1_555 C DG 11 1_555 0.184  -0.100 0.131  -1.175  -7.665  -0.120 3  A_DC8:DG8_C   A 8  ? C 8  ? 19 1 
1 A DT 6  1_555 B DA 3  1_555 -0.197 -0.267 0.429  0.643   -10.980 0.548  4  A_DT9:DA7_B   A 9  ? B 7  ? 20 1 
1 A DG 7  1_555 B DC 2  1_555 -0.206 -0.164 0.258  -0.012  -5.454  1.813  5  A_DG10:DC6_B  A 10 ? B 6  ? 19 1 
1 A DT 8  1_555 B DA 1  1_555 -0.157 -0.101 0.107  -1.643  -8.055  -4.213 6  A_DT11:DA5_B  A 11 ? B 5  ? 20 1 
1 C DG 3  1_555 D DC 12 1_555 -0.189 -0.132 -0.166 1.397   5.327   -0.686 7  C_DG0:DC23_E  C 0  ? E 23 ? 19 1 
1 C DC 4  1_555 D DG 11 1_555 0.206  -0.142 -0.051 6.139   2.308   -0.732 8  C_DC1:DG22_E  C 1  ? E 22 ? 19 1 
1 C DT 5  1_555 D DA 10 1_555 -0.147 -0.129 0.398  3.446   -4.630  -3.069 9  C_DT2:DA21_E  C 2  ? E 21 ? 20 1 
1 C DA 6  1_555 D DT 9  1_555 0.174  -0.132 0.505  1.363   -8.252  -3.933 10 C_DA3:DT20_E  C 3  ? E 20 ? 20 1 
1 C DC 7  1_555 D DG 8  1_555 0.141  -0.132 0.423  -0.754  -8.614  -1.121 11 C_DC4:DG19_E  C 4  ? E 19 ? 19 1 
1 C DT 8  1_555 D DA 7  1_555 -0.134 -0.149 0.381  -0.226  -12.734 -0.339 12 C_DT5:DA18_E  C 5  ? E 18 ? 20 1 
1 C DG 9  1_555 D DC 6  1_555 -0.151 -0.220 0.826  2.146   -2.274  0.137  13 C_DG6:DC17_E  C 6  ? E 17 ? 19 1 
1 C DT 10 1_555 D DA 5  1_555 -0.330 -0.224 1.237  -1.603  -6.092  -7.166 14 C_DT7:DA16_E  C 7  ? E 16 ? 20 1 
1 B DC 4  1_555 D DG 4  1_555 0.116  -0.153 0.513  -1.046  -5.393  -2.521 15 B_DC8:DG15_E  B 8  ? E 15 ? 19 1 
1 B DC 5  1_555 D DG 3  1_555 0.172  -0.189 0.899  0.441   -5.443  -1.980 16 B_DC9:DG14_E  B 9  ? E 14 ? 19 1 
1 B DG 6  1_555 D DC 2  1_555 -0.245 -0.232 -1.054 -12.952 -8.297  4.750  17 B_DG10:DC13_E B 10 ? E 13 ? 19 1 
1 B DT 7  1_555 D DA 1  1_555 -0.228 -0.254 -1.249 -2.281  -3.599  -5.093 18 B_DT11:DA12_E B 11 ? E 12 ? 20 1 
# 
loop_
_ndb_struct_na_base_pair_step.model_number 
_ndb_struct_na_base_pair_step.i_label_asym_id_1 
_ndb_struct_na_base_pair_step.i_label_comp_id_1 
_ndb_struct_na_base_pair_step.i_label_seq_id_1 
_ndb_struct_na_base_pair_step.i_symmetry_1 
_ndb_struct_na_base_pair_step.j_label_asym_id_1 
_ndb_struct_na_base_pair_step.j_label_comp_id_1 
_ndb_struct_na_base_pair_step.j_label_seq_id_1 
_ndb_struct_na_base_pair_step.j_symmetry_1 
_ndb_struct_na_base_pair_step.i_label_asym_id_2 
_ndb_struct_na_base_pair_step.i_label_comp_id_2 
_ndb_struct_na_base_pair_step.i_label_seq_id_2 
_ndb_struct_na_base_pair_step.i_symmetry_2 
_ndb_struct_na_base_pair_step.j_label_asym_id_2 
_ndb_struct_na_base_pair_step.j_label_comp_id_2 
_ndb_struct_na_base_pair_step.j_label_seq_id_2 
_ndb_struct_na_base_pair_step.j_symmetry_2 
_ndb_struct_na_base_pair_step.shift 
_ndb_struct_na_base_pair_step.slide 
_ndb_struct_na_base_pair_step.rise 
_ndb_struct_na_base_pair_step.tilt 
_ndb_struct_na_base_pair_step.roll 
_ndb_struct_na_base_pair_step.twist 
_ndb_struct_na_base_pair_step.x_displacement 
_ndb_struct_na_base_pair_step.y_displacement 
_ndb_struct_na_base_pair_step.helical_rise 
_ndb_struct_na_base_pair_step.inclination 
_ndb_struct_na_base_pair_step.tip 
_ndb_struct_na_base_pair_step.helical_twist 
_ndb_struct_na_base_pair_step.step_number 
_ndb_struct_na_base_pair_step.step_name 
_ndb_struct_na_base_pair_step.i_auth_asym_id_1 
_ndb_struct_na_base_pair_step.i_auth_seq_id_1 
_ndb_struct_na_base_pair_step.i_PDB_ins_code_1 
_ndb_struct_na_base_pair_step.j_auth_asym_id_1 
_ndb_struct_na_base_pair_step.j_auth_seq_id_1 
_ndb_struct_na_base_pair_step.j_PDB_ins_code_1 
_ndb_struct_na_base_pair_step.i_auth_asym_id_2 
_ndb_struct_na_base_pair_step.i_auth_seq_id_2 
_ndb_struct_na_base_pair_step.i_PDB_ins_code_2 
_ndb_struct_na_base_pair_step.j_auth_asym_id_2 
_ndb_struct_na_base_pair_step.j_auth_seq_id_2 
_ndb_struct_na_base_pair_step.j_PDB_ins_code_2 
1 A DA 3  1_555 C DT 13 1_555 A DC 4  1_555 C DG 12 1_555 0.591  -1.185 3.170 -2.771 1.547  32.737 -2.344 -1.496 3.054 2.736   
4.902   32.886 1  AA_DA6DC7:DG9DT10_CC    A 6  ? C 10 ? A 7  ? C 9  ? 
1 A DC 4  1_555 C DG 12 1_555 A DC 5  1_555 C DG 11 1_555 0.188  -1.191 3.186 -1.050 0.123  35.531 -1.968 -0.456 3.175 0.202   
1.721   35.547 2  AA_DC7DC8:DG8DG9_CC     A 7  ? C 9  ? A 8  ? C 8  ? 
1 A DC 5  1_555 C DG 11 1_555 A DT 6  1_555 B DA 3  1_555 -1.360 -1.513 3.131 -5.909 1.583  19.865 -4.879 1.220  3.263 4.454   
16.627  20.777 3  AA_DC8DT9:DA7DG8_BC     A 8  ? C 8  ? A 9  ? B 7  ? 
1 A DT 6  1_555 B DA 3  1_555 A DG 7  1_555 B DC 2  1_555 -0.334 0.995  3.772 2.625  1.324  37.911 1.332  0.898  3.772 2.035   
-4.033  38.021 4  AA_DT9DG10:DC6DA7_BB    A 9  ? B 7  ? A 10 ? B 6  ? 
1 A DG 7  1_555 B DC 2  1_555 A DT 8  1_555 B DA 1  1_555 -0.066 -0.926 3.552 -2.589 0.142  27.053 -2.009 -0.567 3.538 0.303   
5.519   27.175 5  AA_DG10DT11:DA5DC6_BB   A 10 ? B 6  ? A 11 ? B 5  ? 
1 C DG 3  1_555 D DC 12 1_555 C DC 4  1_555 D DG 11 1_555 0.049  -0.698 3.143 0.331  2.042  32.180 -1.603 -0.033 3.095 3.680   
-0.596  32.245 6  CC_DG0DC1:DG22DC23_EE   C 0  ? E 23 ? C 1  ? E 22 ? 
1 C DC 4  1_555 D DG 11 1_555 C DT 5  1_555 D DA 10 1_555 -0.747 -0.688 3.569 2.832  0.396  36.188 -1.165 1.627  3.495 0.636   
-4.550  36.297 7  CC_DC1DT2:DA21DG22_EE   C 1  ? E 22 ? C 2  ? E 21 ? 
1 C DT 5  1_555 D DA 10 1_555 C DA 6  1_555 D DT 9  1_555 0.609  -0.555 3.297 0.799  1.383  38.964 -0.999 -0.815 3.288 2.073   
-1.197  38.996 8  CC_DT2DA3:DT20DA21_EE   C 2  ? E 21 ? C 3  ? E 20 ? 
1 C DA 6  1_555 D DT 9  1_555 C DC 7  1_555 D DG 8  1_555 -0.091 -0.519 3.228 -0.836 -0.891 34.126 -0.745 0.024  3.242 -1.518  
1.424   34.147 9  CC_DA3DC4:DG19DT20_EE   C 3  ? E 20 ? C 4  ? E 19 ? 
1 C DC 7  1_555 D DG 8  1_555 C DT 8  1_555 D DA 7  1_555 -0.036 -0.731 3.125 0.280  0.185  31.736 -1.369 0.115  3.121 0.338   
-0.511  31.738 10 CC_DC4DT5:DA18DG19_EE   C 4  ? E 19 ? C 5  ? E 18 ? 
1 C DT 8  1_555 D DA 7  1_555 C DG 9  1_555 D DC 6  1_555 0.323  0.428  3.298 -3.318 -7.903 37.823 1.606  -0.891 3.111 -12.004 
5.040   38.747 11 CC_DT5DG6:DC17DA18_EE   C 5  ? E 18 ? C 6  ? E 17 ? 
1 C DG 9  1_555 D DC 6  1_555 C DT 10 1_555 D DA 5  1_555 -0.288 -0.559 3.325 -2.571 1.030  29.921 -1.293 0.019  3.317 1.990   
4.966   30.046 12 CC_DG6DT7:DA16DC17_EE   C 6  ? E 17 ? C 7  ? E 16 ? 
1 C DT 10 1_555 D DA 5  1_555 B DC 4  1_555 D DG 4  1_555 1.191  -0.761 3.104 9.278  2.384  28.874 -1.929 -0.416 3.250 4.623   
-17.992 30.389 13 CB_DT7DC8:DG15DA16_EE   C 7  ? E 16 ? B 8  ? E 15 ? 
1 B DC 4  1_555 D DG 4  1_555 B DC 5  1_555 D DG 3  1_555 -0.585 1.293  3.902 -1.074 -0.808 43.600 1.833  0.664  3.891 -1.088  
1.445   43.620 14 BB_DC8DC9:DG14DG15_EE   B 8  ? E 15 ? B 9  ? E 14 ? 
1 B DC 5  1_555 D DG 3  1_555 B DG 6  1_555 D DC 2  1_555 -0.396 3.149  3.642 10.243 -2.255 46.034 4.136  1.401  3.337 -2.840  
-12.901 47.150 15 BB_DC9DG10:DC13DG14_EE  B 9  ? E 14 ? B 10 ? E 13 ? 
1 B DG 6  1_555 D DC 2  1_555 B DT 7  1_555 D DA 1  1_555 -0.018 0.582  3.245 -5.038 3.528  30.748 0.411  -0.919 3.252 6.571   
9.384   31.343 16 BB_DG10DT11:DA12DC13_EE B 10 ? E 13 ? B 11 ? E 12 ? 
# 
loop_
_pdbx_audit_support.funding_organization 
_pdbx_audit_support.country 
_pdbx_audit_support.grant_number 
_pdbx_audit_support.ordinal 
'Office of Naval Research (ONR)'                   'United States' N000141912596 1 
'Department of Energy (DOE, United States)'        'United States' DE-SC0007991  2 
'National Science Foundation (NSF, United States)' 'United States' CCF-2106790   3 
'National Science Foundation (NSF, United States)' 'United States' GCR-2317843   4 
# 
_pdbx_initial_refinement_model.id               1 
_pdbx_initial_refinement_model.entity_id_list   ? 
_pdbx_initial_refinement_model.type             'experimental model' 
_pdbx_initial_refinement_model.source_name      PDB 
_pdbx_initial_refinement_model.accession_code   5W6W 
_pdbx_initial_refinement_model.details          'tensegrity triangle' 
# 
_space_group.name_H-M_alt     'H 3' 
_space_group.name_Hall        'H 3' 
_space_group.IT_number        146 
_space_group.crystal_system   trigonal 
_space_group.id               1 
# 
_atom_sites.entry_id                    9NCM 
_atom_sites.Cartn_transf_matrix[1][1]   ? 
_atom_sites.Cartn_transf_matrix[1][2]   ? 
_atom_sites.Cartn_transf_matrix[1][3]   ? 
_atom_sites.Cartn_transf_matrix[2][1]   ? 
_atom_sites.Cartn_transf_matrix[2][2]   ? 
_atom_sites.Cartn_transf_matrix[2][3]   ? 
_atom_sites.Cartn_transf_matrix[3][1]   ? 
_atom_sites.Cartn_transf_matrix[3][2]   ? 
_atom_sites.Cartn_transf_matrix[3][3]   ? 
_atom_sites.Cartn_transf_vector[1]      ? 
_atom_sites.Cartn_transf_vector[2]      ? 
_atom_sites.Cartn_transf_vector[3]      ? 
_atom_sites.Cartn_transform_axes        ? 
_atom_sites.fract_transf_matrix[1][1]   0.00895036 
_atom_sites.fract_transf_matrix[1][2]   -0.00029025 
_atom_sites.fract_transf_matrix[1][3]   0.00604255 
_atom_sites.fract_transf_matrix[2][1]   0.00907505 
_atom_sites.fract_transf_matrix[2][2]   -0.00429072 
_atom_sites.fract_transf_matrix[2][3]   -0.00399224 
_atom_sites.fract_transf_matrix[3][1]   0.00292796 
_atom_sites.fract_transf_matrix[3][2]   0.00979047 
_atom_sites.fract_transf_matrix[3][3]   -0.00386668 
_atom_sites.fract_transf_vector[1]      -0.335186 
_atom_sites.fract_transf_vector[2]      -0.465756 
_atom_sites.fract_transf_vector[3]      0.525389 
_atom_sites.solution_primary            ? 
_atom_sites.solution_secondary          ? 
_atom_sites.solution_hydrogens          ? 
_atom_sites.special_details             ? 
# 
loop_
_atom_type.symbol 
_atom_type.scat_dispersion_real 
_atom_type.scat_dispersion_imag 
_atom_type.scat_Cromer_Mann_a1 
_atom_type.scat_Cromer_Mann_a2 
_atom_type.scat_Cromer_Mann_a3 
_atom_type.scat_Cromer_Mann_a4 
_atom_type.scat_Cromer_Mann_b1 
_atom_type.scat_Cromer_Mann_b2 
_atom_type.scat_Cromer_Mann_b3 
_atom_type.scat_Cromer_Mann_b4 
_atom_type.scat_Cromer_Mann_c 
_atom_type.scat_source 
_atom_type.scat_dispersion_source 
C ? ? 5.96793  ? ? ? 14.89577 ? ? ? 0.0 
;1-Gaussian fit: Grosse-Kunstleve RW, Sauter NK, Adams PD: Newsletter of the IUCr Commission on Crystallographic Computing 2004, 3, 22-31.
;
? 
N ? ? 6.96715  ? ? ? 11.43723 ? ? ? 0.0 
;1-Gaussian fit: Grosse-Kunstleve RW, Sauter NK, Adams PD: Newsletter of the IUCr Commission on Crystallographic Computing 2004, 3, 22-31.
;
? 
O ? ? 7.96527  ? ? ? 9.05267  ? ? ? 0.0 
;1-Gaussian fit: Grosse-Kunstleve RW, Sauter NK, Adams PD: Newsletter of the IUCr Commission on Crystallographic Computing 2004, 3, 22-31.
;
? 
P ? ? 14.90797 ? ? ? 11.91318 ? ? ? 0.0 
;1-Gaussian fit: Grosse-Kunstleve RW, Sauter NK, Adams PD: Newsletter of the IUCr Commission on Crystallographic Computing 2004, 3, 22-31.
;
? 
# 
loop_
_atom_site.group_PDB 
_atom_site.id 
_atom_site.type_symbol 
_atom_site.label_atom_id 
_atom_site.label_alt_id 
_atom_site.label_comp_id 
_atom_site.label_asym_id 
_atom_site.label_entity_id 
_atom_site.label_seq_id 
_atom_site.pdbx_PDB_ins_code 
_atom_site.Cartn_x 
_atom_site.Cartn_y 
_atom_site.Cartn_z 
_atom_site.occupancy 
_atom_site.B_iso_or_equiv 
_atom_site.pdbx_formal_charge 
_atom_site.auth_seq_id 
_atom_site.auth_comp_id 
_atom_site.auth_asym_id 
_atom_site.auth_atom_id 
_atom_site.pdbx_PDB_model_num 
ATOM 1   O "O5'" . DG A 1 1  ? 10.73448  -0.14531  -8.41972  1.000 348.01777 ? 4  DG A "O5'" 1 
ATOM 2   C "C5'" . DG A 1 1  ? 10.64975  0.42881   -7.12252  1.000 338.19941 ? 4  DG A "C5'" 1 
ATOM 3   C "C4'" . DG A 1 1  ? 11.99501  0.98296   -6.68485  1.000 354.62440 ? 4  DG A "C4'" 1 
ATOM 4   O "O4'" . DG A 1 1  ? 12.50046  1.88527   -7.69923  1.000 341.65578 ? 4  DG A "O4'" 1 
ATOM 5   C "C3'" . DG A 1 1  ? 11.96553  1.77077   -5.37870  1.000 367.66148 ? 4  DG A "C3'" 1 
ATOM 6   O "O3'" . DG A 1 1  ? 12.36286  0.93168   -4.26236  1.000 362.94093 ? 4  DG A "O3'" 1 
ATOM 7   C "C2'" . DG A 1 1  ? 12.94065  2.92040   -5.60671  1.000 380.94948 ? 4  DG A "C2'" 1 
ATOM 8   C "C1'" . DG A 1 1  ? 12.95210  3.09383   -7.11771  1.000 368.76747 ? 4  DG A "C1'" 1 
ATOM 9   N N9    . DG A 1 1  ? 12.10850  4.18178   -7.60223  1.000 318.74657 ? 4  DG A N9    1 
ATOM 10  C C8    . DG A 1 1  ? 10.73829  4.27719   -7.51437  1.000 308.96041 ? 4  DG A C8    1 
ATOM 11  N N7    . DG A 1 1  ? 10.25794  5.36113   -8.05816  1.000 315.72940 ? 4  DG A N7    1 
ATOM 12  C C5    . DG A 1 1  ? 11.38030  6.02346   -8.53988  1.000 328.45120 ? 4  DG A C5    1 
ATOM 13  C C6    . DG A 1 1  ? 11.48542  7.25402   -9.22414  1.000 332.14633 ? 4  DG A C6    1 
ATOM 14  O O6    . DG A 1 1  ? 10.57614  8.02926   -9.55212  1.000 326.26607 ? 4  DG A O6    1 
ATOM 15  N N1    . DG A 1 1  ? 12.81052  7.56009   -9.53189  1.000 340.03459 ? 4  DG A N1    1 
ATOM 16  C C2    . DG A 1 1  ? 13.89529  6.77480   -9.21563  1.000 346.01603 ? 4  DG A C2    1 
ATOM 17  N N2    . DG A 1 1  ? 15.09525  7.23578   -9.59613  1.000 352.63934 ? 4  DG A N2    1 
ATOM 18  N N3    . DG A 1 1  ? 13.81003  5.61859   -8.57542  1.000 342.21029 ? 4  DG A N3    1 
ATOM 19  C C4    . DG A 1 1  ? 12.52610  5.30766   -8.26903  1.000 332.06303 ? 4  DG A C4    1 
ATOM 20  P P     . DC A 1 2  ? 13.87702  0.39819   -4.07812  1.000 358.41435 ? 5  DC A P     1 
ATOM 21  O OP1   . DC A 1 2  ? 14.40870  -0.13936  -5.34942  1.000 380.36598 ? 5  DC A OP1   1 
ATOM 22  O OP2   . DC A 1 2  ? 13.84741  -0.47993  -2.89035  1.000 335.11331 ? 5  DC A OP2   1 
ATOM 23  O "O5'" . DC A 1 2  ? 14.73071  1.69040   -3.67043  1.000 346.56981 ? 5  DC A "O5'" 1 
ATOM 24  C "C5'" . DC A 1 2  ? 16.03304  1.87355   -4.21976  1.000 357.27097 ? 5  DC A "C5'" 1 
ATOM 25  C "C4'" . DC A 1 2  ? 16.52601  3.29794   -4.01738  1.000 375.53477 ? 5  DC A "C4'" 1 
ATOM 26  O "O4'" . DC A 1 2  ? 15.79735  4.21173   -4.87368  1.000 379.11995 ? 5  DC A "O4'" 1 
ATOM 27  C "C3'" . DC A 1 2  ? 16.38387  3.84642   -2.59127  1.000 384.67561 ? 5  DC A "C3'" 1 
ATOM 28  O "O3'" . DC A 1 2  ? 17.66686  4.17703   -2.07576  1.000 399.55834 ? 5  DC A "O3'" 1 
ATOM 29  C "C2'" . DC A 1 2  ? 15.50080  5.09342   -2.75410  1.000 387.19236 ? 5  DC A "C2'" 1 
ATOM 30  C "C1'" . DC A 1 2  ? 15.71995  5.44694   -4.21511  1.000 400.54049 ? 5  DC A "C1'" 1 
ATOM 31  N N1    . DC A 1 2  ? 14.61303  6.25932   -4.81357  1.000 323.25085 ? 5  DC A N1    1 
ATOM 32  C C2    . DC A 1 2  ? 14.91823  7.28224   -5.72067  1.000 328.78878 ? 5  DC A C2    1 
ATOM 33  O O2    . DC A 1 2  ? 16.10154  7.48887   -6.02256  1.000 333.56398 ? 5  DC A O2    1 
ATOM 34  N N3    . DC A 1 2  ? 13.90420  8.01507   -6.24842  1.000 325.97623 ? 5  DC A N3    1 
ATOM 35  C C4    . DC A 1 2  ? 12.64028  7.76058   -5.89689  1.000 320.61769 ? 5  DC A C4    1 
ATOM 36  N N4    . DC A 1 2  ? 11.67619  8.50961   -6.44124  1.000 317.52309 ? 5  DC A N4    1 
ATOM 37  C C5    . DC A 1 2  ? 12.31013  6.72557   -4.97258  1.000 316.75518 ? 5  DC A C5    1 
ATOM 38  C C6    . DC A 1 2  ? 13.31780  6.01243   -4.45560  1.000 316.20411 ? 5  DC A C6    1 
ATOM 39  P P     . DA A 1 3  ? 17.81224  4.83209   -0.61591  1.000 417.42042 ? 6  DA A P     1 
ATOM 40  O OP1   . DA A 1 3  ? 19.19170  4.57813   -0.14339  1.000 407.41909 ? 6  DA A OP1   1 
ATOM 41  O OP2   . DA A 1 3  ? 16.65575  4.38784   0.19497   1.000 373.91841 ? 6  DA A OP2   1 
ATOM 42  O "O5'" . DA A 1 3  ? 17.65169  6.39959   -0.88197  1.000 408.22871 ? 6  DA A "O5'" 1 
ATOM 43  C "C5'" . DA A 1 3  ? 18.54917  7.07407   -1.75842  1.000 392.11102 ? 6  DA A "C5'" 1 
ATOM 44  C "C4'" . DA A 1 3  ? 18.44604  8.57150   -1.55548  1.000 402.05444 ? 6  DA A "C4'" 1 
ATOM 45  O "O4'" . DA A 1 3  ? 17.36613  9.09314   -2.37127  1.000 412.75212 ? 6  DA A "O4'" 1 
ATOM 46  C "C3'" . DA A 1 3  ? 18.15091  8.98082   -0.11384  1.000 404.34151 ? 6  DA A "C3'" 1 
ATOM 47  O "O3'" . DA A 1 3  ? 19.05199  9.98264   0.32539   1.000 412.14852 ? 6  DA A "O3'" 1 
ATOM 48  C "C2'" . DA A 1 3  ? 16.71040  9.48574   -0.14259  1.000 382.97368 ? 6  DA A "C2'" 1 
ATOM 49  C "C1'" . DA A 1 3  ? 16.50186  9.89326   -1.59570  1.000 402.10821 ? 6  DA A "C1'" 1 
ATOM 50  N N9    . DA A 1 3  ? 15.13427  9.65311   -2.04987  1.000 322.77087 ? 6  DA A N9    1 
ATOM 51  C C8    . DA A 1 3  ? 14.56189  8.43872   -2.29791  1.000 328.33221 ? 6  DA A C8    1 
ATOM 52  N N7    . DA A 1 3  ? 13.31197  8.51002   -2.68167  1.000 328.80080 ? 6  DA A N7    1 
ATOM 53  C C5    . DA A 1 3  ? 13.03921  9.86402   -2.69090  1.000 323.40940 ? 6  DA A C5    1 
ATOM 54  C C6    . DA A 1 3  ? 11.87643  10.58999  -3.01189  1.000 319.61080 ? 6  DA A C6    1 
ATOM 55  N N6    . DA A 1 3  ? 10.73705  10.01168  -3.40513  1.000 321.13314 ? 6  DA A N6    1 
ATOM 56  N N1    . DA A 1 3  ? 11.93010  11.93491  -2.91252  1.000 312.32372 ? 6  DA A N1    1 
ATOM 57  C C2    . DA A 1 3  ? 13.07753  12.50664  -2.51650  1.000 317.22329 ? 6  DA A C2    1 
ATOM 58  N N3    . DA A 1 3  ? 14.23713  11.92699  -2.18981  1.000 321.39938 ? 6  DA A N3    1 
ATOM 59  C C4    . DA A 1 3  ? 14.14937  10.59022  -2.29965  1.000 319.05129 ? 6  DA A C4    1 
ATOM 60  P P     . DC A 1 4  ? 19.11089  10.36478  1.88545   1.000 374.18100 ? 7  DC A P     1 
ATOM 61  O OP1   . DC A 1 4  ? 20.42827  10.98530  2.14966   1.000 376.08395 ? 7  DC A OP1   1 
ATOM 62  O OP2   . DC A 1 4  ? 18.68296  9.16885   2.64828   1.000 355.68303 ? 7  DC A OP2   1 
ATOM 63  O "O5'" . DC A 1 4  ? 17.97400  11.47900  2.04824   1.000 351.50694 ? 7  DC A "O5'" 1 
ATOM 64  C "C5'" . DC A 1 4  ? 18.01164  12.65200  1.24151   1.000 353.64569 ? 7  DC A "C5'" 1 
ATOM 65  C "C4'" . DC A 1 4  ? 16.72315  13.44667  1.37293   1.000 343.08574 ? 7  DC A "C4'" 1 
ATOM 66  O "O4'" . DC A 1 4  ? 15.65166  12.76758  0.67021   1.000 337.25820 ? 7  DC A "O4'" 1 
ATOM 67  C "C3'" . DC A 1 4  ? 16.22533  13.65158  2.81420   1.000 338.30222 ? 7  DC A "C3'" 1 
ATOM 68  O "O3'" . DC A 1 4  ? 16.11610  15.04777  3.10951   1.000 345.95259 ? 7  DC A "O3'" 1 
ATOM 69  C "C2'" . DC A 1 4  ? 14.85500  12.96161  2.83362   1.000 319.36091 ? 7  DC A "C2'" 1 
ATOM 70  C "C1'" . DC A 1 4  ? 14.46087  13.00913  1.36624   1.000 325.38769 ? 7  DC A "C1'" 1 
ATOM 71  N N1    . DC A 1 4  ? 13.43951  11.98304  0.98292   1.000 321.29427 ? 7  DC A N1    1 
ATOM 72  C C2    . DC A 1 4  ? 12.15130  12.39606  0.62285   1.000 312.74017 ? 7  DC A C2    1 
ATOM 73  O O2    . DC A 1 4  ? 11.88655  13.60524  0.63449   1.000 307.06930 ? 7  DC A O2    1 
ATOM 74  N N3    . DC A 1 4  ? 11.22725  11.45662  0.29623   1.000 324.82463 ? 7  DC A N3    1 
ATOM 75  C C4    . DC A 1 4  ? 11.55808  10.16245  0.30866   1.000 337.78496 ? 7  DC A C4    1 
ATOM 76  N N4    . DC A 1 4  ? 10.61979  9.27059   -0.02871  1.000 367.44244 ? 7  DC A N4    1 
ATOM 77  C C5    . DC A 1 4  ? 12.86703  9.72483   0.66796   1.000 331.24818 ? 7  DC A C5    1 
ATOM 78  C C6    . DC A 1 4  ? 13.76445  10.65958  0.99871   1.000 331.67033 ? 7  DC A C6    1 
ATOM 79  P P     . DC A 1 5  ? 16.39953  15.59111  4.59896   1.000 358.19022 ? 8  DC A P     1 
ATOM 80  O OP1   . DC A 1 5  ? 17.47513  16.60456  4.50338   1.000 363.83870 ? 8  DC A OP1   1 
ATOM 81  O OP2   . DC A 1 5  ? 16.56823  14.42655  5.49769   1.000 351.41641 ? 8  DC A OP2   1 
ATOM 82  O "O5'" . DC A 1 5  ? 15.03942  16.33045  5.00944   1.000 334.21755 ? 8  DC A "O5'" 1 
ATOM 83  C "C5'" . DC A 1 5  ? 13.79847  15.64101  4.92857   1.000 324.68872 ? 8  DC A "C5'" 1 
ATOM 84  C "C4'" . DC A 1 5  ? 12.77446  16.45912  4.16038   1.000 323.04941 ? 8  DC A "C4'" 1 
ATOM 85  O "O4'" . DC A 1 5  ? 12.12324  15.61166  3.17676   1.000 318.65174 ? 8  DC A "O4'" 1 
ATOM 86  C "C3'" . DC A 1 5  ? 11.64643  17.02725  5.00684   1.000 316.39106 ? 8  DC A "C3'" 1 
ATOM 87  O "O3'" . DC A 1 5  ? 11.11338  18.20488  4.39574   1.000 319.93058 ? 8  DC A "O3'" 1 
ATOM 88  C "C2'" . DC A 1 5  ? 10.64055  15.88376  4.99050   1.000 306.55139 ? 8  DC A "C2'" 1 
ATOM 89  C "C1'" . DC A 1 5  ? 10.78082  15.36742  3.56169   1.000 308.96653 ? 8  DC A "C1'" 1 
ATOM 90  N N1    . DC A 1 5  ? 10.50457  13.89898  3.42434   1.000 302.87872 ? 8  DC A N1    1 
ATOM 91  C C2    . DC A 1 5  ? 9.22043   13.45830  3.06629   1.000 294.72911 ? 8  DC A C2    1 
ATOM 92  O O2    . DC A 1 5  ? 8.32634   14.29264  2.87229   1.000 294.85152 ? 8  DC A O2    1 
ATOM 93  N N3    . DC A 1 5  ? 8.99368   12.12181  2.95205   1.000 295.85237 ? 8  DC A N3    1 
ATOM 94  C C4    . DC A 1 5  ? 9.98486   11.25357  3.17167   1.000 298.36446 ? 8  DC A C4    1 
ATOM 95  N N4    . DC A 1 5  ? 9.71584   9.94816   3.04408   1.000 311.48352 ? 8  DC A N4    1 
ATOM 96  C C5    . DC A 1 5  ? 11.29504  11.68395  3.53801   1.000 300.50716 ? 8  DC A C5    1 
ATOM 97  C C6    . DC A 1 5  ? 11.50762  13.00166  3.64997   1.000 305.50056 ? 8  DC A C6    1 
ATOM 98  P P     . DT A 1 6  ? 10.37763  19.32391  5.28823   1.000 346.87821 ? 9  DT A P     1 
ATOM 99  O OP1   . DT A 1 6  ? 9.41824   20.03334  4.41023   1.000 334.69690 ? 9  DT A OP1   1 
ATOM 100 O OP2   . DT A 1 6  ? 11.42638  20.08641  6.00135   1.000 366.73418 ? 9  DT A OP2   1 
ATOM 101 O "O5'" . DT A 1 6  ? 9.57693   18.47743  6.38914   1.000 323.53325 ? 9  DT A "O5'" 1 
ATOM 102 C "C5'" . DT A 1 6  ? 8.35457   18.97372  6.93734   1.000 315.58830 ? 9  DT A "C5'" 1 
ATOM 103 C "C4'" . DT A 1 6  ? 7.15566   18.38222  6.21351   1.000 301.61695 ? 9  DT A "C4'" 1 
ATOM 104 O "O4'" . DT A 1 6  ? 7.45057   17.03432  5.82116   1.000 309.97424 ? 9  DT A "O4'" 1 
ATOM 105 C "C3'" . DT A 1 6  ? 5.87702   18.28465  7.04919   1.000 289.39692 ? 9  DT A "C3'" 1 
ATOM 106 O "O3'" . DT A 1 6  ? 4.99493   19.35306  6.72356   1.000 290.52122 ? 9  DT A "O3'" 1 
ATOM 107 C "C2'" . DT A 1 6  ? 5.27132   16.91728  6.67680   1.000 276.36121 ? 9  DT A "C2'" 1 
ATOM 108 C "C1'" . DT A 1 6  ? 6.23472   16.36569  5.63424   1.000 287.13919 ? 9  DT A "C1'" 1 
ATOM 109 N N1    . DT A 1 6  ? 6.48049   14.88794  5.71553   1.000 277.44950 ? 9  DT A N1    1 
ATOM 110 C C2    . DT A 1 6  ? 5.44583   14.00933  5.48245   1.000 275.74601 ? 9  DT A C2    1 
ATOM 111 O O2    . DT A 1 6  ? 4.30565   14.36275  5.23792   1.000 302.18267 ? 9  DT A O2    1 
ATOM 112 N N3    . DT A 1 6  ? 5.79506   12.68676  5.55418   1.000 278.61139 ? 9  DT A N3    1 
ATOM 113 C C4    . DT A 1 6  ? 7.04164   12.16180  5.81868   1.000 274.64474 ? 9  DT A C4    1 
ATOM 114 O O4    . DT A 1 6  ? 7.25148   10.95294  5.85951   1.000 280.06668 ? 9  DT A O4    1 
ATOM 115 C C5    . DT A 1 6  ? 8.08152   13.13074  6.04467   1.000 272.69789 ? 9  DT A C5    1 
ATOM 116 C C7    . DT A 1 6  ? 9.47581   12.67711  6.34882   1.000 278.09864 ? 9  DT A C7    1 
ATOM 117 C C6    . DT A 1 6  ? 7.75536   14.43183  5.98017   1.000 285.70599 ? 9  DT A C6    1 
ATOM 118 P P     . DG A 1 7  ? 4.76041   20.54584  7.77339   1.000 301.75324 ? 10 DG A P     1 
ATOM 119 O OP1   . DG A 1 7  ? 4.73007   21.82194  7.02424   1.000 295.51572 ? 10 DG A OP1   1 
ATOM 120 O OP2   . DG A 1 7  ? 5.72836   20.34654  8.87569   1.000 364.01527 ? 10 DG A OP2   1 
ATOM 121 O "O5'" . DG A 1 7  ? 3.30240   20.26203  8.35439   1.000 274.29689 ? 10 DG A "O5'" 1 
ATOM 122 C "C5'" . DG A 1 7  ? 2.24535   19.91880  7.47509   1.000 271.32216 ? 10 DG A "C5'" 1 
ATOM 123 C "C4'" . DG A 1 7  ? 1.35451   18.87150  8.10954   1.000 256.37383 ? 10 DG A "C4'" 1 
ATOM 124 O "O4'" . DG A 1 7  ? 1.98288   17.56800  7.99282   1.000 254.96908 ? 10 DG A "O4'" 1 
ATOM 125 C "C3'" . DG A 1 7  ? 1.08702   19.07802  9.60250   1.000 250.48549 ? 10 DG A "C3'" 1 
ATOM 126 O "O3'" . DG A 1 7  ? -0.28357  18.83384  9.88924   1.000 244.22929 ? 10 DG A "O3'" 1 
ATOM 127 C "C2'" . DG A 1 7  ? 1.99024   18.04004  10.26650  1.000 249.26495 ? 10 DG A "C2'" 1 
ATOM 128 C "C1'" . DG A 1 7  ? 1.93652   16.92374  9.24316   1.000 248.17906 ? 10 DG A "C1'" 1 
ATOM 129 N N9    . DG A 1 7  ? 3.05143   15.98547  9.33612   1.000 249.91072 ? 10 DG A N9    1 
ATOM 130 C C8    . DG A 1 7  ? 4.36245   16.27822  9.62447   1.000 258.11378 ? 10 DG A C8    1 
ATOM 131 N N7    . DG A 1 7  ? 5.13941   15.22921  9.63818   1.000 259.07114 ? 10 DG A N7    1 
ATOM 132 C C5    . DG A 1 7  ? 4.28403   14.17103  9.35828   1.000 250.93451 ? 10 DG A C5    1 
ATOM 133 C C6    . DG A 1 7  ? 4.55124   12.78507  9.24644   1.000 248.22803 ? 10 DG A C6    1 
ATOM 134 O O6    . DG A 1 7  ? 5.63432   12.19347  9.37511   1.000 252.61684 ? 10 DG A O6    1 
ATOM 135 N N1    . DG A 1 7  ? 3.39654   12.06465  8.95225   1.000 259.30949 ? 10 DG A N1    1 
ATOM 136 C C2    . DG A 1 7  ? 2.14559   12.61058  8.78529   1.000 261.23677 ? 10 DG A C2    1 
ATOM 137 N N2    . DG A 1 7  ? 1.15223   11.76020  8.50233   1.000 273.49545 ? 10 DG A N2    1 
ATOM 138 N N3    . DG A 1 7  ? 1.88268   13.90441  8.88619   1.000 251.39142 ? 10 DG A N3    1 
ATOM 139 C C4    . DG A 1 7  ? 2.99403   14.62203  9.17319   1.000 245.12988 ? 10 DG A C4    1 
ATOM 140 P P     . DT A 1 8  ? -0.93770  19.43176  11.22980  1.000 267.52638 ? 11 DT A P     1 
ATOM 141 O OP1   . DT A 1 8  ? -2.40830  19.27149  11.15079  1.000 273.61458 ? 11 DT A OP1   1 
ATOM 142 O OP2   . DT A 1 8  ? -0.36573  20.78869  11.39654  1.000 265.94261 ? 11 DT A OP2   1 
ATOM 143 O "O5'" . DT A 1 8  ? -0.37172  18.48362  12.39670  1.000 303.42674 ? 11 DT A "O5'" 1 
ATOM 144 C "C5'" . DT A 1 8  ? -1.22349  17.50350  13.01315  1.000 283.15306 ? 11 DT A "C5'" 1 
ATOM 145 C "C4'" . DT A 1 8  ? -1.57341  16.39540  12.03313  1.000 256.19756 ? 11 DT A "C4'" 1 
ATOM 146 O "O4'" . DT A 1 8  ? -0.35737  15.76881  11.54681  1.000 244.87150 ? 11 DT A "O4'" 1 
ATOM 147 C "C3'" . DT A 1 8  ? -2.41511  15.26371  12.60401  1.000 226.71417 ? 11 DT A "C3'" 1 
ATOM 148 O "O3'" . DT A 1 8  ? -3.28600  14.76709  11.59726  1.000 220.95300 ? 11 DT A "O3'" 1 
ATOM 149 C "C2'" . DT A 1 8  ? -1.36137  14.23160  12.98432  1.000 227.49400 ? 11 DT A "C2'" 1 
ATOM 150 C "C1'" . DT A 1 8  ? -0.39513  14.38543  11.82644  1.000 238.43974 ? 11 DT A "C1'" 1 
ATOM 151 N N1    . DT A 1 8  ? 0.99672   13.92787  12.11089  1.000 245.16187 ? 11 DT A N1    1 
ATOM 152 C C2    . DT A 1 8  ? 1.29860   12.58177  12.05110  1.000 239.86614 ? 11 DT A C2    1 
ATOM 153 O O2    . DT A 1 8  ? 0.47277   11.72041  11.79882  1.000 263.42732 ? 11 DT A O2    1 
ATOM 154 N N3    . DT A 1 8  ? 2.61250   12.28048  12.30956  1.000 245.88028 ? 11 DT A N3    1 
ATOM 155 C C4    . DT A 1 8  ? 3.62879   13.17286  12.60126  1.000 254.30900 ? 11 DT A C4    1 
ATOM 156 O O4    . DT A 1 8  ? 4.77868   12.81117  12.82231  1.000 259.30255 ? 11 DT A O4    1 
ATOM 157 C C5    . DT A 1 8  ? 3.24422   14.56248  12.64311  1.000 257.06557 ? 11 DT A C5    1 
ATOM 158 C C7    . DT A 1 8  ? 4.26242   15.61543  12.95487  1.000 266.39567 ? 11 DT A C7    1 
ATOM 159 C C6    . DT A 1 8  ? 1.96487   14.86965  12.39407  1.000 251.29802 ? 11 DT A C6    1 
ATOM 160 P P     . DA B 2 1  ? 7.60881   2.27827   10.39478  1.000 325.77066 ? 5  DA B P     1 
ATOM 161 O OP1   . DA B 2 1  ? 7.82626   3.49696   9.57982   1.000 318.29036 ? 5  DA B OP1   1 
ATOM 162 O OP2   . DA B 2 1  ? 7.07582   1.04857   9.76588   1.000 339.73998 ? 5  DA B OP2   1 
ATOM 163 O "O5'" . DA B 2 1  ? 6.66049   2.64376   11.63133  1.000 324.69516 ? 5  DA B "O5'" 1 
ATOM 164 C "C5'" . DA B 2 1  ? 5.81368   1.65202   12.19811  1.000 324.68818 ? 5  DA B "C5'" 1 
ATOM 165 C "C4'" . DA B 2 1  ? 4.37636   2.14216   12.28257  1.000 289.48520 ? 5  DA B "C4'" 1 
ATOM 166 O "O4'" . DA B 2 1  ? 4.34282   3.47575   12.86052  1.000 290.86618 ? 5  DA B "O4'" 1 
ATOM 167 C "C3'" . DA B 2 1  ? 3.65107   2.26630   10.94955  1.000 269.95129 ? 5  DA B "C3'" 1 
ATOM 168 O "O3'" . DA B 2 1  ? 2.26353   2.05525   11.15223  1.000 274.65903 ? 5  DA B "O3'" 1 
ATOM 169 C "C2'" . DA B 2 1  ? 3.93633   3.71279   10.56988  1.000 281.41971 ? 5  DA B "C2'" 1 
ATOM 170 C "C1'" . DA B 2 1  ? 3.79218   4.38357   11.92403  1.000 275.15918 ? 5  DA B "C1'" 1 
ATOM 171 N N9    . DA B 2 1  ? 4.50797   5.65019   12.03874  1.000 283.90319 ? 5  DA B N9    1 
ATOM 172 C C8    . DA B 2 1  ? 5.85907   5.82609   12.14244  1.000 288.98080 ? 5  DA B C8    1 
ATOM 173 N N7    . DA B 2 1  ? 6.22298   7.08305   12.24119  1.000 292.60543 ? 5  DA B N7    1 
ATOM 174 C C5    . DA B 2 1  ? 5.02899   7.77930   12.20425  1.000 282.45582 ? 5  DA B C5    1 
ATOM 175 C C6    . DA B 2 1  ? 4.73482   9.15518   12.26689  1.000 283.08575 ? 5  DA B C6    1 
ATOM 176 N N6    . DA B 2 1  ? 5.67260   10.09678  12.38715  1.000 292.36005 ? 5  DA B N6    1 
ATOM 177 N N1    . DA B 2 1  ? 3.43854   9.52454   12.19859  1.000 281.79989 ? 5  DA B N1    1 
ATOM 178 C C2    . DA B 2 1  ? 2.50422   8.57185   12.07772  1.000 281.84055 ? 5  DA B C2    1 
ATOM 179 N N3    . DA B 2 1  ? 2.66095   7.24536   12.00892  1.000 256.57916 ? 5  DA B N3    1 
ATOM 180 C C4    . DA B 2 1  ? 3.95981   6.91330   12.07875  1.000 268.87692 ? 5  DA B C4    1 
ATOM 181 P P     . DC B 2 2  ? 1.30546   1.70013   9.91430   1.000 320.78650 ? 6  DC B P     1 
ATOM 182 O OP1   . DC B 2 2  ? 0.73028   0.36325   10.17986  1.000 330.76100 ? 6  DC B OP1   1 
ATOM 183 O OP2   . DC B 2 2  ? 2.06397   1.93091   8.66385   1.000 307.53234 ? 6  DC B OP2   1 
ATOM 184 O "O5'" . DC B 2 2  ? 0.14480   2.79753   10.00868  1.000 308.87479 ? 6  DC B "O5'" 1 
ATOM 185 C "C5'" . DC B 2 2  ? 0.47745   4.16400   10.23385  1.000 284.38936 ? 6  DC B "C5'" 1 
ATOM 186 C "C4'" . DC B 2 2  ? -0.04666  5.03986   9.11185   1.000 286.39234 ? 6  DC B "C4'" 1 
ATOM 187 O "O4'" . DC B 2 2  ? 0.66846   6.30694   9.11464   1.000 272.38260 ? 6  DC B "O4'" 1 
ATOM 188 C "C3'" . DC B 2 2  ? 0.16075   4.47936   7.70630   1.000 287.65893 ? 6  DC B "C3'" 1 
ATOM 189 O "O3'" . DC B 2 2  ? -0.79803  5.05156   6.82325   1.000 269.44706 ? 6  DC B "O3'" 1 
ATOM 190 C "C2'" . DC B 2 2  ? 1.54327   5.01430   7.38999   1.000 269.10524 ? 6  DC B "C2'" 1 
ATOM 191 C "C1'" . DC B 2 2  ? 1.35303   6.43658   7.88558   1.000 270.31471 ? 6  DC B "C1'" 1 
ATOM 192 N N1    . DC B 2 2  ? 2.60929   7.19384   8.10209   1.000 262.04001 ? 6  DC B N1    1 
ATOM 193 C C2    . DC B 2 2  ? 2.54388   8.57822   8.26124   1.000 264.49536 ? 6  DC B C2    1 
ATOM 194 O O2    . DC B 2 2  ? 1.43664   9.12689   8.23125   1.000 296.42763 ? 6  DC B O2    1 
ATOM 195 N N3    . DC B 2 2  ? 3.69079   9.27107   8.44880   1.000 272.46622 ? 6  DC B N3    1 
ATOM 196 C C4    . DC B 2 2  ? 4.86307   8.62906   8.47420   1.000 289.25671 ? 6  DC B C4    1 
ATOM 197 N N4    . DC B 2 2  ? 5.97038   9.35428   8.66352   1.000 295.90982 ? 6  DC B N4    1 
ATOM 198 C C5    . DC B 2 2  ? 4.95066   7.21450   8.30567   1.000 305.53896 ? 6  DC B C5    1 
ATOM 199 C C6    . DC B 2 2  ? 3.80955   6.54322   8.12012   1.000 279.42966 ? 6  DC B C6    1 
ATOM 200 P P     . DA B 2 3  ? -2.22764  4.35830   6.59424   1.000 252.68065 ? 7  DA B P     1 
ATOM 201 O OP1   . DA B 2 3  ? -2.79514  4.00994   7.91419   1.000 260.17777 ? 7  DA B OP1   1 
ATOM 202 O OP2   . DA B 2 3  ? -2.03754  3.32168   5.55564   1.000 246.74894 ? 7  DA B OP2   1 
ATOM 203 O "O5'" . DA B 2 3  ? -3.12375  5.52855   5.97216   1.000 253.79616 ? 7  DA B "O5'" 1 
ATOM 204 C "C5'" . DA B 2 3  ? -2.95268  6.87562   6.42354   1.000 250.85675 ? 7  DA B "C5'" 1 
ATOM 205 C "C4'" . DA B 2 3  ? -2.53572  7.78003   5.27548   1.000 240.30520 ? 7  DA B "C4'" 1 
ATOM 206 O "O4'" . DA B 2 3  ? -1.18944  8.23246   5.48787   1.000 240.44087 ? 7  DA B "O4'" 1 
ATOM 207 C "C3'" . DA B 2 3  ? -2.50860  7.10497   3.90933   1.000 241.85358 ? 7  DA B "C3'" 1 
ATOM 208 O "O3'" . DA B 2 3  ? -3.75834  7.29288   3.21505   1.000 241.29267 ? 7  DA B "O3'" 1 
ATOM 209 C "C2'" . DA B 2 3  ? -1.32577  7.76032   3.17143   1.000 249.90724 ? 7  DA B "C2'" 1 
ATOM 210 C "C1'" . DA B 2 3  ? -0.64445  8.61343   4.24744   1.000 240.90928 ? 7  DA B "C1'" 1 
ATOM 211 N N9    . DA B 2 3  ? 0.79750   8.42979   4.31010   1.000 242.09578 ? 7  DA B N9    1 
ATOM 212 C C8    . DA B 2 3  ? 1.48564   7.25337   4.20175   1.000 244.25609 ? 7  DA B C8    1 
ATOM 213 N N7    . DA B 2 3  ? 2.78573   7.39184   4.30078   1.000 265.78310 ? 7  DA B N7    1 
ATOM 214 C C5    . DA B 2 3  ? 2.95880   8.75299   4.48787   1.000 248.54818 ? 7  DA B C5    1 
ATOM 215 C C6    . DA B 2 3  ? 4.10391   9.54701   4.66404   1.000 260.69153 ? 7  DA B C6    1 
ATOM 216 N N6    . DA B 2 3  ? 5.34680   9.05258   4.67837   1.000 277.44427 ? 7  DA B N6    1 
ATOM 217 N N1    . DA B 2 3  ? 3.92244   10.87545  4.82192   1.000 254.76956 ? 7  DA B N1    1 
ATOM 218 C C2    . DA B 2 3  ? 2.68008   11.36477  4.80707   1.000 256.28818 ? 7  DA B C2    1 
ATOM 219 N N3    . DA B 2 3  ? 1.53062   10.72019  4.65181   1.000 239.50418 ? 7  DA B N3    1 
ATOM 220 C C4    . DA B 2 3  ? 1.74201   9.40546   4.49581   1.000 241.40762 ? 7  DA B C4    1 
ATOM 221 P P     . DC B 2 4  ? -4.45392  8.74269   3.06650   1.000 231.02122 ? 8  DC B P     1 
ATOM 222 O OP1   . DC B 2 4  ? -3.44621  9.82923   3.06520   1.000 230.27677 ? 8  DC B OP1   1 
ATOM 223 O OP2   . DC B 2 4  ? -5.58072  8.79839   4.02371   1.000 229.90799 ? 8  DC B OP2   1 
ATOM 224 O "O5'" . DC B 2 4  ? -5.09545  8.67288   1.60482   1.000 231.75495 ? 8  DC B "O5'" 1 
ATOM 225 C "C5'" . DC B 2 4  ? -4.25319  8.42204   0.47847   1.000 250.26109 ? 8  DC B "C5'" 1 
ATOM 226 C "C4'" . DC B 2 4  ? -4.60702  7.10612   -0.20433  1.000 263.64207 ? 8  DC B "C4'" 1 
ATOM 227 O "O4'" . DC B 2 4  ? -4.61858  6.02315   0.75935   1.000 235.50717 ? 8  DC B "O4'" 1 
ATOM 228 C "C3'" . DC B 2 4  ? -5.97102  7.08069   -0.89675  1.000 251.41340 ? 8  DC B "C3'" 1 
ATOM 229 O "O3'" . DC B 2 4  ? -5.80501  6.72295   -2.26058  1.000 268.71609 ? 8  DC B "O3'" 1 
ATOM 230 C "C2'" . DC B 2 4  ? -6.77105  6.02239   -0.11987  1.000 235.12266 ? 8  DC B "C2'" 1 
ATOM 231 C "C1'" . DC B 2 4  ? -5.67084  5.14279   0.44807   1.000 236.23185 ? 8  DC B "C1'" 1 
ATOM 232 N N1    . DC B 2 4  ? -6.02033  4.37537   1.70524   1.000 236.24933 ? 8  DC B N1    1 
ATOM 233 C C2    . DC B 2 4  ? -7.19625  3.59605   1.79004   1.000 236.61557 ? 8  DC B C2    1 
ATOM 234 O O2    . DC B 2 4  ? -7.98608  3.55388   0.83617   1.000 236.86520 ? 8  DC B O2    1 
ATOM 235 N N3    . DC B 2 4  ? -7.44080  2.91570   2.94324   1.000 238.96522 ? 8  DC B N3    1 
ATOM 236 C C4    . DC B 2 4  ? -6.57314  2.98160   3.95722   1.000 266.50083 ? 8  DC B C4    1 
ATOM 237 N N4    . DC B 2 4  ? -6.85114  2.29523   5.06843   1.000 291.41684 ? 8  DC B N4    1 
ATOM 238 C C5    . DC B 2 4  ? -5.37972  3.74955   3.87963   1.000 264.30560 ? 8  DC B C5    1 
ATOM 239 C C6    . DC B 2 4  ? -5.14432  4.41722   2.75095   1.000 236.08855 ? 8  DC B C6    1 
ATOM 240 P P     . DC B 2 5  ? -6.29203  7.72250   -3.42035  1.000 235.54282 ? 9  DC B P     1 
ATOM 241 O OP1   . DC B 2 5  ? -5.61608  7.32148   -4.67438  1.000 236.75916 ? 9  DC B OP1   1 
ATOM 242 O OP2   . DC B 2 5  ? -6.14313  9.10567   -2.91600  1.000 246.16473 ? 9  DC B OP2   1 
ATOM 243 O "O5'" . DC B 2 5  ? -7.85564  7.41417   -3.55351  1.000 241.90857 ? 9  DC B "O5'" 1 
ATOM 244 C "C5'" . DC B 2 5  ? -8.78993  8.48322   -3.63182  1.000 259.07273 ? 9  DC B "C5'" 1 
ATOM 245 C "C4'" . DC B 2 5  ? -10.20036 7.98545   -3.37112  1.000 260.02990 ? 9  DC B "C4'" 1 
ATOM 246 O "O4'" . DC B 2 5  ? -10.22277 7.21129   -2.13692  1.000 242.01317 ? 9  DC B "O4'" 1 
ATOM 247 C "C3'" . DC B 2 5  ? -11.22322 9.08117   -3.14587  1.000 263.94107 ? 9  DC B "C3'" 1 
ATOM 248 O "O3'" . DC B 2 5  ? -12.53447 8.55706   -3.35996  1.000 250.78590 ? 9  DC B "O3'" 1 
ATOM 249 C "C2'" . DC B 2 5  ? -10.99246 9.35701   -1.66825  1.000 280.51114 ? 9  DC B "C2'" 1 
ATOM 250 C "C1'" . DC B 2 5  ? -10.95725 7.92581   -1.15844  1.000 258.04351 ? 9  DC B "C1'" 1 
ATOM 251 N N1    . DC B 2 5  ? -10.29100 7.74816   0.17021   1.000 248.61893 ? 9  DC B N1    1 
ATOM 252 C C2    . DC B 2 5  ? -10.87298 6.90071   1.12773   1.000 239.35029 ? 9  DC B C2    1 
ATOM 253 O O2    . DC B 2 5  ? -11.93668 6.32489   0.85762   1.000 244.63712 ? 9  DC B O2    1 
ATOM 254 N N3    . DC B 2 5  ? -10.25514 6.73639   2.32690   1.000 230.58985 ? 9  DC B N3    1 
ATOM 255 C C4    . DC B 2 5  ? -9.11131  7.37772   2.57972   1.000 230.05009 ? 9  DC B C4    1 
ATOM 256 N N4    . DC B 2 5  ? -8.54011  7.18370   3.77493   1.000 229.70145 ? 9  DC B N4    1 
ATOM 257 C C5    . DC B 2 5  ? -8.50449  8.24609   1.61852   1.000 229.96218 ? 9  DC B C5    1 
ATOM 258 C C6    . DC B 2 5  ? -9.12113  8.39710   0.43747   1.000 230.56958 ? 9  DC B C6    1 
ATOM 259 P P     . DG B 2 6  ? -13.17483 8.46859   -4.83353  1.000 261.87088 ? 10 DG B P     1 
ATOM 260 O OP1   . DG B 2 6  ? -12.33534 7.57763   -5.66597  1.000 306.24520 ? 10 DG B OP1   1 
ATOM 261 O OP2   . DG B 2 6  ? -13.45580 9.85072   -5.28505  1.000 258.17497 ? 10 DG B OP2   1 
ATOM 262 O "O5'" . DG B 2 6  ? -14.58734 7.75484   -4.57992  1.000 257.52658 ? 10 DG B "O5'" 1 
ATOM 263 C "C5'" . DG B 2 6  ? -14.69990 6.72922   -3.59266  1.000 252.25947 ? 10 DG B "C5'" 1 
ATOM 264 C "C4'" . DG B 2 6  ? -16.15268 6.49859   -3.18817  1.000 267.65829 ? 10 DG B "C4'" 1 
ATOM 265 O "O4'" . DG B 2 6  ? -16.31224 6.75679   -1.77951  1.000 256.98598 ? 10 DG B "O4'" 1 
ATOM 266 C "C3'" . DG B 2 6  ? -17.17824 7.40757   -3.83787  1.000 268.64331 ? 10 DG B "C3'" 1 
ATOM 267 O "O3'" . DG B 2 6  ? -18.46965 6.75854   -3.79702  1.000 293.35783 ? 10 DG B "O3'" 1 
ATOM 268 C "C2'" . DG B 2 6  ? -17.11315 8.66444   -2.95585  1.000 264.08017 ? 10 DG B "C2'" 1 
ATOM 269 C "C1'" . DG B 2 6  ? -16.67962 8.11611   -1.58916  1.000 279.85039 ? 10 DG B "C1'" 1 
ATOM 270 N N9    . DG B 2 6  ? -15.52406 8.80482   -1.02497  1.000 269.21760 ? 10 DG B N9    1 
ATOM 271 C C8    . DG B 2 6  ? -14.80127 9.82363   -1.59540  1.000 246.22771 ? 10 DG B C8    1 
ATOM 272 N N7    . DG B 2 6  ? -13.80203 10.22580  -0.85823  1.000 231.81289 ? 10 DG B N7    1 
ATOM 273 C C5    . DG B 2 6  ? -13.85239 9.40657   0.26362   1.000 252.23697 ? 10 DG B C5    1 
ATOM 274 C C6    . DG B 2 6  ? -13.01889 9.36903   1.41227   1.000 238.66692 ? 10 DG B C6    1 
ATOM 275 O O6    . DG B 2 6  ? -12.03033 10.07166  1.67635   1.000 231.88814 ? 10 DG B O6    1 
ATOM 276 N N1    . DG B 2 6  ? -13.43201 8.38897   2.31152   1.000 237.09269 ? 10 DG B N1    1 
ATOM 277 C C2    . DG B 2 6  ? -14.51197 7.55199   2.12473   1.000 240.12558 ? 10 DG B C2    1 
ATOM 278 N N2    . DG B 2 6  ? -14.76141 6.66489   3.09982   1.000 247.77557 ? 10 DG B N2    1 
ATOM 279 N N3    . DG B 2 6  ? -15.29399 7.57968   1.05705   1.000 233.93488 ? 10 DG B N3    1 
ATOM 280 C C4    . DG B 2 6  ? -14.90804 8.52646   0.17240   1.000 262.78794 ? 10 DG B C4    1 
ATOM 281 P P     . DT B 2 7  ? -19.84008 7.56839   -3.54447  1.000 303.86149 ? 11 DT B P     1 
ATOM 282 O OP1   . DT B 2 7  ? -20.92645 6.63817   -3.92005  1.000 300.38428 ? 11 DT B OP1   1 
ATOM 283 O OP2   . DT B 2 7  ? -19.79198 8.89570   -4.19932  1.000 282.07055 ? 11 DT B OP2   1 
ATOM 284 O "O5'" . DT B 2 7  ? -19.89907 7.75148   -1.95318  1.000 318.87657 ? 11 DT B "O5'" 1 
ATOM 285 C "C5'" . DT B 2 7  ? -19.92294 6.59937   -1.09821  1.000 286.86972 ? 11 DT B "C5'" 1 
ATOM 286 C "C4'" . DT B 2 7  ? -20.28472 6.98273   0.33047   1.000 304.64105 ? 11 DT B "C4'" 1 
ATOM 287 O "O4'" . DT B 2 7  ? -19.13389 7.58231   0.99135   1.000 317.70414 ? 11 DT B "O4'" 1 
ATOM 288 C "C3'" . DT B 2 7  ? -21.42090 7.99819   0.45895   1.000 297.64406 ? 11 DT B "C3'" 1 
ATOM 289 O "O3'" . DT B 2 7  ? -22.26519 7.65102   1.55134   1.000 303.09864 ? 11 DT B "O3'" 1 
ATOM 290 C "C2'" . DT B 2 7  ? -20.67893 9.30596   0.71798   1.000 274.90516 ? 11 DT B "C2'" 1 
ATOM 291 C "C1'" . DT B 2 7  ? -19.51054 8.82014   1.56091   1.000 275.72557 ? 11 DT B "C1'" 1 
ATOM 292 N N1    . DT B 2 7  ? -18.32605 9.74040   1.53392   1.000 267.30204 ? 11 DT B N1    1 
ATOM 293 C C2    . DT B 2 7  ? -17.43401 9.74364   2.59115   1.000 275.49428 ? 11 DT B C2    1 
ATOM 294 O O2    . DT B 2 7  ? -17.55275 9.02569   3.56900   1.000 285.73554 ? 11 DT B O2    1 
ATOM 295 N N3    . DT B 2 7  ? -16.38548 10.62483  2.45361   1.000 268.72689 ? 11 DT B N3    1 
ATOM 296 C C4    . DT B 2 7  ? -16.15297 11.47978  1.38778   1.000 256.48943 ? 11 DT B C4    1 
ATOM 297 O O4    . DT B 2 7  ? -15.18735 12.23320  1.34714   1.000 250.53259 ? 11 DT B O4    1 
ATOM 298 C C5    . DT B 2 7  ? -17.12708 11.42264  0.32244   1.000 253.42196 ? 11 DT B C5    1 
ATOM 299 C C7    . DT B 2 7  ? -16.98052 12.30377  -0.88211  1.000 243.84676 ? 11 DT B C7    1 
ATOM 300 C C6    . DT B 2 7  ? -18.15053 10.56892  0.44708   1.000 252.82474 ? 11 DT B C6    1 
ATOM 301 O "O5'" . DC C 3 1  ? 11.87220  -16.46976 -14.56642 1.000 333.63580 ? -2 DC C "O5'" 1 
ATOM 302 C "C5'" . DC C 3 1  ? 11.55364  -17.58319 -15.39828 1.000 341.54197 ? -2 DC C "C5'" 1 
ATOM 303 C "C4'" . DC C 3 1  ? 10.08706  -17.96087 -15.26735 1.000 339.36263 ? -2 DC C "C4'" 1 
ATOM 304 O "O4'" . DC C 3 1  ? 9.94457   -19.09711 -14.37244 1.000 342.00307 ? -2 DC C "O4'" 1 
ATOM 305 C "C3'" . DC C 3 1  ? 9.18300   -16.87344 -14.69200 1.000 329.36313 ? -2 DC C "C3'" 1 
ATOM 306 O "O3'" . DC C 3 1  ? 7.85779   -16.99822 -15.20735 1.000 329.05197 ? -2 DC C "O3'" 1 
ATOM 307 C "C2'" . DC C 3 1  ? 9.20758   -17.20260 -13.20929 1.000 325.98292 ? -2 DC C "C2'" 1 
ATOM 308 C "C1'" . DC C 3 1  ? 9.15023   -18.72303 -13.25997 1.000 334.25200 ? -2 DC C "C1'" 1 
ATOM 309 N N1    . DC C 3 1  ? 9.71371   -19.36790 -12.05612 1.000 334.94316 ? -2 DC C N1    1 
ATOM 310 C C2    . DC C 3 1  ? 9.67902   -20.76186 -11.93095 1.000 342.44235 ? -2 DC C C2    1 
ATOM 311 O O2    . DC C 3 1  ? 9.16095   -21.43971 -12.82943 1.000 348.57546 ? -2 DC C O2    1 
ATOM 312 N N3    . DC C 3 1  ? 10.20759  -21.32799 -10.82121 1.000 343.16011 ? -2 DC C N3    1 
ATOM 313 C C4    . DC C 3 1  ? 10.75949  -20.56190 -9.87516  1.000 336.87575 ? -2 DC C C4    1 
ATOM 314 N N4    . DC C 3 1  ? 11.27563  -21.16651 -8.79943  1.000 338.14963 ? -2 DC C N4    1 
ATOM 315 C C5    . DC C 3 1  ? 10.80924  -19.14360 -9.99113  1.000 329.50256 ? -2 DC C C5    1 
ATOM 316 C C6    . DC C 3 1  ? 10.28114  -18.59559 -11.08614 1.000 328.78575 ? -2 DC C C6    1 
ATOM 317 P P     . DT C 3 2  ? 7.58271   -17.55148 -16.69406 1.000 390.48002 ? -1 DT C P     1 
ATOM 318 O OP1   . DT C 3 2  ? 7.64554   -19.03338 -16.68823 1.000 407.07775 ? -1 DT C OP1   1 
ATOM 319 O OP2   . DT C 3 2  ? 8.42208   -16.77800 -17.63719 1.000 394.27262 ? -1 DT C OP2   1 
ATOM 320 O "O5'" . DT C 3 2  ? 6.06372   -17.12917 -16.96207 1.000 379.13803 ? -1 DT C "O5'" 1 
ATOM 321 C "C5'" . DT C 3 2  ? 5.08412   -17.27451 -15.93023 1.000 367.09070 ? -1 DT C "C5'" 1 
ATOM 322 C "C4'" . DT C 3 2  ? 4.61981   -18.71713 -15.82456 1.000 378.09779 ? -1 DT C "C4'" 1 
ATOM 323 O "O4'" . DT C 3 2  ? 5.47538   -19.43215 -14.90203 1.000 381.15119 ? -1 DT C "O4'" 1 
ATOM 324 C "C3'" . DT C 3 2  ? 3.20958   -18.89978 -15.29147 1.000 369.92827 ? -1 DT C "C3'" 1 
ATOM 325 O "O3'" . DT C 3 2  ? 2.63804   -20.08957 -15.80691 1.000 385.12084 ? -1 DT C "O3'" 1 
ATOM 326 C "C2'" . DT C 3 2  ? 3.42332   -18.99233 -13.78783 1.000 359.42304 ? -1 DT C "C2'" 1 
ATOM 327 C "C1'" . DT C 3 2  ? 4.79984   -19.64891 -13.67765 1.000 371.50318 ? -1 DT C "C1'" 1 
ATOM 328 N N1    . DT C 3 2  ? 5.61064   -19.06801 -12.58557 1.000 361.36164 ? -1 DT C N1    1 
ATOM 329 C C2    . DT C 3 2  ? 6.27499   -19.90106 -11.71772 1.000 366.67238 ? -1 DT C C2    1 
ATOM 330 O O2    . DT C 3 2  ? 6.25049   -21.11623 -11.80607 1.000 379.58108 ? -1 DT C O2    1 
ATOM 331 N N3    . DT C 3 2  ? 6.98552   -19.25502 -10.74070 1.000 357.10249 ? -1 DT C N3    1 
ATOM 332 C C4    . DT C 3 2  ? 7.08542   -17.88731 -10.54656 1.000 343.35665 ? -1 DT C C4    1 
ATOM 333 O O4    . DT C 3 2  ? 7.75047   -17.39957 -9.63857  1.000 336.54762 ? -1 DT C O4    1 
ATOM 334 C C5    . DT C 3 2  ? 6.35325   -17.07430 -11.48850 1.000 338.42901 ? -1 DT C C5    1 
ATOM 335 C C7    . DT C 3 2  ? 6.38636   -15.57845 -11.38266 1.000 324.55977 ? -1 DT C C7    1 
ATOM 336 C C6    . DT C 3 2  ? 5.65893   -17.69701 -12.44780 1.000 347.43679 ? -1 DT C C6    1 
ATOM 337 P P     . DG C 3 3  ? 1.06310   -20.14562 -16.11631 1.000 394.24411 ? 0  DG C P     1 
ATOM 338 O OP1   . DG C 3 3  ? 0.83425   -21.26039 -17.06324 1.000 415.22134 ? 0  DG C OP1   1 
ATOM 339 O OP2   . DG C 3 3  ? 0.63027   -18.77196 -16.46766 1.000 378.13210 ? 0  DG C OP2   1 
ATOM 340 O "O5'" . DG C 3 3  ? 0.40276   -20.50719 -14.70409 1.000 390.64892 ? 0  DG C "O5'" 1 
ATOM 341 C "C5'" . DG C 3 3  ? -0.82913  -19.90381 -14.32953 1.000 376.17085 ? 0  DG C "C5'" 1 
ATOM 342 C "C4'" . DG C 3 3  ? -1.53803  -20.72196 -13.26640 1.000 379.56680 ? 0  DG C "C4'" 1 
ATOM 343 O "O4'" . DG C 3 3  ? -0.59714  -21.06706 -12.21727 1.000 378.34751 ? 0  DG C "O4'" 1 
ATOM 344 C "C3'" . DG C 3 3  ? -2.68044  -19.99720 -12.57076 1.000 365.43985 ? 0  DG C "C3'" 1 
ATOM 345 O "O3'" . DG C 3 3  ? -3.67395  -20.91918 -12.14348 1.000 375.57949 ? 0  DG C "O3'" 1 
ATOM 346 C "C2'" . DG C 3 3  ? -1.98206  -19.34337 -11.38938 1.000 353.29103 ? 0  DG C "C2'" 1 
ATOM 347 C "C1'" . DG C 3 3  ? -0.93068  -20.38700 -11.02208 1.000 365.22042 ? 0  DG C "C1'" 1 
ATOM 348 N N9    . DG C 3 3  ? 0.28699   -19.79826 -10.47237 1.000 355.29956 ? 0  DG C N9    1 
ATOM 349 C C8    . DG C 3 3  ? 1.12824   -18.91209 -11.09975 1.000 348.44576 ? 0  DG C C8    1 
ATOM 350 N N7    . DG C 3 3  ? 2.13934   -18.54563 -10.36398 1.000 341.80718 ? 0  DG C N7    1 
ATOM 351 C C5    . DG C 3 3  ? 1.95788   -19.23022 -9.16986  1.000 344.07705 ? 0  DG C C5    1 
ATOM 352 C C6    . DG C 3 3  ? 2.74092   -19.22835 -7.99183  1.000 340.02820 ? 0  DG C C6    1 
ATOM 353 O O6    . DG C 3 3  ? 3.78508   -18.60122 -7.76981  1.000 333.62287 ? 0  DG C O6    1 
ATOM 354 N N1    . DG C 3 3  ? 2.20637   -20.06228 -7.01340  1.000 345.21451 ? 0  DG C N1    1 
ATOM 355 C C2    . DG C 3 3  ? 1.05501   -20.80292 -7.15389  1.000 353.66960 ? 0  DG C C2    1 
ATOM 356 N N2    . DG C 3 3  ? 0.69114   -21.55012 -6.10155  1.000 358.68387 ? 0  DG C N2    1 
ATOM 357 N N3    . DG C 3 3  ? 0.31059   -20.81329 -8.25491  1.000 357.83205 ? 0  DG C N3    1 
ATOM 358 C C4    . DG C 3 3  ? 0.82048   -20.00661 -9.21754  1.000 352.43715 ? 0  DG C C4    1 
ATOM 359 P P     . DC C 3 4  ? -5.14272  -20.38697 -11.76468 1.000 455.73727 ? 1  DC C P     1 
ATOM 360 O OP1   . DC C 3 4  ? -6.11563  -21.43556 -12.14076 1.000 502.16359 ? 1  DC C OP1   1 
ATOM 361 O OP2   . DC C 3 4  ? -5.27410  -19.02529 -12.33126 1.000 392.04936 ? 1  DC C OP2   1 
ATOM 362 O "O5'" . DC C 3 4  ? -5.11144  -20.25554 -10.16884 1.000 406.45419 ? 1  DC C "O5'" 1 
ATOM 363 C "C5'" . DC C 3 4  ? -5.10361  -21.42707 -9.35371  1.000 422.32161 ? 1  DC C "C5'" 1 
ATOM 364 C "C4'" . DC C 3 4  ? -4.80351  -21.07579 -7.90704  1.000 411.15307 ? 1  DC C "C4'" 1 
ATOM 365 O "O4'" . DC C 3 4  ? -3.42649  -20.60227 -7.79888  1.000 394.53021 ? 1  DC C "O4'" 1 
ATOM 366 C "C3'" . DC C 3 4  ? -5.68661  -19.95966 -7.31360  1.000 360.70820 ? 1  DC C "C3'" 1 
ATOM 367 O "O3'" . DC C 3 4  ? -6.23112  -20.35196 -6.01119  1.000 362.11059 ? 1  DC C "O3'" 1 
ATOM 368 C "C2'" . DC C 3 4  ? -4.71864  -18.78121 -7.21025  1.000 350.88892 ? 1  DC C "C2'" 1 
ATOM 369 C "C1'" . DC C 3 4  ? -3.41786  -19.50735 -6.92275  1.000 377.85479 ? 1  DC C "C1'" 1 
ATOM 370 N N1    . DC C 3 4  ? -2.19711  -18.66739 -7.12393  1.000 349.27360 ? 1  DC C N1    1 
ATOM 371 C C2    . DC C 3 4  ? -1.26708  -18.53894 -6.07976  1.000 330.91237 ? 1  DC C C2    1 
ATOM 372 O O2    . DC C 3 4  ? -1.46074  -19.15431 -5.02126  1.000 335.10542 ? 1  DC C O2    1 
ATOM 373 N N3    . DC C 3 4  ? -0.17578  -17.75530 -6.26822  1.000 323.73563 ? 1  DC C N3    1 
ATOM 374 C C4    . DC C 3 4  ? -0.00953  -17.11088 -7.42704  1.000 320.26304 ? 1  DC C C4    1 
ATOM 375 N N4    . DC C 3 4  ? 1.07912   -16.34976 -7.57270  1.000 314.31903 ? 1  DC C N4    1 
ATOM 376 C C5    . DC C 3 4  ? -0.95304  -17.21870 -8.49102  1.000 323.69001 ? 1  DC C C5    1 
ATOM 377 C C6    . DC C 3 4  ? -2.02464  -17.99159 -8.29365  1.000 333.08196 ? 1  DC C C6    1 
ATOM 378 P P     . DT C 3 5  ? -6.09727  -19.37683 -4.73115  1.000 374.29968 ? 2  DT C P     1 
ATOM 379 O OP1   . DT C 3 5  ? -6.67395  -18.04891 -5.04732  1.000 367.83317 ? 2  DT C OP1   1 
ATOM 380 O OP2   . DT C 3 5  ? -4.70751  -19.54532 -4.25885  1.000 366.04579 ? 2  DT C OP2   1 
ATOM 381 O "O5'" . DT C 3 5  ? -7.00663  -20.03022 -3.58151  1.000 415.60224 ? 2  DT C "O5'" 1 
ATOM 382 C "C5'" . DT C 3 5  ? -7.54036  -19.19492 -2.51665  1.000 385.31124 ? 2  DT C "C5'" 1 
ATOM 383 C "C4'" . DT C 3 5  ? -6.54078  -19.00031 -1.37273  1.000 362.14123 ? 2  DT C "C4'" 1 
ATOM 384 O "O4'" . DT C 3 5  ? -5.20812  -18.88141 -1.91230  1.000 335.01282 ? 2  DT C "O4'" 1 
ATOM 385 C "C3'" . DT C 3 5  ? -6.76500  -17.74348 -0.53484  1.000 353.87063 ? 2  DT C "C3'" 1 
ATOM 386 O "O3'" . DT C 3 5  ? -7.53525  -18.04253 0.66265   1.000 366.97776 ? 2  DT C "O3'" 1 
ATOM 387 C "C2'" . DT C 3 5  ? -5.36027  -17.24552 -0.19741  1.000 332.70934 ? 2  DT C "C2'" 1 
ATOM 388 C "C1'" . DT C 3 5  ? -4.44010  -17.95233 -1.18131  1.000 335.31414 ? 2  DT C "C1'" 1 
ATOM 389 N N1    . DT C 3 5  ? -3.73987  -17.01982 -2.14403  1.000 333.71434 ? 2  DT C N1    1 
ATOM 390 C C2    . DT C 3 5  ? -2.53118  -16.46019 -1.78501  1.000 329.56875 ? 2  DT C C2    1 
ATOM 391 O O2    . DT C 3 5  ? -1.98843  -16.67202 -0.71496  1.000 317.10425 ? 2  DT C O2    1 
ATOM 392 N N3    . DT C 3 5  ? -1.97826  -15.63399 -2.73274  1.000 317.61301 ? 2  DT C N3    1 
ATOM 393 C C4    . DT C 3 5  ? -2.49917  -15.32040 -3.97459  1.000 301.03677 ? 2  DT C C4    1 
ATOM 394 O O4    . DT C 3 5  ? -1.92934  -14.56812 -4.75741  1.000 279.37660 ? 2  DT C O4    1 
ATOM 395 C C5    . DT C 3 5  ? -3.76295  -15.93849 -4.28691  1.000 302.76072 ? 2  DT C C5    1 
ATOM 396 C C7    . DT C 3 5  ? -4.42371  -15.66792 -5.60513  1.000 298.42139 ? 2  DT C C7    1 
ATOM 397 C C6    . DT C 3 5  ? -4.31725  -16.74532 -3.36769  1.000 315.82575 ? 2  DT C C6    1 
ATOM 398 P P     . DA C 3 6  ? -6.85301  -18.66244 1.98989   1.000 432.14584 ? 3  DA C P     1 
ATOM 399 O OP1   . DA C 3 6  ? -5.96018  -19.77651 1.60429   1.000 448.96065 ? 3  DA C OP1   1 
ATOM 400 O OP2   . DA C 3 6  ? -7.95263  -18.92004 2.94407   1.000 457.10793 ? 3  DA C OP2   1 
ATOM 401 O "O5'" . DA C 3 6  ? -5.97040  -17.47513 2.61400   1.000 370.43239 ? 3  DA C "O5'" 1 
ATOM 402 C "C5'" . DA C 3 6  ? -4.69840  -17.77815 3.19130   1.000 396.11334 ? 3  DA C "C5'" 1 
ATOM 403 C "C4'" . DA C 3 6  ? -3.82428  -16.53861 3.32210   1.000 367.04215 ? 3  DA C "C4'" 1 
ATOM 404 O "O4'" . DA C 3 6  ? -3.48558  -15.99905 2.01609   1.000 358.71097 ? 3  DA C "O4'" 1 
ATOM 405 C "C3'" . DA C 3 6  ? -4.43523  -15.37934 4.11237   1.000 360.34132 ? 3  DA C "C3'" 1 
ATOM 406 O "O3'" . DA C 3 6  ? -3.50992  -14.96088 5.08797   1.000 339.09884 ? 3  DA C "O3'" 1 
ATOM 407 C "C2'" . DA C 3 6  ? -4.64494  -14.29719 3.04805   1.000 373.98007 ? 3  DA C "C2'" 1 
ATOM 408 C "C1'" . DA C 3 6  ? -3.49131  -14.59614 2.11268   1.000 340.40595 ? 3  DA C "C1'" 1 
ATOM 409 N N9    . DA C 3 6  ? -3.63292  -14.02218 0.77258   1.000 285.05230 ? 3  DA C N9    1 
ATOM 410 C C8    . DA C 3 6  ? -4.67595  -14.19260 -0.09181  1.000 287.32889 ? 3  DA C C8    1 
ATOM 411 N N7    . DA C 3 6  ? -4.53023  -13.56968 -1.23580  1.000 282.71420 ? 3  DA C N7    1 
ATOM 412 C C5    . DA C 3 6  ? -3.30859  -12.93304 -1.11315  1.000 276.93024 ? 3  DA C C5    1 
ATOM 413 C C6    . DA C 3 6  ? -2.58384  -12.09953 -1.98758  1.000 271.15136 ? 3  DA C C6    1 
ATOM 414 N N6    . DA C 3 6  ? -3.01851  -11.76057 -3.20541  1.000 269.81715 ? 3  DA C N6    1 
ATOM 415 N N1    . DA C 3 6  ? -1.39290  -11.62663 -1.55995  1.000 267.69112 ? 3  DA C N1    1 
ATOM 416 C C2    . DA C 3 6  ? -0.96329  -11.97248 -0.33798  1.000 269.68802 ? 3  DA C C2    1 
ATOM 417 N N3    . DA C 3 6  ? -1.55787  -12.74684 0.57420   1.000 274.82182 ? 3  DA C N3    1 
ATOM 418 C C4    . DA C 3 6  ? -2.73730  -13.20142 0.11826   1.000 278.31286 ? 3  DA C C4    1 
ATOM 419 P P     . DC C 3 7  ? -4.01030  -14.35262 6.48556   1.000 371.38972 ? 4  DC C P     1 
ATOM 420 O OP1   . DC C 3 7  ? -3.90554  -15.41801 7.50839   1.000 378.11112 ? 4  DC C OP1   1 
ATOM 421 O OP2   . DC C 3 7  ? -5.31197  -13.68756 6.25929   1.000 364.92718 ? 4  DC C OP2   1 
ATOM 422 O "O5'" . DC C 3 7  ? -2.93021  -13.21566 6.78788   1.000 362.99470 ? 4  DC C "O5'" 1 
ATOM 423 C "C5'" . DC C 3 7  ? -1.61719  -13.32864 6.24732   1.000 353.38268 ? 4  DC C "C5'" 1 
ATOM 424 C "C4'" . DC C 3 7  ? -1.14767  -11.99529 5.69635   1.000 355.48068 ? 4  DC C "C4'" 1 
ATOM 425 O "O4'" . DC C 3 7  ? -1.52143  -11.87762 4.30826   1.000 347.76089 ? 4  DC C "O4'" 1 
ATOM 426 C "C3'" . DC C 3 7  ? -1.74114  -10.76992 6.39422   1.000 320.86868 ? 4  DC C "C3'" 1 
ATOM 427 O "O3'" . DC C 3 7  ? -0.73295  -10.11211 7.15460   1.000 318.97063 ? 4  DC C "O3'" 1 
ATOM 428 C "C2'" . DC C 3 7  ? -2.27137  -9.88468  5.24941   1.000 303.54558 ? 4  DC C "C2'" 1 
ATOM 429 C "C1'" . DC C 3 7  ? -1.66384  -10.51429 4.00467   1.000 313.11280 ? 4  DC C "C1'" 1 
ATOM 430 N N1    . DC C 3 7  ? -2.52734  -10.38983 2.78686   1.000 281.82015 ? 4  DC C N1    1 
ATOM 431 C C2    . DC C 3 7  ? -2.09375  -9.62848  1.68756   1.000 276.20508 ? 4  DC C C2    1 
ATOM 432 O O2    . DC C 3 7  ? -0.99508  -9.06172  1.73840   1.000 273.43809 ? 4  DC C O2    1 
ATOM 433 N N3    . DC C 3 7  ? -2.89742  -9.53972  0.59328   1.000 274.90019 ? 4  DC C N3    1 
ATOM 434 C C4    . DC C 3 7  ? -4.07481  -10.16789 0.57611   1.000 279.05347 ? 4  DC C C4    1 
ATOM 435 N N4    . DC C 3 7  ? -4.83289  -10.05252 -0.52093  1.000 278.34658 ? 4  DC C N4    1 
ATOM 436 C C5    . DC C 3 7  ? -4.53003  -10.94108 1.68490   1.000 285.05717 ? 4  DC C C5    1 
ATOM 437 C C6    . DC C 3 7  ? -3.73232  -11.02416 2.75485   1.000 286.09153 ? 4  DC C C6    1 
ATOM 438 P P     . DT C 3 8  ? -1.01236  -8.67379  7.81695   1.000 323.99402 ? 5  DT C P     1 
ATOM 439 O OP1   . DT C 3 8  ? -0.11097  -8.54807  8.98346   1.000 324.49094 ? 5  DT C OP1   1 
ATOM 440 O OP2   . DT C 3 8  ? -2.47377  -8.52102  8.01220   1.000 333.46608 ? 5  DT C OP2   1 
ATOM 441 O "O5'" . DT C 3 8  ? -0.52784  -7.64309  6.69165   1.000 304.54217 ? 5  DT C "O5'" 1 
ATOM 442 C "C5'" . DT C 3 8  ? 0.64886   -7.92389  5.92663   1.000 297.34916 ? 5  DT C "C5'" 1 
ATOM 443 C "C4'" . DT C 3 8  ? 0.95505   -6.79539  4.95480   1.000 294.78752 ? 5  DT C "C4'" 1 
ATOM 444 O "O4'" . DT C 3 8  ? 0.14664   -6.93817  3.75343   1.000 290.65234 ? 5  DT C "O4'" 1 
ATOM 445 C "C3'" . DT C 3 8  ? 0.66610   -5.39266  5.48145   1.000 282.26533 ? 5  DT C "C3'" 1 
ATOM 446 O "O3'" . DT C 3 8  ? 1.62403   -4.48532  4.96139   1.000 280.91252 ? 5  DT C "O3'" 1 
ATOM 447 C "C2'" . DT C 3 8  ? -0.72192  -5.11512  4.91650   1.000 254.41453 ? 5  DT C "C2'" 1 
ATOM 448 C "C1'" . DT C 3 8  ? -0.59116  -5.75004  3.54423   1.000 276.15477 ? 5  DT C "C1'" 1 
ATOM 449 N N1    . DT C 3 8  ? -1.89261  -6.10573  2.90008   1.000 272.39009 ? 5  DT C N1    1 
ATOM 450 C C2    . DT C 3 8  ? -2.12875  -5.70837  1.60403   1.000 267.51419 ? 5  DT C C2    1 
ATOM 451 O O2    . DT C 3 8  ? -1.33108  -5.06299  0.94824   1.000 270.58924 ? 5  DT C O2    1 
ATOM 452 N N3    . DT C 3 8  ? -3.34135  -6.09412  1.09888   1.000 265.47923 ? 5  DT C N3    1 
ATOM 453 C C4    . DT C 3 8  ? -4.32113  -6.82304  1.74285   1.000 268.08824 ? 5  DT C C4    1 
ATOM 454 O O4    . DT C 3 8  ? -5.37904  -7.12001  1.19867   1.000 273.81801 ? 5  DT C O4    1 
ATOM 455 C C5    . DT C 3 8  ? -4.01142  -7.21180  3.09856   1.000 277.89335 ? 5  DT C C5    1 
ATOM 456 C C7    . DT C 3 8  ? -5.00171  -8.00445  3.89915   1.000 276.99092 ? 5  DT C C7    1 
ATOM 457 C C6    . DT C 3 8  ? -2.82491  -6.83904  3.60627   1.000 275.92697 ? 5  DT C C6    1 
ATOM 458 P P     . DG C 3 9  ? 2.07468   -3.20245  5.81567   1.000 273.78560 ? 6  DG C P     1 
ATOM 459 O OP1   . DG C 3 9  ? 3.28832   -3.56462  6.58058   1.000 281.85105 ? 6  DG C OP1   1 
ATOM 460 O OP2   . DG C 3 9  ? 0.87191   -2.68372  6.50861   1.000 263.67799 ? 6  DG C OP2   1 
ATOM 461 O "O5'" . DG C 3 9  ? 2.50462   -2.14371  4.70249   1.000 265.31376 ? 6  DG C "O5'" 1 
ATOM 462 C "C5'" . DG C 3 9  ? 2.62096   -2.54980  3.34857   1.000 272.90824 ? 6  DG C "C5'" 1 
ATOM 463 C "C4'" . DG C 3 9  ? 1.83903   -1.61220  2.45043   1.000 256.31163 ? 6  DG C "C4'" 1 
ATOM 464 O "O4'" . DG C 3 9  ? 0.55177   -2.20525  2.13142   1.000 251.20142 ? 6  DG C "O4'" 1 
ATOM 465 C "C3'" . DG C 3 9  ? 1.53498   -0.24031  3.06865   1.000 251.14610 ? 6  DG C "C3'" 1 
ATOM 466 O "O3'" . DG C 3 9  ? 1.80984   0.79795   2.13315   1.000 248.81282 ? 6  DG C "O3'" 1 
ATOM 467 C "C2'" . DG C 3 9  ? 0.04442   -0.32177  3.39131   1.000 239.06171 ? 6  DG C "C2'" 1 
ATOM 468 C "C1'" . DG C 3 9  ? -0.44667  -1.22529  2.27395   1.000 240.84561 ? 6  DG C "C1'" 1 
ATOM 469 N N9    . DG C 3 9  ? -1.71984  -1.88313  2.56089   1.000 242.10156 ? 6  DG C N9    1 
ATOM 470 C C8    . DG C 3 9  ? -2.10109  -2.46935  3.74045   1.000 244.66415 ? 6  DG C C8    1 
ATOM 471 N N7    . DG C 3 9  ? -3.30033  -2.97982  3.70576   1.000 257.67924 ? 6  DG C N7    1 
ATOM 472 C C5    . DG C 3 9  ? -3.74516  -2.71218  2.41845   1.000 244.61722 ? 6  DG C C5    1 
ATOM 473 C C6    . DG C 3 9  ? -4.97651  -3.02375  1.79428   1.000 246.13484 ? 6  DG C C6    1 
ATOM 474 O O6    . DG C 3 9  ? -5.95158  -3.61898  2.27092   1.000 249.66299 ? 6  DG C O6    1 
ATOM 475 N N1    . DG C 3 9  ? -5.01777  -2.56959  0.47795   1.000 244.15412 ? 6  DG C N1    1 
ATOM 476 C C2    . DG C 3 9  ? -3.99676  -1.90008  -0.15441  1.000 241.29740 ? 6  DG C C2    1 
ATOM 477 N N2    . DG C 3 9  ? -4.21526  -1.53628  -1.42724  1.000 262.49437 ? 6  DG C N2    1 
ATOM 478 N N3    . DG C 3 9  ? -2.83923  -1.60200  0.42070   1.000 240.23384 ? 6  DG C N3    1 
ATOM 479 C C4    . DG C 3 9  ? -2.78373  -2.03674  1.70154   1.000 241.87216 ? 6  DG C C4    1 
ATOM 480 P P     . DT C 3 10 ? 2.68900   2.06771   2.57838   1.000 271.65212 ? 7  DT C P     1 
ATOM 481 O OP1   . DT C 3 10 ? 4.04800   1.89496   2.02345   1.000 282.89436 ? 7  DT C OP1   1 
ATOM 482 O OP2   . DT C 3 10 ? 2.50456   2.24291   4.03673   1.000 308.74007 ? 7  DT C OP2   1 
ATOM 483 O "O5'" . DT C 3 10 ? 1.99327   3.29969   1.84030   1.000 261.63874 ? 7  DT C "O5'" 1 
ATOM 484 C "C5'" . DT C 3 10 ? 0.67287   3.66741   2.18673   1.000 249.26921 ? 7  DT C "C5'" 1 
ATOM 485 C "C4'" . DT C 3 10 ? -0.23792  3.59041   0.98001   1.000 237.58177 ? 7  DT C "C4'" 1 
ATOM 486 O "O4'" . DT C 3 10 ? -0.88114  2.29664   0.93344   1.000 235.61203 ? 7  DT C "O4'" 1 
ATOM 487 C "C3'" . DT C 3 10 ? -1.38220  4.58167   0.99105   1.000 225.18916 ? 7  DT C "C3'" 1 
ATOM 488 O "O3'" . DT C 3 10 ? -0.94410  5.89285   0.52213   1.000 230.82663 ? 7  DT C "O3'" 1 
ATOM 489 C "C2'" . DT C 3 10 ? -2.40087  3.91883   0.06603   1.000 218.73342 ? 7  DT C "C2'" 1 
ATOM 490 C "C1'" . DT C 3 10 ? -2.15970  2.42314   0.32366   1.000 228.91389 ? 7  DT C "C1'" 1 
ATOM 491 N N1    . DT C 3 10 ? -3.18713  1.75318   1.21281   1.000 229.75647 ? 7  DT C N1    1 
ATOM 492 C C2    . DT C 3 10 ? -4.44692  1.46442   0.71748   1.000 230.46788 ? 7  DT C C2    1 
ATOM 493 O O2    . DT C 3 10 ? -4.80160  1.75151   -0.41147  1.000 294.64708 ? 7  DT C O2    1 
ATOM 494 N N3    . DT C 3 10 ? -5.28707  0.83715   1.61171   1.000 232.53618 ? 7  DT C N3    1 
ATOM 495 C C4    . DT C 3 10 ? -4.99115  0.46806   2.91193   1.000 233.85328 ? 7  DT C C4    1 
ATOM 496 O O4    . DT C 3 10 ? -5.80710  -0.08829  3.63765   1.000 264.85604 ? 7  DT C O4    1 
ATOM 497 C C5    . DT C 3 10 ? -3.65550  0.78973   3.35929   1.000 232.78933 ? 7  DT C C5    1 
ATOM 498 C C7    . DT C 3 10 ? -3.22396  0.44101   4.75343   1.000 234.78545 ? 7  DT C C7    1 
ATOM 499 C C6    . DT C 3 10 ? -2.83006  1.40325   2.49775   1.000 230.94530 ? 7  DT C C6    1 
ATOM 500 P P     . DG C 3 11 ? -0.39565  6.14955   -0.97544  1.000 229.06420 ? 8  DG C P     1 
ATOM 501 O OP1   . DG C 3 11 ? -1.54224  6.10409   -1.91292  1.000 199.41656 ? 8  DG C OP1   1 
ATOM 502 O OP2   . DG C 3 11 ? 0.80968   5.32438   -1.22742  1.000 212.86606 ? 8  DG C OP2   1 
ATOM 503 O "O5'" . DG C 3 11 ? 0.06976   7.68289   -0.93717  1.000 224.94423 ? 8  DG C "O5'" 1 
ATOM 504 C "C5'" . DG C 3 11 ? -0.91111  8.71646   -0.95604  1.000 224.47178 ? 8  DG C "C5'" 1 
ATOM 505 C "C4'" . DG C 3 11 ? -0.37025  10.02087  -0.38472  1.000 231.26694 ? 8  DG C "C4'" 1 
ATOM 506 O "O4'" . DG C 3 11 ? 0.36289   9.76362   0.83424   1.000 231.49784 ? 8  DG C "O4'" 1 
ATOM 507 C "C3'" . DG C 3 11 ? 0.61879   10.76480  -1.26191  1.000 241.88019 ? 8  DG C "C3'" 1 
ATOM 508 O "O3'" . DG C 3 11 ? -0.07339  11.53255  -2.24328  1.000 241.17327 ? 8  DG C "O3'" 1 
ATOM 509 C "C2'" . DG C 3 11 ? 1.30841   11.66055  -0.23932  1.000 262.03340 ? 8  DG C "C2'" 1 
ATOM 510 C "C1'" . DG C 3 11 ? 1.37334   10.74966  0.98955   1.000 248.23866 ? 8  DG C "C1'" 1 
ATOM 511 N N9    . DG C 3 11 ? 2.66382   10.08449  1.15498   1.000 256.87186 ? 8  DG C N9    1 
ATOM 512 C C8    . DG C 3 11 ? 2.93973   8.74561   0.98147   1.000 277.91132 ? 8  DG C C8    1 
ATOM 513 N N7    . DG C 3 11 ? 4.19046   8.43624   1.20138   1.000 267.10638 ? 8  DG C N7    1 
ATOM 514 C C5    . DG C 3 11 ? 4.78448   9.64749   1.54295   1.000 272.33000 ? 8  DG C C5    1 
ATOM 515 C C6    . DG C 3 11 ? 6.12764   9.93813   1.88932   1.000 274.00128 ? 8  DG C C6    1 
ATOM 516 O O6    . DG C 3 11 ? 7.09059   9.16098   1.96619   1.000 283.61671 ? 8  DG C O6    1 
ATOM 517 N N1    . DG C 3 11 ? 6.30622   11.29396  2.16891   1.000 269.83194 ? 8  DG C N1    1 
ATOM 518 C C2    . DG C 3 11 ? 5.30949   12.24361  2.11803   1.000 262.58558 ? 8  DG C C2    1 
ATOM 519 N N2    . DG C 3 11 ? 5.66975   13.50321  2.41619   1.000 288.17728 ? 8  DG C N2    1 
ATOM 520 N N3    . DG C 3 11 ? 4.04666   11.98677  1.79387   1.000 251.29460 ? 8  DG C N3    1 
ATOM 521 C C4    . DG C 3 11 ? 3.85889   10.66883  1.52039   1.000 252.75544 ? 8  DG C C4    1 
ATOM 522 P P     . DG C 3 12 ? 0.66871   11.98075  -3.59850  1.000 269.62806 ? 9  DG C P     1 
ATOM 523 O OP1   . DG C 3 12 ? -0.36104  12.53497  -4.50963  1.000 258.01846 ? 9  DG C OP1   1 
ATOM 524 O OP2   . DG C 3 12 ? 1.51951   10.85373  -4.04781  1.000 272.43607 ? 9  DG C OP2   1 
ATOM 525 O "O5'" . DG C 3 12 ? 1.62879   13.17601  -3.13422  1.000 255.33775 ? 9  DG C "O5'" 1 
ATOM 526 C "C5'" . DG C 3 12 ? 1.06588   14.40873  -2.68548  1.000 267.47542 ? 9  DG C "C5'" 1 
ATOM 527 C "C4'" . DG C 3 12 ? 2.13646   15.31593  -2.10329  1.000 286.38273 ? 9  DG C "C4'" 1 
ATOM 528 O "O4'" . DG C 3 12 ? 2.77870   14.64648  -0.99600  1.000 291.07882 ? 9  DG C "O4'" 1 
ATOM 529 C "C3'" . DG C 3 12 ? 3.24960   15.69632  -3.06879  1.000 275.83074 ? 9  DG C "C3'" 1 
ATOM 530 O "O3'" . DG C 3 12 ? 2.91961   16.92993  -3.71061  1.000 290.61274 ? 9  DG C "O3'" 1 
ATOM 531 C "C2'" . DG C 3 12 ? 4.46587   15.85464  -2.15765  1.000 284.39132 ? 9  DG C "C2'" 1 
ATOM 532 C "C1'" . DG C 3 12 ? 4.16814   14.90274  -1.00354  1.000 282.30549 ? 9  DG C "C1'" 1 
ATOM 533 N N9    . DG C 3 12 ? 4.86783   13.62364  -1.07382  1.000 290.71801 ? 9  DG C N9    1 
ATOM 534 C C8    . DG C 3 12 ? 4.32129   12.40375  -1.38463  1.000 282.73602 ? 9  DG C C8    1 
ATOM 535 N N7    . DG C 3 12 ? 5.17799   11.42341  -1.34574  1.000 277.84371 ? 9  DG C N7    1 
ATOM 536 C C5    . DG C 3 12 ? 6.37308   12.02964  -0.98177  1.000 284.46289 ? 9  DG C C5    1 
ATOM 537 C C6    . DG C 3 12 ? 7.65676   11.46499  -0.78229  1.000 276.53969 ? 9  DG C C6    1 
ATOM 538 O O6    . DG C 3 12 ? 7.99976   10.27852  -0.89394  1.000 272.69562 ? 9  DG C O6    1 
ATOM 539 N N1    . DG C 3 12 ? 8.59280   12.43018  -0.41957  1.000 283.44729 ? 9  DG C N1    1 
ATOM 540 C C2    . DG C 3 12 ? 8.32104   13.77171  -0.26695  1.000 289.02069 ? 9  DG C C2    1 
ATOM 541 N N2    . DG C 3 12 ? 9.34914   14.55402  0.08704   1.000 312.68669 ? 9  DG C N2    1 
ATOM 542 N N3    . DG C 3 12 ? 7.12087   14.31261  -0.45085  1.000 271.61752 ? 9  DG C N3    1 
ATOM 543 C C4    . DG C 3 12 ? 6.19882   13.38544  -0.80567  1.000 285.38504 ? 9  DG C C4    1 
ATOM 544 P P     . DT C 3 13 ? 3.65189   17.36998  -5.07245  1.000 338.54960 ? 10 DT C P     1 
ATOM 545 O OP1   . DT C 3 13 ? 3.22786   18.75288  -5.38264  1.000 362.81304 ? 10 DT C OP1   1 
ATOM 546 O OP2   . DT C 3 13 ? 3.42961   16.29840  -6.06748  1.000 359.07942 ? 10 DT C OP2   1 
ATOM 547 O "O5'" . DT C 3 13 ? 5.20259   17.38928  -4.68508  1.000 332.11776 ? 10 DT C "O5'" 1 
ATOM 548 C "C5'" . DT C 3 13 ? 6.12090   18.14624  -5.45183  1.000 347.88071 ? 10 DT C "C5'" 1 
ATOM 549 C "C4'" . DT C 3 13 ? 7.26793   18.62580  -4.58232  1.000 346.25151 ? 10 DT C "C4'" 1 
ATOM 550 O "O4'" . DT C 3 13 ? 7.38576   17.76101  -3.43081  1.000 338.26805 ? 10 DT C "O4'" 1 
ATOM 551 C "C3'" . DT C 3 13 ? 8.62500   18.65487  -5.27685  1.000 347.46557 ? 10 DT C "C3'" 1 
ATOM 552 O "O3'" . DT C 3 13 ? 8.99607   20.00372  -5.52880  1.000 367.20678 ? 10 DT C "O3'" 1 
ATOM 553 C "C2'" . DT C 3 13 ? 9.59369   17.99449  -4.29283  1.000 340.35021 ? 10 DT C "C2'" 1 
ATOM 554 C "C1'" . DT C 3 13 ? 8.69511   17.25769  -3.30329  1.000 338.85090 ? 10 DT C "C1'" 1 
ATOM 555 N N1    . DT C 3 13 ? 8.64684   15.75760  -3.45880  1.000 280.68032 ? 10 DT C N1    1 
ATOM 556 C C2    . DT C 3 13 ? 9.77037   14.99879  -3.18511  1.000 281.78789 ? 10 DT C C2    1 
ATOM 557 O O2    . DT C 3 13 ? 10.83941  15.47942  -2.85175  1.000 285.24130 ? 10 DT C O2    1 
ATOM 558 N N3    . DT C 3 13 ? 9.59496   13.64247  -3.33132  1.000 278.67238 ? 10 DT C N3    1 
ATOM 559 C C4    . DT C 3 13 ? 8.43206   12.98711  -3.70280  1.000 274.50375 ? 10 DT C C4    1 
ATOM 560 O O4    . DT C 3 13 ? 8.36905   11.76588  -3.80829  1.000 272.24626 ? 10 DT C O4    1 
ATOM 561 C C5    . DT C 3 13 ? 7.29515   13.84115  -3.95869  1.000 273.19251 ? 10 DT C C5    1 
ATOM 562 C C7    . DT C 3 13 ? 5.98124   13.24495  -4.36639  1.000 268.64860 ? 10 DT C C7    1 
ATOM 563 C C6    . DT C 3 13 ? 7.45452   15.16435  -3.81906  1.000 276.31772 ? 10 DT C C6    1 
ATOM 564 P P     . DG C 3 14 ? 9.51006   20.44484  -6.98408  1.000 375.91294 ? 11 DG C P     1 
ATOM 565 O OP1   . DG C 3 14 ? 10.55347  21.47494  -6.78080  1.000 376.14659 ? 11 DG C OP1   1 
ATOM 566 O OP2   . DG C 3 14 ? 8.31847   20.76249  -7.80221  1.000 399.47751 ? 11 DG C OP2   1 
ATOM 567 O "O5'" . DG C 3 14 ? 10.15744  19.10760  -7.58065  1.000 361.44784 ? 11 DG C "O5'" 1 
ATOM 568 C "C5'" . DG C 3 14 ? 11.24209  19.18080  -8.49768  1.000 374.18635 ? 11 DG C "C5'" 1 
ATOM 569 C "C4'" . DG C 3 14 ? 12.56372  19.23541  -7.75471  1.000 371.70638 ? 11 DG C "C4'" 1 
ATOM 570 O "O4'" . DG C 3 14 ? 12.36079  18.80903  -6.37916  1.000 341.76141 ? 11 DG C "O4'" 1 
ATOM 571 C "C3'" . DG C 3 14 ? 13.65368  18.32950  -8.31193  1.000 370.57981 ? 11 DG C "C3'" 1 
ATOM 572 O "O3'" . DG C 3 14 ? 14.45526  19.04715  -9.25029  1.000 391.24675 ? 11 DG C "O3'" 1 
ATOM 573 C "C2'" . DG C 3 14 ? 14.44071  17.96714  -7.05777  1.000 364.24655 ? 11 DG C "C2'" 1 
ATOM 574 C "C1'" . DG C 3 14 ? 13.32143  17.83180  -6.03420  1.000 358.44527 ? 11 DG C "C1'" 1 
ATOM 575 N N9    . DG C 3 14 ? 12.67143  16.52409  -6.05920  1.000 285.02178 ? 11 DG C N9    1 
ATOM 576 C C8    . DG C 3 14 ? 11.35240  16.26209  -6.34118  1.000 282.00272 ? 11 DG C C8    1 
ATOM 577 N N7    . DG C 3 14 ? 11.04870  14.99624  -6.29275  1.000 279.10377 ? 11 DG C N7    1 
ATOM 578 C C5    . DG C 3 14 ? 12.24573  14.37317  -5.96786  1.000 280.37201 ? 11 DG C C5    1 
ATOM 579 C C6    . DG C 3 14 ? 12.53327  13.00054  -5.77577  1.000 278.68200 ? 11 DG C C6    1 
ATOM 580 O O6    . DG C 3 14 ? 11.76368  12.03064  -5.87547  1.000 275.47300 ? 11 DG C O6    1 
ATOM 581 N N1    . DG C 3 14 ? 13.87698  12.79682  -5.47378  1.000 283.56518 ? 11 DG C N1    1 
ATOM 582 C C2    . DG C 3 14 ? 14.81685  13.79395  -5.34831  1.000 292.64333 ? 11 DG C C2    1 
ATOM 583 N N2    . DG C 3 14 ? 16.05873  13.40144  -5.03733  1.000 301.79820 ? 11 DG C N2    1 
ATOM 584 N N3    . DG C 3 14 ? 14.55954  15.08404  -5.51820  1.000 293.45014 ? 11 DG C N3    1 
ATOM 585 C C4    . DG C 3 14 ? 13.25799  15.29965  -5.82716  1.000 284.14069 ? 11 DG C C4    1 
ATOM 586 P P     . DA D 4 1  ? -10.79342 14.96368  11.41677  1.000 245.00708 ? 12 DA E P     1 
ATOM 587 O OP1   . DA D 4 1  ? -9.92272  15.24291  10.24527  1.000 239.53010 ? 12 DA E OP1   1 
ATOM 588 O OP2   . DA D 4 1  ? -12.25423 14.73997  11.29845  1.000 286.86769 ? 12 DA E OP2   1 
ATOM 589 O "O5'" . DA D 4 1  ? -10.22381 13.67952  12.17029  1.000 294.17422 ? 12 DA E "O5'" 1 
ATOM 590 C "C5'" . DA D 4 1  ? -9.76831  12.56389  11.42319  1.000 254.28783 ? 12 DA E "C5'" 1 
ATOM 591 C "C4'" . DA D 4 1  ? -10.91841 11.61665  11.11805  1.000 250.66696 ? 12 DA E "C4'" 1 
ATOM 592 O "O4'" . DA D 4 1  ? -11.75214 12.19189  10.08152  1.000 245.79136 ? 12 DA E "O4'" 1 
ATOM 593 C "C3'" . DA D 4 1  ? -10.50662 10.22282  10.62732  1.000 245.24057 ? 12 DA E "C3'" 1 
ATOM 594 O "O3'" . DA D 4 1  ? -10.97605 9.16741   11.54131  1.000 247.38878 ? 12 DA E "O3'" 1 
ATOM 595 C "C2'" . DA D 4 1  ? -11.08799 10.11018  9.20632   1.000 252.28194 ? 12 DA E "C2'" 1 
ATOM 596 C "C1'" . DA D 4 1  ? -12.16149 11.19411  9.17361   1.000 252.10827 ? 12 DA E "C1'" 1 
ATOM 597 N N9    . DA D 4 1  ? -12.33424 11.82841  7.86183   1.000 253.84110 ? 12 DA E N9    1 
ATOM 598 C C8    . DA D 4 1  ? -11.48732 12.72110  7.26898   1.000 264.85526 ? 12 DA E C8    1 
ATOM 599 N N7    . DA D 4 1  ? -11.89783 13.14477  6.09707   1.000 242.13142 ? 12 DA E N7    1 
ATOM 600 C C5    . DA D 4 1  ? -13.10406 12.49079  5.90799   1.000 246.09997 ? 12 DA E C5    1 
ATOM 601 C C6    . DA D 4 1  ? -14.04023 12.50864  4.85189   1.000 245.40291 ? 12 DA E C6    1 
ATOM 602 N N6    . DA D 4 1  ? -13.88192 13.24892  3.75222   1.000 240.52518 ? 12 DA E N6    1 
ATOM 603 N N1    . DA D 4 1  ? -15.14372 11.73321  4.97004   1.000 250.14279 ? 12 DA E N1    1 
ATOM 604 C C2    . DA D 4 1  ? -15.29105 10.99712  6.08183   1.000 268.90088 ? 12 DA E C2    1 
ATOM 605 N N3    . DA D 4 1  ? -14.47972 10.89812  7.13910   1.000 282.73270 ? 12 DA E N3    1 
ATOM 606 C C4    . DA D 4 1  ? -13.39457 11.67488  6.98770   1.000 264.86785 ? 12 DA E C4    1 
ATOM 607 P P     . DC D 4 2  ? -12.54217 8.82416   11.76380  1.000 249.59842 ? 13 DC E P     1 
ATOM 608 O OP1   . DC D 4 2  ? -13.35508 10.05012  11.92160  1.000 254.07370 ? 13 DC E OP1   1 
ATOM 609 O OP2   . DC D 4 2  ? -12.59858 7.81079   12.83873  1.000 249.03211 ? 13 DC E OP2   1 
ATOM 610 O "O5'" . DC D 4 2  ? -12.98046 8.07794   10.41973  1.000 259.41968 ? 13 DC E "O5'" 1 
ATOM 611 C "C5'" . DC D 4 2  ? -14.11981 7.22189   10.41866  1.000 253.09097 ? 13 DC E "C5'" 1 
ATOM 612 C "C4'" . DC D 4 2  ? -13.85729 5.97064   9.59470   1.000 254.51899 ? 13 DC E "C4'" 1 
ATOM 613 O "O4'" . DC D 4 2  ? -13.72951 6.32798   8.19720   1.000 274.65910 ? 13 DC E "O4'" 1 
ATOM 614 C "C3'" . DC D 4 2  ? -12.58673 5.20746   9.95817   1.000 248.14926 ? 13 DC E "C3'" 1 
ATOM 615 O "O3'" . DC D 4 2  ? -12.82359 3.80293   9.88271   1.000 251.73593 ? 13 DC E "O3'" 1 
ATOM 616 C "C2'" . DC D 4 2  ? -11.57552 5.67819   8.91143   1.000 261.29873 ? 13 DC E "C2'" 1 
ATOM 617 C "C1'" . DC D 4 2  ? -12.46285 5.94065   7.70176   1.000 258.38301 ? 13 DC E "C1'" 1 
ATOM 618 N N1    . DC D 4 2  ? -11.95585 7.02856   6.80550   1.000 244.08814 ? 13 DC E N1    1 
ATOM 619 C C2    . DC D 4 2  ? -12.77166 7.50868   5.77638   1.000 239.15004 ? 13 DC E C2    1 
ATOM 620 O O2    . DC D 4 2  ? -13.88766 7.01609   5.60834   1.000 261.23781 ? 13 DC E O2    1 
ATOM 621 N N3    . DC D 4 2  ? -12.30687 8.48330   4.96248   1.000 238.73144 ? 13 DC E N3    1 
ATOM 622 C C4    . DC D 4 2  ? -11.09328 8.99238   5.15729   1.000 247.89725 ? 13 DC E C4    1 
ATOM 623 N N4    . DC D 4 2  ? -10.68667 9.96044   4.32773   1.000 280.07873 ? 13 DC E N4    1 
ATOM 624 C C5    . DC D 4 2  ? -10.24190 8.52569   6.20637   1.000 234.16567 ? 13 DC E C5    1 
ATOM 625 C C6    . DC D 4 2  ? -10.70949 7.55008   6.99900   1.000 241.35982 ? 13 DC E C6    1 
ATOM 626 P P     . DG D 4 3  ? -12.99602 2.94777   11.23370  1.000 247.63159 ? 14 DG E P     1 
ATOM 627 O OP1   . DG D 4 3  ? -13.47098 3.87285   12.28744  1.000 248.70567 ? 14 DG E OP1   1 
ATOM 628 O OP2   . DG D 4 3  ? -11.75521 2.16881   11.44146  1.000 248.61879 ? 14 DG E OP2   1 
ATOM 629 O "O5'" . DG D 4 3  ? -14.16411 1.90838   10.89627  1.000 265.36960 ? 14 DG E "O5'" 1 
ATOM 630 C "C5'" . DG D 4 3  ? -13.90684 0.79269   10.04906  1.000 281.45599 ? 14 DG E "C5'" 1 
ATOM 631 C "C4'" . DG D 4 3  ? -14.91749 0.73911   8.92102   1.000 280.87639 ? 14 DG E "C4'" 1 
ATOM 632 O "O4'" . DG D 4 3  ? -14.64899 1.81177   7.98470   1.000 267.73566 ? 14 DG E "O4'" 1 
ATOM 633 C "C3'" . DG D 4 3  ? -14.88563 -0.52431  8.08329   1.000 255.66597 ? 14 DG E "C3'" 1 
ATOM 634 O "O3'" . DG D 4 3  ? -16.17078 -0.71179  7.46788   1.000 261.16829 ? 14 DG E "O3'" 1 
ATOM 635 C "C2'" . DG D 4 3  ? -13.78760 -0.19739  7.07005   1.000 259.58751 ? 14 DG E "C2'" 1 
ATOM 636 C "C1'" . DG D 4 3  ? -13.97227 1.30325   6.84364   1.000 251.32941 ? 14 DG E "C1'" 1 
ATOM 637 N N9    . DG D 4 3  ? -12.71266 2.03885   6.69936   1.000 247.95532 ? 14 DG E N9    1 
ATOM 638 C C8    . DG D 4 3  ? -11.70066 2.11857   7.62354   1.000 256.86341 ? 14 DG E C8    1 
ATOM 639 N N7    . DG D 4 3  ? -10.69838 2.85841   7.23970   1.000 253.12363 ? 14 DG E N7    1 
ATOM 640 C C5    . DG D 4 3  ? -11.06635 3.30584   5.97775   1.000 237.21209 ? 14 DG E C5    1 
ATOM 641 C C6    . DG D 4 3  ? -10.37134 4.14730   5.07307   1.000 231.88870 ? 14 DG E C6    1 
ATOM 642 O O6    . DG D 4 3  ? -9.26311  4.67999   5.21404   1.000 229.22199 ? 14 DG E O6    1 
ATOM 643 N N1    . DG D 4 3  ? -11.09582 4.35890   3.90331   1.000 228.84615 ? 14 DG E N1    1 
ATOM 644 C C2    . DG D 4 3  ? -12.33562 3.82355   3.63769   1.000 231.33651 ? 14 DG E C2    1 
ATOM 645 N N2    . DG D 4 3  ? -12.87686 4.14107   2.45016   1.000 237.05717 ? 14 DG E N2    1 
ATOM 646 N N3    . DG D 4 3  ? -13.00009 3.02993   4.47836   1.000 241.16949 ? 14 DG E N3    1 
ATOM 647 C C4    . DG D 4 3  ? -12.30674 2.81541   5.62674   1.000 239.59851 ? 14 DG E C4    1 
ATOM 648 P P     . DG D 4 4  ? -16.44215 -1.87180  6.38358   1.000 259.44976 ? 15 DG E P     1 
ATOM 649 O OP1   . DG D 4 4  ? -17.66824 -2.57825  6.81792   1.000 274.46255 ? 15 DG E OP1   1 
ATOM 650 O OP2   . DG D 4 4  ? -15.20941 -2.65820  6.15466   1.000 257.71737 ? 15 DG E OP2   1 
ATOM 651 O "O5'" . DG D 4 4  ? -16.78846 -1.04605  5.05454   1.000 242.43940 ? 15 DG E "O5'" 1 
ATOM 652 C "C5'" . DG D 4 4  ? -17.36388 -1.69476  3.92485   1.000 258.54876 ? 15 DG E "C5'" 1 
ATOM 653 C "C4'" . DG D 4 4  ? -16.35854 -1.76580  2.79711   1.000 258.29792 ? 15 DG E "C4'" 1 
ATOM 654 O "O4'" . DG D 4 4  ? -15.20759 -0.98304  3.16263   1.000 238.03918 ? 15 DG E "O4'" 1 
ATOM 655 C "C3'" . DG D 4 4  ? -15.82727 -3.16661  2.51824   1.000 264.05546 ? 15 DG E "C3'" 1 
ATOM 656 O "O3'" . DG D 4 4  ? -16.50816 -3.78607  1.39118   1.000 257.91688 ? 15 DG E "O3'" 1 
ATOM 657 C "C2'" . DG D 4 4  ? -14.32380 -2.97943  2.26482   1.000 271.01478 ? 15 DG E "C2'" 1 
ATOM 658 C "C1'" . DG D 4 4  ? -14.08093 -1.48298  2.49722   1.000 239.48295 ? 15 DG E "C1'" 1 
ATOM 659 N N9    . DG D 4 4  ? -12.90349 -1.22823  3.31896   1.000 234.75097 ? 15 DG E N9    1 
ATOM 660 C C8    . DG D 4 4  ? -12.61802 -1.79451  4.53396   1.000 244.29148 ? 15 DG E C8    1 
ATOM 661 N N7    . DG D 4 4  ? -11.48562 -1.39962  5.04082   1.000 239.63601 ? 15 DG E N7    1 
ATOM 662 C C5    . DG D 4 4  ? -10.97736 -0.52204  4.09503   1.000 228.40932 ? 15 DG E C5    1 
ATOM 663 C C6    . DG D 4 4  ? -9.77124  0.21491   4.09658   1.000 224.23952 ? 15 DG E C6    1 
ATOM 664 O O6    . DG D 4 4  ? -8.88894  0.23669   4.96369   1.000 252.82921 ? 15 DG E O6    1 
ATOM 665 N N1    . DG D 4 4  ? -9.63492  0.98685   2.94595   1.000 219.62894 ? 15 DG E N1    1 
ATOM 666 C C2    . DG D 4 4  ? -10.55099 1.04043   1.92071   1.000 218.61757 ? 15 DG E C2    1 
ATOM 667 N N2    . DG D 4 4  ? -10.24508 1.84250   0.88694   1.000 218.55591 ? 15 DG E N2    1 
ATOM 668 N N3    . DG D 4 4  ? -11.68964 0.35066   1.90598   1.000 222.13470 ? 15 DG E N3    1 
ATOM 669 C C4    . DG D 4 4  ? -11.83620 -0.40490  3.02372   1.000 227.49696 ? 15 DG E C4    1 
ATOM 670 P P     . DA D 4 5  ? -16.83811 -2.99162  0.02451   1.000 261.14272 ? 16 DA E P     1 
ATOM 671 O OP1   . DA D 4 5  ? -17.96486 -2.05274  0.23399   1.000 260.53639 ? 16 DA E OP1   1 
ATOM 672 O OP2   . DA D 4 5  ? -16.96995 -4.03544  -1.01513  1.000 266.92795 ? 16 DA E OP2   1 
ATOM 673 O "O5'" . DA D 4 5  ? -15.50656 -2.17115  -0.31375  1.000 270.11178 ? 16 DA E "O5'" 1 
ATOM 674 C "C5'" . DA D 4 5  ? -15.53805 -1.12151  -1.27522  1.000 258.53336 ? 16 DA E "C5'" 1 
ATOM 675 C "C4'" . DA D 4 5  ? -14.29447 -1.14544  -2.15242  1.000 263.63697 ? 16 DA E "C4'" 1 
ATOM 676 O "O4'" . DA D 4 5  ? -13.11778 -0.87733  -1.34936  1.000 249.80870 ? 16 DA E "O4'" 1 
ATOM 677 C "C3'" . DA D 4 5  ? -14.04016 -2.46651  -2.87937  1.000 259.45172 ? 16 DA E "C3'" 1 
ATOM 678 O "O3'" . DA D 4 5  ? -13.98054 -2.23700  -4.28485  1.000 258.84930 ? 16 DA E "O3'" 1 
ATOM 679 C "C2'" . DA D 4 5  ? -12.70168 -2.97085  -2.31270  1.000 242.11793 ? 16 DA E "C2'" 1 
ATOM 680 C "C1'" . DA D 4 5  ? -12.05618 -1.70809  -1.75772  1.000 246.86695 ? 16 DA E "C1'" 1 
ATOM 681 N N9    . DA D 4 5  ? -11.20351 -1.94913  -0.58823  1.000 255.11235 ? 16 DA E N9    1 
ATOM 682 C C8    . DA D 4 5  ? -11.53741 -2.64759  0.53639   1.000 264.10524 ? 16 DA E C8    1 
ATOM 683 N N7    . DA D 4 5  ? -10.58652 -2.69441  1.43972   1.000 241.07012 ? 16 DA E N7    1 
ATOM 684 C C5    . DA D 4 5  ? -9.55239  -1.96962  0.87321   1.000 236.08000 ? 16 DA E C5    1 
ATOM 685 C C6    . DA D 4 5  ? -8.25359  -1.64908  1.32987   1.000 243.68021 ? 16 DA E C6    1 
ATOM 686 N N6    . DA D 4 5  ? -7.77691  -2.03636  2.51669   1.000 282.11254 ? 16 DA E N6    1 
ATOM 687 N N1    . DA D 4 5  ? -7.46584  -0.90628  0.51775   1.000 228.65868 ? 16 DA E N1    1 
ATOM 688 C C2    . DA D 4 5  ? -7.95583  -0.52403  -0.67033  1.000 228.88307 ? 16 DA E C2    1 
ATOM 689 N N3    . DA D 4 5  ? -9.15613  -0.76577  -1.20763  1.000 231.29228 ? 16 DA E N3    1 
ATOM 690 C C4    . DA D 4 5  ? -9.91372  -1.49894  -0.37768  1.000 233.62302 ? 16 DA E C4    1 
ATOM 691 P P     . DC D 4 6  ? -13.55167 -3.41109  -5.29647  1.000 270.88766 ? 17 DC E P     1 
ATOM 692 O OP1   . DC D 4 6  ? -14.25272 -3.15766  -6.57338  1.000 279.41911 ? 17 DC E OP1   1 
ATOM 693 O OP2   . DC D 4 6  ? -13.72272 -4.72631  -4.63800  1.000 256.49561 ? 17 DC E OP2   1 
ATOM 694 O "O5'" . DC D 4 6  ? -11.99148 -3.15320  -5.51908  1.000 262.33829 ? 17 DC E "O5'" 1 
ATOM 695 C "C5'" . DC D 4 6  ? -11.53549 -1.84423  -5.83543  1.000 266.76962 ? 17 DC E "C5'" 1 
ATOM 696 C "C4'" . DC D 4 6  ? -10.02328 -1.80775  -5.94641  1.000 268.74303 ? 17 DC E "C4'" 1 
ATOM 697 O "O4'" . DC D 4 6  ? -9.43078  -1.85280  -4.61953  1.000 274.05173 ? 17 DC E "O4'" 1 
ATOM 698 C "C3'" . DC D 4 6  ? -9.40239  -2.96872  -6.72493  1.000 252.82818 ? 17 DC E "C3'" 1 
ATOM 699 O "O3'" . DC D 4 6  ? -8.33973  -2.48631  -7.52394  1.000 260.21785 ? 17 DC E "O3'" 1 
ATOM 700 C "C2'" . DC D 4 6  ? -8.88786  -3.88186  -5.61614  1.000 248.76392 ? 17 DC E "C2'" 1 
ATOM 701 C "C1'" . DC D 4 6  ? -8.44154  -2.85622  -4.59079  1.000 248.77938 ? 17 DC E "C1'" 1 
ATOM 702 N N1    . DC D 4 6  ? -8.34141  -3.39660  -3.20419  1.000 272.05913 ? 17 DC E N1    1 
ATOM 703 C C2    . DC D 4 6  ? -7.16551  -3.20314  -2.46915  1.000 283.70338 ? 17 DC E C2    1 
ATOM 704 O O2    . DC D 4 6  ? -6.23055  -2.57908  -2.98277  1.000 269.62476 ? 17 DC E O2    1 
ATOM 705 N N3    . DC D 4 6  ? -7.08830  -3.70162  -1.20994  1.000 275.62082 ? 17 DC E N3    1 
ATOM 706 C C4    . DC D 4 6  ? -8.12197  -4.37028  -0.69386  1.000 263.67650 ? 17 DC E C4    1 
ATOM 707 N N4    . DC D 4 6  ? -8.00282  -4.84369  0.55090   1.000 291.57508 ? 17 DC E N4    1 
ATOM 708 C C5    . DC D 4 6  ? -9.32627  -4.57933  -1.42952  1.000 254.78149 ? 17 DC E C5    1 
ATOM 709 C C6    . DC D 4 6  ? -9.39054  -4.08158  -2.66795  1.000 263.60897 ? 17 DC E C6    1 
ATOM 710 P P     . DA D 4 7  ? -7.84133  -3.31679  -8.80531  1.000 305.17352 ? 18 DA E P     1 
ATOM 711 O OP1   . DA D 4 7  ? -8.46410  -2.69345  -9.99336  1.000 268.85815 ? 18 DA E OP1   1 
ATOM 712 O OP2   . DA D 4 7  ? -8.03614  -4.76071  -8.53642  1.000 290.62529 ? 18 DA E OP2   1 
ATOM 713 O "O5'" . DA D 4 7  ? -6.27125  -3.02404  -8.84837  1.000 280.99855 ? 18 DA E "O5'" 1 
ATOM 714 C "C5'" . DA D 4 7  ? -5.80031  -1.69663  -8.65510  1.000 268.41840 ? 18 DA E "C5'" 1 
ATOM 715 C "C4'" . DA D 4 7  ? -4.52475  -1.68282  -7.83011  1.000 276.38760 ? 18 DA E "C4'" 1 
ATOM 716 O "O4'" . DA D 4 7  ? -4.77981  -2.23387  -6.51009  1.000 278.60875 ? 18 DA E "O4'" 1 
ATOM 717 C "C3'" . DA D 4 7  ? -3.36567  -2.49589  -8.40384  1.000 296.70327 ? 18 DA E "C3'" 1 
ATOM 718 O "O3'" . DA D 4 7  ? -2.15488  -1.80711  -8.15978  1.000 303.14099 ? 18 DA E "O3'" 1 
ATOM 719 C "C2'" . DA D 4 7  ? -3.43560  -3.79553  -7.60234  1.000 297.91321 ? 18 DA E "C2'" 1 
ATOM 720 C "C1'" . DA D 4 7  ? -3.84363  -3.25843  -6.24223  1.000 288.74881 ? 18 DA E "C1'" 1 
ATOM 721 N N9    . DA D 4 7  ? -4.47835  -4.24018  -5.36534  1.000 284.79261 ? 18 DA E N9    1 
ATOM 722 C C8    . DA D 4 7  ? -5.58226  -5.00061  -5.63580  1.000 282.45403 ? 18 DA E C8    1 
ATOM 723 N N7    . DA D 4 7  ? -5.93999  -5.78619  -4.64553  1.000 283.24671 ? 18 DA E N7    1 
ATOM 724 C C5    . DA D 4 7  ? -5.01072  -5.51520  -3.65347  1.000 291.50200 ? 18 DA E C5    1 
ATOM 725 C C6    . DA D 4 7  ? -4.83719  -6.02009  -2.34746  1.000 306.46640 ? 18 DA E C6    1 
ATOM 726 N N6    . DA D 4 7  ? -5.63441  -6.94556  -1.80228  1.000 324.24451 ? 18 DA E N6    1 
ATOM 727 N N1    . DA D 4 7  ? -3.80679  -5.53521  -1.62157  1.000 299.18533 ? 18 DA E N1    1 
ATOM 728 C C2    . DA D 4 7  ? -3.01132  -4.60899  -2.16975  1.000 297.77208 ? 18 DA E C2    1 
ATOM 729 N N3    . DA D 4 7  ? -3.07460  -4.05985  -3.38186  1.000 283.29834 ? 18 DA E N3    1 
ATOM 730 C C4    . DA D 4 7  ? -4.10583  -4.56096  -4.07958  1.000 282.87206 ? 18 DA E C4    1 
ATOM 731 P P     . DG D 4 8  ? -0.95818  -1.85761  -9.22785  1.000 275.84874 ? 19 DG E P     1 
ATOM 732 O OP1   . DG D 4 8  ? -0.67396  -0.46116  -9.63215  1.000 274.34553 ? 19 DG E OP1   1 
ATOM 733 O OP2   . DG D 4 8  ? -1.30665  -2.87166  -10.24997 1.000 281.51033 ? 19 DG E OP2   1 
ATOM 734 O "O5'" . DG D 4 8  ? 0.27376   -2.41806  -8.37492  1.000 275.74987 ? 19 DG E "O5'" 1 
ATOM 735 C "C5'" . DG D 4 8  ? 0.41393   -2.04477  -7.00352  1.000 270.67400 ? 19 DG E "C5'" 1 
ATOM 736 C "C4'" . DG D 4 8  ? 1.01461   -3.18023  -6.19442  1.000 273.99160 ? 19 DG E "C4'" 1 
ATOM 737 O "O4'" . DG D 4 8  ? -0.02114  -3.87355  -5.47432  1.000 277.70980 ? 19 DG E "O4'" 1 
ATOM 738 C "C3'" . DG D 4 8  ? 1.69871   -4.26317  -7.02130  1.000 278.07210 ? 19 DG E "C3'" 1 
ATOM 739 O "O3'" . DG D 4 8  ? 3.11699   -3.98977  -7.14962  1.000 279.84753 ? 19 DG E "O3'" 1 
ATOM 740 C "C2'" . DG D 4 8  ? 1.40157   -5.57248  -6.26170  1.000 282.23245 ? 19 DG E "C2'" 1 
ATOM 741 C "C1'" . DG D 4 8  ? 0.48398   -5.13524  -5.11562  1.000 282.18163 ? 19 DG E "C1'" 1 
ATOM 742 N N9    . DG D 4 8  ? -0.63218  -6.05286  -4.87152  1.000 285.93731 ? 19 DG E N9    1 
ATOM 743 C C8    . DG D 4 8  ? -1.62204  -6.41400  -5.75570  1.000 286.36596 ? 19 DG E C8    1 
ATOM 744 N N7    . DG D 4 8  ? -2.48381  -7.25833  -5.25568  1.000 289.90058 ? 19 DG E N7    1 
ATOM 745 C C5    . DG D 4 8  ? -2.03849  -7.47024  -3.95645  1.000 292.04105 ? 19 DG E C5    1 
ATOM 746 C C6    . DG D 4 8  ? -2.57072  -8.28913  -2.92995  1.000 295.94998 ? 19 DG E C6    1 
ATOM 747 O O6    . DG D 4 8  ? -3.57617  -9.01091  -2.96634  1.000 298.40975 ? 19 DG E O6    1 
ATOM 748 N N1    . DG D 4 8  ? -1.81189  -8.21455  -1.76310  1.000 296.65961 ? 19 DG E N1    1 
ATOM 749 C C2    . DG D 4 8  ? -0.68079  -7.44689  -1.60818  1.000 293.98927 ? 19 DG E C2    1 
ATOM 750 N N2    . DG D 4 8  ? -0.07737  -7.50160  -0.41054  1.000 294.74581 ? 19 DG E N2    1 
ATOM 751 N N3    . DG D 4 8  ? -0.17145  -6.67686  -2.56279  1.000 290.41639 ? 19 DG E N3    1 
ATOM 752 C C4    . DG D 4 8  ? -0.89863  -6.73769  -3.70507  1.000 289.62426 ? 19 DG E C4    1 
ATOM 753 P P     . DT D 4 9  ? 4.18124   -4.41596  -6.01456  1.000 283.97949 ? 20 DT E P     1 
ATOM 754 O OP1   . DT D 4 9  ? 3.62393   -4.08787  -4.67998  1.000 281.60738 ? 20 DT E OP1   1 
ATOM 755 O OP2   . DT D 4 9  ? 5.47644   -3.82029  -6.41395  1.000 285.62351 ? 20 DT E OP2   1 
ATOM 756 O "O5'" . DT D 4 9  ? 4.34596   -6.00097  -6.19818  1.000 289.53141 ? 20 DT E "O5'" 1 
ATOM 757 C "C5'" . DT D 4 9  ? 5.38237   -6.70507  -5.51627  1.000 291.96637 ? 20 DT E "C5'" 1 
ATOM 758 C "C4'" . DT D 4 9  ? 5.11939   -6.76435  -4.01895  1.000 292.51125 ? 20 DT E "C4'" 1 
ATOM 759 O "O4'" . DT D 4 9  ? 3.70167   -6.98081  -3.77494  1.000 293.99497 ? 20 DT E "O4'" 1 
ATOM 760 C "C3'" . DT D 4 9  ? 5.84637   -7.88942  -3.29133  1.000 295.60127 ? 20 DT E "C3'" 1 
ATOM 761 O "O3'" . DT D 4 9  ? 6.25405   -7.46164  -1.99678  1.000 293.64232 ? 20 DT E "O3'" 1 
ATOM 762 C "C2'" . DT D 4 9  ? 4.78773   -8.98369  -3.21798  1.000 299.32933 ? 20 DT E "C2'" 1 
ATOM 763 C "C1'" . DT D 4 9  ? 3.51540   -8.17200  -3.03490  1.000 297.67072 ? 20 DT E "C1'" 1 
ATOM 764 N N1    . DT D 4 9  ? 2.28901   -8.86056  -3.54784  1.000 299.69240 ? 20 DT E N1    1 
ATOM 765 C C2    . DT D 4 9  ? 1.56321   -9.67685  -2.70691  1.000 302.59344 ? 20 DT E C2    1 
ATOM 766 O O2    . DT D 4 9  ? 1.86642   -9.87953  -1.54462  1.000 303.51957 ? 20 DT E O2    1 
ATOM 767 N N3    . DT D 4 9  ? 0.45950   -10.25395 -3.28488  1.000 304.13918 ? 20 DT E N3    1 
ATOM 768 C C4    . DT D 4 9  ? 0.01922   -10.09783 -4.58708  1.000 302.85470 ? 20 DT E C4    1 
ATOM 769 O O4    . DT D 4 9  ? -0.98514  -10.65749 -5.01392  1.000 304.22260 ? 20 DT E O4    1 
ATOM 770 C C5    . DT D 4 9  ? 0.82490   -9.23161  -5.41064  1.000 299.68259 ? 20 DT E C5    1 
ATOM 771 C C7    . DT D 4 9  ? 0.44632   -8.98809  -6.84126  1.000 297.93912 ? 20 DT E C7    1 
ATOM 772 C C6    . DT D 4 9  ? 1.90734   -8.66364  -4.85850  1.000 298.33552 ? 20 DT E C6    1 
ATOM 773 P P     . DA D 4 10 ? 7.71515   -7.84970  -1.44632  1.000 287.83023 ? 21 DA E P     1 
ATOM 774 O OP1   . DA D 4 10 ? 8.27002   -6.64403  -0.79109  1.000 283.40850 ? 21 DA E OP1   1 
ATOM 775 O OP2   . DA D 4 10 ? 8.46301   -8.49726  -2.55064  1.000 290.93133 ? 21 DA E OP2   1 
ATOM 776 O "O5'" . DA D 4 10 ? 7.42820   -8.96200  -0.33042  1.000 290.15432 ? 21 DA E "O5'" 1 
ATOM 777 C "C5'" . DA D 4 10 ? 6.94422   -10.24398 -0.70974  1.000 294.04705 ? 21 DA E "C5'" 1 
ATOM 778 C "C4'" . DA D 4 10 ? 6.45791   -11.01499 0.50128   1.000 294.77841 ? 21 DA E "C4'" 1 
ATOM 779 O "O4'" . DA D 4 10 ? 5.04977   -11.31784 0.34458   1.000 296.68188 ? 21 DA E "O4'" 1 
ATOM 780 C "C3'" . DA D 4 10 ? 7.12652   -12.35867 0.70501   1.000 296.90062 ? 21 DA E "C3'" 1 
ATOM 781 O "O3'" . DA D 4 10 ? 7.04088   -12.74141 2.06774   1.000 295.84249 ? 21 DA E "O3'" 1 
ATOM 782 C "C2'" . DA D 4 10 ? 6.28632   -13.26475 -0.18316  1.000 300.55881 ? 21 DA E "C2'" 1 
ATOM 783 C "C1'" . DA D 4 10 ? 4.88467   -12.68301 0.00326   1.000 299.93119 ? 21 DA E "C1'" 1 
ATOM 784 N N9    . DA D 4 10 ? 4.06605   -12.75608 -1.20338  1.000 301.76251 ? 21 DA E N9    1 
ATOM 785 C C8    . DA D 4 10 ? 4.29703   -12.11882 -2.38772  1.000 300.66339 ? 21 DA E C8    1 
ATOM 786 N N7    . DA D 4 10 ? 3.39600   -12.36286 -3.30760  1.000 302.14427 ? 21 DA E N7    1 
ATOM 787 C C5    . DA D 4 10 ? 2.51095   -13.22478 -2.68467  1.000 304.73896 ? 21 DA E C5    1 
ATOM 788 C C6    . DA D 4 10 ? 1.33281   -13.85476 -3.12824  1.000 307.18729 ? 21 DA E C6    1 
ATOM 789 N N6    . DA D 4 10 ? 0.83826   -13.69811 -4.35873  1.000 307.10581 ? 21 DA E N6    1 
ATOM 790 N N1    . DA D 4 10 ? 0.68381   -14.65681 -2.25698  1.000 309.45806 ? 21 DA E N1    1 
ATOM 791 C C2    . DA D 4 10 ? 1.18567   -14.80755 -1.02429  1.000 308.93159 ? 21 DA E C2    1 
ATOM 792 N N3    . DA D 4 10 ? 2.28630   -14.26896 -0.49479  1.000 306.38927 ? 21 DA E N3    1 
ATOM 793 C C4    . DA D 4 10 ? 2.90605   -13.47731 -1.38491  1.000 304.55163 ? 21 DA E C4    1 
ATOM 794 P P     . DG D 4 11 ? 7.85927   -14.01811 2.59716   1.000 302.40222 ? 22 DG E P     1 
ATOM 795 O OP1   . DG D 4 11 ? 8.02975   -13.86668 4.06012   1.000 300.79493 ? 22 DG E OP1   1 
ATOM 796 O OP2   . DG D 4 11 ? 9.04908   -14.17678 1.73019   1.000 306.78858 ? 22 DG E OP2   1 
ATOM 797 O "O5'" . DG D 4 11 ? 6.87009   -15.24396 2.31669   1.000 305.72528 ? 22 DG E "O5'" 1 
ATOM 798 C "C5'" . DG D 4 11 ? 5.52885   -15.19092 2.79758   1.000 301.98805 ? 22 DG E "C5'" 1 
ATOM 799 C "C4'" . DG D 4 11 ? 4.77983   -16.46893 2.46297   1.000 306.48570 ? 22 DG E "C4'" 1 
ATOM 800 O "O4'" . DG D 4 11 ? 3.99967   -16.28191 1.25583   1.000 307.78820 ? 22 DG E "O4'" 1 
ATOM 801 C "C3'" . DG D 4 11 ? 5.66315   -17.69415 2.23051   1.000 314.27007 ? 22 DG E "C3'" 1 
ATOM 802 O "O3'" . DG D 4 11 ? 5.17968   -18.78348 3.00184   1.000 317.37818 ? 22 DG E "O3'" 1 
ATOM 803 C "C2'" . DG D 4 11 ? 5.54759   -17.95884 0.72465   1.000 317.40617 ? 22 DG E "C2'" 1 
ATOM 804 C "C1'" . DG D 4 11 ? 4.18319   -17.37657 0.38750   1.000 312.26825 ? 22 DG E "C1'" 1 
ATOM 805 N N9    . DG D 4 11 ? 4.08812   -16.87608 -0.98084  1.000 312.12504 ? 22 DG E N9    1 
ATOM 806 C C8    . DG D 4 11 ? 4.90818   -15.94861 -1.57363  1.000 310.97652 ? 22 DG E C8    1 
ATOM 807 N N7    . DG D 4 11 ? 4.58234   -15.67426 -2.80403  1.000 311.60146 ? 22 DG E N7    1 
ATOM 808 C C5    . DG D 4 11 ? 3.47167   -16.46922 -3.04676  1.000 313.58541 ? 22 DG E C5    1 
ATOM 809 C C6    . DG D 4 11 ? 2.68896   -16.59958 -4.21598  1.000 315.24203 ? 22 DG E C6    1 
ATOM 810 O O6    . DG D 4 11 ? 2.83137   -16.01438 -5.29840  1.000 315.25469 ? 22 DG E O6    1 
ATOM 811 N N1    . DG D 4 11 ? 1.65582   -17.51601 -4.04527  1.000 318.19519 ? 22 DG E N1    1 
ATOM 812 C C2    . DG D 4 11 ? 1.40881   -18.21794 -2.88726  1.000 319.33109 ? 22 DG E C2    1 
ATOM 813 N N2    . DG D 4 11 ? 0.36645   -19.05934 -2.91098  1.000 322.16659 ? 22 DG E N2    1 
ATOM 814 N N3    . DG D 4 11 ? 2.13956   -18.10652 -1.78149  1.000 317.48892 ? 22 DG E N3    1 
ATOM 815 C C4    . DG D 4 11 ? 3.14927   -17.21441 -1.93316  1.000 314.68887 ? 22 DG E C4    1 
ATOM 816 P P     . DC D 4 12 ? 5.97089   -20.18167 3.03193   1.000 328.28488 ? 23 DC E P     1 
ATOM 817 O OP1   . DC D 4 12 ? 5.90232   -20.70158 4.41622   1.000 329.96076 ? 23 DC E OP1   1 
ATOM 818 O OP2   . DC D 4 12 ? 7.29705   -19.98618 2.40350   1.000 331.70712 ? 23 DC E OP2   1 
ATOM 819 O "O5'" . DC D 4 12 ? 5.08994   -21.11715 2.08228   1.000 331.26687 ? 23 DC E "O5'" 1 
ATOM 820 C "C5'" . DC D 4 12 ? 3.67096   -21.09376 2.19216   1.000 326.90255 ? 23 DC E "C5'" 1 
ATOM 821 C "C4'" . DC D 4 12 ? 3.03406   -21.94041 1.10832   1.000 330.72469 ? 23 DC E "C4'" 1 
ATOM 822 O "O4'" . DC D 4 12 ? 2.86699   -21.15067 -0.09631  1.000 328.55011 ? 23 DC E "O4'" 1 
ATOM 823 C "C3'" . DC D 4 12 ? 3.83799   -23.17944 0.70724   1.000 339.79509 ? 23 DC E "C3'" 1 
ATOM 824 O "O3'" . DC D 4 12 ? 2.99620   -24.32111 0.70608   1.000 343.18236 ? 23 DC E "O3'" 1 
ATOM 825 C "C2'" . DC D 4 12 ? 4.34858   -22.84886 -0.69807  1.000 342.03183 ? 23 DC E "C2'" 1 
ATOM 826 C "C1'" . DC D 4 12 ? 3.27111   -21.90861 -1.21183  1.000 335.23495 ? 23 DC E "C1'" 1 
ATOM 827 N N1    . DC D 4 12 ? 3.75352   -20.96967 -2.26305  1.000 334.39897 ? 23 DC E N1    1 
ATOM 828 C C2    . DC D 4 12 ? 3.10386   -20.91887 -3.50486  1.000 335.25294 ? 23 DC E C2    1 
ATOM 829 O O2    . DC D 4 12 ? 2.13358   -21.66067 -3.70914  1.000 336.50538 ? 23 DC E O2    1 
ATOM 830 N N3    . DC D 4 12 ? 3.55827   -20.05172 -4.44518  1.000 335.01816 ? 23 DC E N3    1 
ATOM 831 C C4    . DC D 4 12 ? 4.60997   -19.27027 -4.18140  1.000 333.82530 ? 23 DC E C4    1 
ATOM 832 N N4    . DC D 4 12 ? 5.02474   -18.43063 -5.13630  1.000 333.98073 ? 23 DC E N4    1 
ATOM 833 C C5    . DC D 4 12 ? 5.28459   -19.31358 -2.92525  1.000 332.80805 ? 23 DC E C5    1 
ATOM 834 C C6    . DC D 4 12 ? 4.82478   -20.16528 -2.00488  1.000 333.21611 ? 23 DC E C6    1 
ATOM 835 P P     . DA D 4 13 ? 3.62692   -25.78905 0.54426   1.000 348.21277 ? 24 DA E P     1 
ATOM 836 O OP1   . DA D 4 13 ? 2.83396   -26.70681 1.39356   1.000 349.45169 ? 24 DA E OP1   1 
ATOM 837 O OP2   . DA D 4 13 ? 5.09067   -25.66835 0.74555   1.000 351.87479 ? 24 DA E OP2   1 
ATOM 838 O "O5'" . DA D 4 13 ? 3.35639   -26.15082 -0.99234  1.000 352.12781 ? 24 DA E "O5'" 1 
ATOM 839 C "C5'" . DA D 4 13 ? 2.02591   -26.12278 -1.50587  1.000 348.94704 ? 24 DA E "C5'" 1 
ATOM 840 C "C4'" . DA D 4 13 ? 2.02346   -26.21408 -3.02369  1.000 352.78665 ? 24 DA E "C4'" 1 
ATOM 841 O "O4'" . DA D 4 13 ? 2.47632   -24.96689 -3.59019  1.000 349.08025 ? 24 DA E "O4'" 1 
ATOM 842 C "C3'" . DA D 4 13 ? 2.93132   -27.30050 -3.61367  1.000 362.91453 ? 24 DA E "C3'" 1 
ATOM 843 O "O3'" . DA D 4 13 ? 2.14244   -28.32141 -4.21452  1.000 367.84910 ? 24 DA E "O3'" 1 
ATOM 844 C "C2'" . DA D 4 13 ? 3.79282   -26.56498 -4.65573  1.000 364.67951 ? 24 DA E "C2'" 1 
ATOM 845 C "C1'" . DA D 4 13 ? 3.06258   -25.23947 -4.83210  1.000 355.90999 ? 24 DA E "C1'" 1 
ATOM 846 N N9    . DA D 4 13 ? 3.94684   -24.13268 -5.18548  1.000 354.00455 ? 24 DA E N9    1 
ATOM 847 C C8    . DA D 4 13 ? 4.93370   -23.58516 -4.41274  1.000 352.08163 ? 24 DA E C8    1 
ATOM 848 N N7    . DA D 4 13 ? 5.57404   -22.59737 -4.99318  1.000 350.88261 ? 24 DA E N7    1 
ATOM 849 C C5    . DA D 4 13 ? 4.96378   -22.48898 -6.23257  1.000 352.26405 ? 24 DA E C5    1 
ATOM 850 C C6    . DA D 4 13 ? 5.18514   -21.63111 -7.32848  1.000 352.50250 ? 24 DA E C6    1 
ATOM 851 N N6    . DA D 4 13 ? 6.12220   -20.67660 -7.33882  1.000 351.00751 ? 24 DA E N6    1 
ATOM 852 N N1    . DA D 4 13 ? 4.40279   -21.79383 -8.41743  1.000 354.73666 ? 24 DA E N1    1 
ATOM 853 C C2    . DA D 4 13 ? 3.46402   -22.74870 -8.40209  1.000 356.38765 ? 24 DA E C2    1 
ATOM 854 N N3    . DA D 4 13 ? 3.16742   -23.61650 -7.43595  1.000 356.27723 ? 24 DA E N3    1 
ATOM 855 C C4    . DA D 4 13 ? 3.96174   -23.43181 -6.36902  1.000 354.22387 ? 24 DA E C4    1 
# 
loop_
_atom_site_anisotrop.id 
_atom_site_anisotrop.type_symbol 
_atom_site_anisotrop.pdbx_label_atom_id 
_atom_site_anisotrop.pdbx_label_alt_id 
_atom_site_anisotrop.pdbx_label_comp_id 
_atom_site_anisotrop.pdbx_label_asym_id 
_atom_site_anisotrop.pdbx_label_seq_id 
_atom_site_anisotrop.pdbx_PDB_ins_code 
_atom_site_anisotrop.U[1][1] 
_atom_site_anisotrop.U[2][2] 
_atom_site_anisotrop.U[3][3] 
_atom_site_anisotrop.U[1][2] 
_atom_site_anisotrop.U[1][3] 
_atom_site_anisotrop.U[2][3] 
_atom_site_anisotrop.pdbx_auth_seq_id 
_atom_site_anisotrop.pdbx_auth_comp_id 
_atom_site_anisotrop.pdbx_auth_asym_id 
_atom_site_anisotrop.pdbx_auth_atom_id 
1   O "O5'" . DG A 1  ? 2.77025 6.07361 4.37923 1.40170  0.15678  -0.12488 4  DG A "O5'" 
2   C "C5'" . DG A 1  ? 2.63336 5.98247 4.23421 1.34702  0.12838  -0.03991 4  DG A "C5'" 
3   C "C4'" . DG A 1  ? 2.82732 6.26300 4.38379 1.14204  0.13512  0.13919  4  DG A "C4'" 
4   O "O4'" . DG A 1  ? 2.74560 6.18122 4.05454 1.13391  0.18981  0.18037  4  DG A "O4'" 
5   C "C3'" . DG A 1  ? 3.14484 6.32507 4.49955 0.94410  0.09746  0.24772  4  DG A "C3'" 
6   O "O3'" . DG A 1  ? 2.94327 6.25159 4.59524 0.85307  0.04926  0.30326  4  DG A "O3'" 
7   C "C2'" . DG A 1  ? 3.41464 6.55465 4.50505 0.79013  0.13282  0.38542  4  DG A "C2'" 
8   C "C1'" . DG A 1  ? 3.25621 6.49086 4.26441 0.93761  0.19024  0.31801  4  DG A "C1'" 
9   N N9    . DG A 1  ? 2.84503 5.79222 3.47366 0.98252  0.21392  0.27481  4  DG A N9    
10  C C8    . DG A 1  ? 2.84061 5.55169 3.34679 1.09110  0.19680  0.15832  4  DG A C8    
11  N N7    . DG A 1  ? 3.11677 5.60386 3.27564 1.10981  0.22700  0.14876  4  DG A N7    
12  C C5    . DG A 1  ? 3.28459 5.86599 3.32907 1.00768  0.26690  0.26625  4  DG A C5    
13  C C6    . DG A 1  ? 3.49476 5.92947 3.19582 0.97685  0.31158  0.31556  4  DG A C6    
14  O O6    . DG A 1  ? 3.59658 5.78097 3.01907 1.03597  0.32526  0.26458  4  DG A O6    
15  N N1    . DG A 1  ? 3.53560 6.14531 3.23886 0.86487  0.34238  0.43956  4  DG A N1    
16  C C2    . DG A 1  ? 3.41886 6.30944 3.41872 0.79188  0.33109  0.50673  4  DG A C2    
17  N N2    . DG A 1  ? 3.47480 6.49943 3.42446 0.68720  0.36556  0.62461  4  DG A N2    
18  N N3    . DG A 1  ? 3.21464 6.24629 3.54151 0.82014  0.28946  0.46337  4  DG A N3    
19  C C4    . DG A 1  ? 3.14131 6.00535 3.47023 0.92885  0.25927  0.34319  4  DG A C4    
20  P P     . DC A 2  ? 2.68821 6.31697 4.61294 0.73669  0.05165  0.43044  5  DC A P     
21  O OP1   . DC A 2  ? 2.81652 6.72348 4.91217 0.86666  0.09805  0.38224  5  DC A OP1   
22  O OP2   . DC A 2  ? 2.27551 5.97359 4.48368 0.67994  -0.00475 0.45378  5  DC A OP2   
23  O "O5'" . DC A 2  ? 2.68435 6.18094 4.30278 0.51328  0.06359  0.59502  5  DC A "O5'" 
24  C "C5'" . DC A 2  ? 2.73908 6.44679 4.38880 0.43948  0.10058  0.69658  5  DC A "C5'" 
25  C "C4'" . DC A 2  ? 3.16006 6.66985 4.43869 0.26065  0.11939  0.82111  5  DC A "C4'" 
26  O "O4'" . DC A 2  ? 3.38882 6.68087 4.33514 0.34888  0.15684  0.75314  5  DC A "O4'" 
27  C "C3'" . DC A 2  ? 3.39598 6.68232 4.53763 0.07431  0.07424  0.90642  5  DC A "C3'" 
28  O "O3'" . DC A 2  ? 3.54509 6.93923 4.69709 -0.12619 0.07420  1.06794  5  DC A "O3'" 
29  C "C2'" . DC A 2  ? 3.68677 6.61647 4.40831 0.07473  0.09136  0.87166  5  DC A "C2'" 
30  C "C1'" . DC A 2  ? 3.86903 6.87333 4.47636 0.18742  0.15208  0.83793  5  DC A "C1'" 
31  N N1    . DC A 2  ? 3.08831 5.81552 3.37823 0.29077  0.17515  0.74649  5  DC A N1    
32  C C2    . DC A 2  ? 3.27443 5.93244 3.28560 0.28207  0.22802  0.78432  5  DC A C2    
33  O O2    . DC A 2  ? 3.27135 6.09965 3.30291 0.19037  0.25515  0.88980  5  DC A O2    
34  N N3    . DC A 2  ? 3.41574 5.82415 3.14572 0.37567  0.24823  0.70588  5  DC A N3    
35  C C4    . DC A 2  ? 3.41108 5.64132 3.12962 0.47307  0.21773  0.59242  5  DC A C4    
36  N N4    . DC A 2  ? 3.54558 5.53390 2.98495 0.56282  0.23930  0.52064  5  DC A N4    
37  C C5    . DC A 2  ? 3.24803 5.54278 3.24444 0.48292  0.16389  0.55006  5  DC A C5    
38  C C6    . DC A 2  ? 3.06586 5.60853 3.33992 0.38964  0.14437  0.63124  5  DC A C6    
39  P P     . DA A 3  ? 3.88305 7.08726 4.88976 -0.35382 0.03346  1.18274  6  DA A P     
40  O OP1   . DA A 3  ? 3.61605 7.05875 4.80527 -0.51286 0.02583  1.32671  6  DA A OP1   
41  O OP2   . DA A 3  ? 3.36344 6.41542 4.42833 -0.30305 -0.01547 1.09596  6  DA A OP2   
42  O "O5'" . DA A 3  ? 4.01771 6.92519 4.56793 -0.43424 0.06932  1.21924  6  DA A "O5'" 
43  C "C5'" . DA A 3  ? 3.83554 6.81757 4.24532 -0.47221 0.12226  1.29065  6  DA A "C5'" 
44  C "C4'" . DA A 3  ? 4.20060 6.87805 4.19758 -0.60443 0.14233  1.35372  6  DA A "C4'" 
45  O "O4'" . DA A 3  ? 4.48506 6.94894 4.24870 -0.45502 0.17003  1.24111  6  DA A "O4'" 
46  C "C3'" . DA A 3  ? 4.33420 6.79999 4.22893 -0.77265 0.09676  1.40538  6  DA A "C3'" 
47  O "O3'" . DA A 3  ? 4.52076 6.92051 4.21849 -0.98573 0.11100  1.54727  6  DA A "O3'" 
48  C "C2'" . DA A 3  ? 4.24954 6.39403 3.90768 -0.67717 0.09365  1.29036  6  DA A "C2'" 
49  C "C1'" . DA A 3  ? 4.54808 6.67626 4.05394 -0.52604 0.15019  1.22831  6  DA A "C1'" 
50  N N9    . DA A 3  ? 3.60392 5.58998 3.06993 -0.33009 0.14699  1.07318  6  DA A N9    
51  C C8    . DA A 3  ? 3.53117 5.66706 3.27690 -0.15373 0.12578  0.95593  6  DA A C8    
52  N N7    . DA A 3  ? 3.63610 5.58865 3.26818 -0.00168 0.12747  0.82749  6  DA A N7    
53  C C5    . DA A 3  ? 3.79105 5.45233 3.04470 -0.08216 0.15154  0.86425  6  DA A C5    
54  C C6    . DA A 3  ? 3.93244 5.30048 2.91083 0.00365  0.16506  0.77904  6  DA A C6    
55  N N6    . DA A 3  ? 3.94415 5.26901 2.98842 0.19773  0.15470  0.63240  6  DA A N6    
56  N N1    . DA A 3  ? 4.03605 5.15758 2.67325 -0.11806 0.19049  0.85060  6  DA A N1    
57  C C2    . DA A 3  ? 4.10306 5.27129 2.67868 -0.31339 0.20154  0.99544  6  DA A C2    
58  N N3    . DA A 3  ? 3.98952 5.42467 2.79753 -0.41142 0.18993  1.08662  6  DA A N3    
59  C C4    . DA A 3  ? 3.76691 5.44203 2.91355 -0.28544 0.16451  1.01448  6  DA A C4    
60  P P     . DC A 4  ? 4.11144 6.36373 3.74201 -1.20074 0.06541  1.63120  7  DC A P     
61  O OP1   . DC A 4  ? 4.12998 6.46684 3.69265 -1.40279 0.08256  1.78718  7  DC A OP1   
62  O OP2   . DC A 4  ? 3.73832 6.10219 3.67382 -1.15266 0.00894  1.58032  7  DC A OP2   
63  O "O5'" . DC A 4  ? 4.07979 5.93459 3.34129 -1.20458 0.07352  1.57197  7  DC A "O5'" 
64  C "C5'" . DC A 4  ? 4.26813 5.95659 3.21220 -1.20922 0.12813  1.58857  7  DC A "C5'" 
65  C "C4'" . DC A 4  ? 4.35058 5.67788 3.00722 -1.16931 0.12983  1.50432  7  DC A "C4'" 
66  O "O4'" . DC A 4  ? 4.24945 5.57096 2.99387 -0.93480 0.12704  1.35471  7  DC A "O4'" 
67  C "C3'" . DC A 4  ? 4.37466 5.50564 2.97365 -1.30751 0.08196  1.51552  7  DC A "C3'" 
68  O "O3'" . DC A 4  ? 4.68593 5.52576 2.93293 -1.44483 0.10585  1.56448  7  DC A "O3'" 
69  C "C2'" . DC A 4  ? 4.13822 5.17445 2.82158 -1.12747 0.05174  1.36462  7  DC A "C2'" 
70  C "C1'" . DC A 4  ? 4.23360 5.27903 2.85062 -0.92453 0.09788  1.27887  7  DC A "C1'" 
71  N N1    . DC A 4  ? 4.10343 5.19724 2.90706 -0.70392 0.07704  1.13095  7  DC A N1    
72  C C2    . DC A 4  ? 4.14787 4.98158 2.75326 -0.57667 0.08582  1.01601  7  DC A C2    
73  O O2    . DC A 4  ? 4.27224 4.83979 2.55520 -0.65000 0.11100  1.04128  7  DC A O2    
74  N N3    . DC A 4  ? 4.22790 5.10808 3.00588 -0.37919 0.06640  0.88070  7  DC A N3    
75  C C4    . DC A 4  ? 4.17596 5.34652 3.31181 -0.30809 0.04112  0.85809  7  DC A C4    
76  N N4    . DC A 4  ? 4.48473 5.69177 3.78464 -0.11245 0.02447  0.72062  7  DC A N4    
77  C C5    . DC A 4  ? 3.93393 5.37149 3.28049 -0.43469 0.03260  0.97573  7  DC A C5    
78  C C6    . DC A 4  ? 4.01482 5.40371 3.18344 -0.62985 0.05024  1.10930  7  DC A C6    
79  P P     . DC A 5  ? 4.88318 5.56621 3.16021 -1.59727 0.05857  1.55256  8  DC A P     
80  O OP1   . DC A 5  ? 4.98677 5.63720 3.20024 -1.67107 0.08114  1.58131  8  DC A OP1   
81  O OP2   . DC A 5  ? 4.63571 5.52283 3.19368 -1.64341 0.00199  1.57935  8  DC A OP2   
82  O "O5'" . DC A 5  ? 4.77885 5.10134 2.81855 -1.57201 0.05439  1.45994  8  DC A "O5'" 
83  C "C5'" . DC A 5  ? 4.68999 4.95296 2.69375 -1.47978 0.03925  1.41252  8  DC A "C5'" 
84  C "C4'" . DC A 5  ? 4.86189 4.84610 2.56642 -1.37367 0.07771  1.33760  8  DC A "C4'" 
85  O "O4'" . DC A 5  ? 4.72312 4.81041 2.57380 -1.12875 0.08081  1.21947  8  DC A "O4'" 
86  C "C3'" . DC A 5  ? 4.93333 4.59458 2.49350 -1.38961 0.05412  1.25144  8  DC A "C3'" 
87  O "O3'" . DC A 5  ? 5.14762 4.55353 2.45476 -1.33055 0.09837  1.19885  8  DC A "O3'" 
88  C "C2'" . DC A 5  ? 4.74018 4.44380 2.46357 -1.22790 0.01657  1.14524  8  DC A "C2'" 
89  C "C1'" . DC A 5  ? 4.67074 4.56614 2.50245 -1.03011 0.04972  1.09870  8  DC A "C1'" 
90  N N1    . DC A 5  ? 4.40163 4.53157 2.57481 -0.87008 0.01434  1.01584  8  DC A N1    
91  C C2    . DC A 5  ? 4.32689 4.35137 2.52011 -0.67406 0.00300  0.86956  8  DC A C2    
92  O O2    . DC A 5  ? 4.51322 4.25090 2.43889 -0.63574 0.02144  0.81263  8  DC A O2    
93  N N3    . DC A 5  ? 4.16246 4.40381 2.67477 -0.53246 -0.02752 0.79458  8  DC A N3    
94  C C4    . DC A 5  ? 3.99484 4.54351 2.79814 -0.57966 -0.04559 0.86197  8  DC A C4    
95  N N4    . DC A 5  ? 3.98688 4.74008 3.10799 -0.43511 -0.07336 0.78362  8  DC A N4    
96  C C5    . DC A 5  ? 3.99029 4.65077 2.77683 -0.77783 -0.03540 1.01288  8  DC A C5    
97  C C6    . DC A 5  ? 4.23156 4.67706 2.69902 -0.91685 -0.00569 1.08373  8  DC A C6    
98  P P     . DT A 6  ? 5.63330 4.73144 2.81504 -1.38517 0.08753  1.12663  9  DT A P     
99  O OP1   . DT A 6  ? 5.63340 4.50350 2.58005 -1.26451 0.12676  1.06167  9  DT A OP1   
100 O OP2   . DT A 6  ? 5.84160 4.98927 3.10336 -1.52445 0.08216  1.17001  9  DT A OP2   
101 O "O5'" . DT A 6  ? 5.32065 4.37581 2.59632 -1.40786 0.02669  1.07922  9  DT A "O5'" 
102 C "C5'" . DT A 6  ? 5.35823 4.13139 2.50130 -1.38836 0.01153  0.98456  9  DT A "C5'" 
103 C "C4'" . DT A 6  ? 5.26833 3.91455 2.27721 -1.22676 0.01478  0.91522  9  DT A "C4'" 
104 O "O4'" . DT A 6  ? 5.19404 4.12618 2.45739 -1.12463 -0.00668 0.91260  9  DT A "O4'" 
105 C "C3'" . DT A 6  ? 5.20913 3.62293 2.16370 -1.20785 -0.02398 0.81972  9  DT A "C3'" 
106 O "O3'" . DT A 6  ? 5.38152 3.52266 2.13431 -1.14511 0.00561  0.73902  9  DT A "O3'" 
107 C "C2'" . DT A 6  ? 4.92315 3.48185 2.09546 -1.01563 -0.05545 0.72987  9  DT A "C2'" 
108 C "C1'" . DT A 6  ? 4.89937 3.76763 2.24298 -0.93538 -0.03018 0.77345  9  DT A "C1'" 
109 N N1    . DT A 6  ? 4.54947 3.72726 2.26510 -0.84811 -0.07018 0.74824  9  DT A N1    
110 C C2    . DT A 6  ? 4.47725 3.66189 2.33795 -0.65357 -0.09504 0.61554  9  DT A C2    
111 O O2    . DT A 6  ? 4.94517 3.89281 2.64358 -0.54768 -0.08854 0.51514  9  DT A O2    
112 N N3    . DT A 6  ? 4.29749 3.77958 2.50888 -0.58734 -0.12762 0.60470  9  DT A N3    
113 C C4    . DT A 6  ? 4.07970 3.84766 2.50789 -0.69123 -0.13785 0.71199  9  DT A C4    
114 O O4    . DT A 6  ? 3.95599 3.97929 2.70598 -0.61736 -0.16652 0.69273  9  DT A O4    
115 C C5    . DT A 6  ? 4.11942 3.86621 2.37565 -0.89274 -0.11164 0.84864  9  DT A C5    
116 C C7    . DT A 6  ? 4.01908 4.06246 2.48494 -1.02083 -0.12042 0.97439  9  DT A C7    
117 C C6    . DT A 6  ? 4.49573 3.95188 2.40791 -0.96060 -0.07908 0.85898  9  DT A C6    
118 P P     . DG A 7  ? 5.59153 3.55812 2.31559 -1.26863 -0.00497 0.70049  10 DG A P     
119 O OP1   . DG A 7  ? 5.60638 3.44547 2.17640 -1.24222 0.04491  0.69046  10 DG A OP1   
120 O OP2   . DG A 7  ? 6.25452 4.40730 3.16909 -1.42395 -0.04200 0.75936  10 DG A OP2   
121 O "O5'" . DG A 7  ? 5.34322 3.07844 2.00038 -1.20972 -0.03860 0.59118  10 DG A "O5'" 
122 C "C5'" . DG A 7  ? 5.40044 2.98697 1.92159 -1.02794 -0.02437 0.51638  10 DG A "C5'" 
123 C "C4'" . DG A 7  ? 5.21981 2.73990 1.78133 -0.97353 -0.07642 0.45276  10 DG A "C4'" 
124 O "O4'" . DG A 7  ? 5.00055 2.84196 1.84516 -0.92220 -0.10511 0.47923  10 DG A "O4'" 
125 C "C3'" . DG A 7  ? 5.14300 2.58961 1.78470 -1.11684 -0.11967 0.42914  10 DG A "C3'" 
126 O "O3'" . DG A 7  ? 5.16660 2.38544 1.72756 -1.02384 -0.14410 0.32091  10 DG A "O3'" 
127 C "C2'" . DG A 7  ? 4.96394 2.67867 1.82831 -1.21186 -0.16096 0.51569  10 DG A "C2'" 
128 C "C1'" . DG A 7  ? 4.83940 2.73816 1.85212 -1.01713 -0.16163 0.48460  10 DG A "C1'" 
129 N N9    . DG A 7  ? 4.64702 2.89878 1.94967 -1.05502 -0.18201 0.56333  10 DG A N9    
130 C C8    . DG A 7  ? 4.69593 3.09709 2.01413 -1.23578 -0.17151 0.70124  10 DG A C8    
131 N N7    . DG A 7  ? 4.50110 3.22406 2.11836 -1.22328 -0.19510 0.74515  10 DG A N7    
132 C C5    . DG A 7  ? 4.30967 3.09914 2.12555 -1.02313 -0.22269 0.62742  10 DG A C5    
133 C C6    . DG A 7  ? 4.05493 3.14935 2.22726 -0.92063 -0.25386 0.60982  10 DG A C6    
134 O O6    . DG A 7  ? 3.94327 3.32001 2.33501 -0.98774 -0.26415 0.69964  10 DG A O6    
135 N N1    . DG A 7  ? 4.17622 3.22658 2.44978 -0.71938 -0.27303 0.47065  10 DG A N1    
136 C C2    . DG A 7  ? 4.37287 3.12460 2.42835 -0.62830 -0.26436 0.36365  10 DG A C2    
137 N N2    . DG A 7  ? 4.47768 3.23679 2.67712 -0.43311 -0.28581 0.23529  10 DG A N2    
138 N N3    . DG A 7  ? 4.45455 2.91948 2.17769 -0.72188 -0.23556 0.38078  10 DG A N3    
139 C C4    . DG A 7  ? 4.39636 2.89820 2.01926 -0.91820 -0.21553 0.51416  10 DG A C4    
140 P P     . DT A 8  ? 5.51436 2.57637 2.07405 -1.13567 -0.17648 0.25115  11 DT A P     
141 O OP1   . DT A 8  ? 5.71675 2.51817 2.16120 -1.00288 -0.18607 0.13621  11 DT A OP1   
142 O OP2   . DT A 8  ? 5.51232 2.57200 2.02029 -1.25007 -0.14987 0.26778  11 DT A OP2   
143 O "O5'" . DT A 8  ? 5.82103 3.10423 2.60358 -1.24736 -0.23549 0.30210  11 DT A "O5'" 
144 C "C5'" . DT A 8  ? 5.55743 2.78924 2.41187 -1.19630 -0.28550 0.24980  11 DT A "C5'" 
145 C "C4'" . DT A 8  ? 5.15011 2.46223 2.12201 -0.98967 -0.28921 0.20928  11 DT A "C4'" 
146 O "O4'" . DT A 8  ? 4.82459 2.47111 2.00829 -0.99102 -0.28331 0.29516  11 DT A "O4'" 
147 C "C3'" . DT A 8  ? 4.68482 2.04817 1.88111 -0.88844 -0.34621 0.11556  11 DT A "C3'" 
148 O "O3'" . DT A 8  ? 4.60056 1.94856 1.84608 -0.64298 -0.33733 -0.00501 11 DT A "O3'" 
149 C "C2'" . DT A 8  ? 4.47171 2.18843 1.98360 -0.94764 -0.37911 0.19982  11 DT A "C2'" 
150 C "C1'" . DT A 8  ? 4.55243 2.43942 2.06777 -0.90767 -0.33172 0.26318  11 DT A "C1'" 
151 N N1    . DT A 8  ? 4.46895 2.66115 2.18493 -1.03375 -0.34211 0.39115  11 DT A N1    
152 C C2    . DT A 8  ? 4.18549 2.67907 2.24926 -0.94301 -0.37487 0.38475  11 DT A C2    
153 O O2    . DT A 8  ? 4.42075 2.94575 2.64255 -0.76458 -0.39669 0.27661  11 DT A O2    
154 N N3    . DT A 8  ? 4.11934 2.87804 2.34496 -1.07128 -0.38055 0.51071  11 DT A N3    
155 C C4    . DT A 8  ? 4.27877 3.03196 2.35187 -1.27524 -0.35729 0.63759  11 DT A C4    
156 O O4    . DT A 8  ? 4.20269 3.20774 2.44189 -1.37883 -0.36506 0.74596  11 DT A O4    
157 C C5    . DT A 8  ? 4.54241 2.97277 2.25214 -1.36021 -0.32268 0.63428  11 DT A C5    
158 C C7    . DT A 8  ? 4.68235 3.14170 2.29777 -1.52793 -0.29725 0.71521  11 DT A C7    
159 C C6    . DT A 8  ? 4.60895 2.77765 2.16159 -1.23634 -0.31640 0.51351  11 DT A C6    
160 P P     . DA B 1  ? 4.39107 2.75406 5.23267 1.09427  -0.52576 0.18156  5  DA B P     
161 O OP1   . DA B 1  ? 4.32316 2.66287 5.10754 1.10559  -0.47987 0.16504  5  DA B OP1   
162 O OP2   . DA B 1  ? 4.55020 2.92222 5.43615 1.09408  -0.54228 0.16966  5  DA B OP2   
163 O "O5'" . DA B 1  ? 4.38577 2.76372 5.18746 1.08856  -0.53885 0.21784  5  DA B "O5'" 
164 C "C5'" . DA B 1  ? 4.37079 2.76740 5.19849 1.08071  -0.57129 0.23512  5  DA B "C5'" 
165 C "C4'" . DA B 1  ? 3.94280 2.34615 4.71017 1.08610  -0.55764 0.24898  5  DA B "C4'" 
166 O "O4'" . DA B 1  ? 3.98129 2.38092 4.68937 1.08746  -0.53728 0.26422  5  DA B "O4'" 
167 C "C3'" . DA B 1  ? 3.70582 2.10269 4.44840 1.09949  -0.52983 0.22579  5  DA B "C3'" 
168 O "O3'" . DA B 1  ? 3.76768 2.17927 4.48885 1.10030  -0.53648 0.23868  5  DA B "O3'" 
169 C "C2'" . DA B 1  ? 3.87524 2.25604 4.56138 1.10745  -0.49118 0.21890  5  DA B "C2'" 
170 C "C1'" . DA B 1  ? 3.80229 2.19267 4.45983 1.09950  -0.49987 0.24983  5  DA B "C1'" 
171 N N9    . DA B 1  ? 3.92944 2.30579 4.55179 1.10091  -0.47403 0.24964  5  DA B N9    
172 C C8    . DA B 1  ? 3.99112 2.35430 4.63453 1.09845  -0.47179 0.24220  5  DA B C8    
173 N N7    . DA B 1  ? 4.05475 2.40583 4.65710 1.09995  -0.44475 0.24367  5  DA B N7    
174 C C5    . DA B 1  ? 3.93964 2.29801 4.49439 1.10237  -0.43059 0.25255  5  DA B C5    
175 C C6    . DA B 1  ? 3.96598 2.31947 4.47052 1.10226  -0.40501 0.25661  5  DA B C6    
176 N N6    . DA B 1  ? 4.09334 2.43078 4.58423 1.10009  -0.38534 0.25333  5  DA B N6    
177 N N1    . DA B 1  ? 3.95623 2.32231 4.42856 1.10335  -0.40290 0.26207  5  DA B N1    
178 C C2    . DA B 1  ? 3.94675 2.32822 4.43367 1.10581  -0.42152 0.26440  5  DA B C2    
179 N N3    . DA B 1  ? 3.61020 1.99637 4.14226 1.10608  -0.44374 0.26208  5  DA B N3    
180 C C4    . DA B 1  ? 3.75871 2.13302 4.32436 1.10366  -0.44844 0.25590  5  DA B C4    
181 P P     . DC B 2  ? 4.35389 2.76599 5.06855 1.11126  -0.52303 0.21720  6  DC B P     
182 O OP1   . DC B 2  ? 4.46009 2.88671 5.22061 1.10472  -0.55484 0.22318  6  DC B OP1   
183 O OP2   . DC B 2  ? 4.19154 2.58391 4.90938 1.11995  -0.49750 0.18678  6  DC B OP2   
184 O "O5'" . DC B 2  ? 4.22298 2.64151 4.87134 1.11726  -0.50311 0.22721  6  DC B "O5'" 
185 C "C5'" . DC B 2  ? 3.93087 2.34097 4.53366 1.11831  -0.47996 0.23245  6  DC B "C5'" 
186 C "C4'" . DC B 2  ? 3.97291 2.37396 4.53473 1.12872  -0.44970 0.21182  6  DC B "C4'" 
187 O "O4'" . DC B 2  ? 3.81138 2.19690 4.34102 1.12812  -0.42561 0.20962  6  DC B "O4'" 
188 C "C3'" . DC B 2  ? 3.98664 2.37414 4.56895 1.13720  -0.43850 0.18091  6  DC B "C3'" 
189 O "O3'" . DC B 2  ? 3.76882 2.15523 4.31371 1.14545  -0.42231 0.16594  6  DC B "O3'" 
190 C "C2'" . DC B 2  ? 3.75867 2.12277 4.34334 1.13696  -0.41840 0.16863  6  DC B "C2'" 
191 C "C1'" . DC B 2  ? 3.79147 2.15425 4.32501 1.13466  -0.40258 0.18088  6  DC B "C1'" 
192 N N1    . DC B 2  ? 3.69438 2.03894 4.22302 1.13105  -0.38593 0.17986  6  DC B N1    
193 C C2    . DC B 2  ? 3.74286 2.08068 4.22608 1.12875  -0.36696 0.18291  6  DC B C2    
194 O O2    . DC B 2  ? 4.15567 2.50362 4.60361 1.12969  -0.36808 0.18538  6  DC B O2    
195 N N3    . DC B 2  ? 3.85063 2.17100 4.33084 1.12506  -0.35058 0.18100  6  DC B N3    
196 C C4    . DC B 2  ? 4.05374 2.36392 4.57278 1.12477  -0.35321 0.17547  6  DC B C4    
197 N N4    . DC B 2  ? 4.14534 2.43802 4.65986 1.12163  -0.33619 0.17235  6  DC B N4    
198 C C5    . DC B 2  ? 4.24148 2.55936 4.80826 1.12672  -0.37634 0.17049  6  DC B C5    
199 C C6    . DC B 2  ? 3.90407 2.23864 4.47434 1.12935  -0.39145 0.17322  6  DC B C6    
200 P P     . DA B 3  ? 3.54922 1.95519 4.09630 1.15001  -0.43812 0.16477  7  DA B P     
201 O OP1   . DA B 3  ? 3.63441 2.06232 4.18884 1.14219  -0.46244 0.19403  7  DA B OP1   
202 O OP2   . DA B 3  ? 3.46430 1.86290 4.04814 1.15538  -0.43892 0.14185  7  DA B OP2   
203 O "O5'" . DA B 3  ? 3.58301 1.98687 4.07322 1.15685  -0.42232 0.15214  7  DA B "O5'" 
204 C "C5'" . DA B 3  ? 3.56210 1.96019 4.00912 1.15316  -0.41114 0.15926  7  DA B "C5'" 
205 C "C4'" . DA B 3  ? 3.44799 1.82005 3.86246 1.15837  -0.38716 0.13157  7  DA B "C4'" 
206 O "O4'" . DA B 3  ? 3.45319 1.80692 3.87554 1.15254  -0.37116 0.13368  7  DA B "O4'" 
207 C "C3'" . DA B 3  ? 3.46636 1.82566 3.89731 1.16693  -0.37907 0.10377  7  DA B "C3'" 
208 O "O3'" . DA B 3  ? 3.46898 1.83390 3.86515 1.17559  -0.38515 0.08826  7  DA B "O3'" 
209 C "C2'" . DA B 3  ? 3.58195 1.90980 4.00358 1.16649  -0.35234 0.08470  7  DA B "C2'" 
210 C "C1'" . DA B 3  ? 3.47229 1.79883 3.88233 1.15729  -0.34851 0.10464  7  DA B "C1'" 
211 N N9    . DA B 3  ? 3.48199 1.79167 3.92488 1.15319  -0.33419 0.10367  7  DA B N9    
212 C C8    . DA B 3  ? 3.49269 1.80101 3.98692 1.15414  -0.33891 0.10133  7  DA B C8    
213 N N7    . DA B 3  ? 3.76557 2.05634 4.27663 1.15080  -0.32576 0.09794  7  DA B N7    
214 C C5    . DA B 3  ? 3.56461 1.84449 4.03461 1.14676  -0.30863 0.09955  7  DA B C5    
215 C C6    . DA B 3  ? 3.72695 1.98666 4.19148 1.14172  -0.28842 0.09669  7  DA B C6    
216 N N6    . DA B 3  ? 3.93164 2.17805 4.43193 1.14122  -0.28184 0.09103  7  DA B N6    
217 N N1    . DA B 3  ? 3.66922 1.92229 4.08857 1.13712  -0.27809 0.09709  7  DA B N1    
218 C C2    . DA B 3  ? 3.69821 1.96343 4.07614 1.13865  -0.29028 0.09889  7  DA B C2    
219 N N3    . DA B 3  ? 3.47962 1.76396 3.85650 1.14443  -0.30886 0.10132  7  DA B N3    
220 C C4    . DA B 3  ? 3.48476 1.77598 3.91166 1.14781  -0.31569 0.10237  7  DA B C4    
221 P P     . DC B 4  ? 3.36648 1.72446 3.68681 1.17927  -0.38371 0.07856  8  DC B P     
222 O OP1   . DC B 4  ? 3.37447 1.70789 3.66711 1.17422  -0.36537 0.07408  8  DC B OP1   
223 O OP2   . DC B 4  ? 3.34804 1.73323 3.65419 1.17849  -0.40435 0.09755  8  DC B OP2   
224 O "O5'" . DC B 4  ? 3.38925 1.73464 3.68175 1.19200  -0.38146 0.04605  8  DC B "O5'" 
225 C "C5'" . DC B 4  ? 3.62708 1.94695 3.93474 1.19439  -0.36235 0.02354  8  DC B "C5'" 
226 C "C4'" . DC B 4  ? 3.77888 2.10740 4.13092 1.20018  -0.36779 0.01365  8  DC B "C4'" 
227 O "O4'" . DC B 4  ? 3.39494 1.74868 3.80458 1.19435  -0.38229 0.03826  8  DC B "O4'" 
228 C "C3'" . DC B 4  ? 3.63333 1.96989 3.94934 1.21206  -0.38182 -0.00296 8  DC B "C3'" 
229 O "O3'" . DC B 4  ? 3.85866 2.17531 4.17603 1.21931  -0.37062 -0.03114 8  DC B "O3'" 
230 C "C2'" . DC B 4  ? 3.40104 1.77164 3.76090 1.21072  -0.40301 0.01647  8  DC B "C2'" 
231 C "C1'" . DC B 4  ? 3.39303 1.76490 3.81780 1.20091  -0.39839 0.03306  8  DC B "C1'" 
232 N N1    . DC B 4  ? 3.37149 1.77125 3.83367 1.19414  -0.41884 0.06183  8  DC B N1    
233 C C2    . DC B 4  ? 3.36377 1.78666 3.83989 1.19811  -0.43805 0.06375  8  DC B C2    
234 O O2    . DC B 4  ? 3.37330 1.79587 3.83064 1.20818  -0.43907 0.04171  8  DC B O2    
235 N N3    . DC B 4  ? 3.37577 1.81985 3.88397 1.19059  -0.45599 0.08953  8  DC B N3    
236 C C4    . DC B 4  ? 3.71970 2.16244 4.24368 1.18023  -0.45714 0.11225  8  DC B C4    
237 N N4    . DC B 4  ? 4.01998 2.48110 4.57144 1.17255  -0.47722 0.13659  8  DC B N4    
238 C C5    . DC B 4  ? 3.70321 2.12450 4.21469 1.17708  -0.43860 0.11023  8  DC B C5    
239 C C6    . DC B 4  ? 3.36249 1.76296 3.84484 1.18390  -0.41900 0.08496  8  DC B C6    
240 P P     . DC B 5  ? 3.47384 1.76508 3.71064 1.23102  -0.36703 -0.06085 9  DC B P     
241 O OP1   . DC B 5  ? 3.49276 1.75778 3.74524 1.23336  -0.34794 -0.08575 9  DC B OP1   
242 O OP2   . DC B 5  ? 3.63359 1.91237 3.80718 1.22898  -0.36506 -0.05559 9  DC B OP2   
243 O "O5'" . DC B 5  ? 3.55403 1.86867 3.76872 1.24282  -0.39167 -0.06559 9  DC B "O5'" 
244 C "C5'" . DC B 5  ? 3.80081 2.11158 3.93119 1.25350  -0.40413 -0.07409 9  DC B "C5'" 
245 C "C4'" . DC B 5  ? 3.80184 2.14396 3.93415 1.26175  -0.42790 -0.07128 9  DC B "C4'" 
246 O "O4'" . DC B 5  ? 3.54067 1.91424 3.74049 1.25006  -0.43512 -0.04198 9  DC B "O4'" 
247 C "C3'" . DC B 5  ? 3.87904 2.22251 3.92701 1.27288  -0.44279 -0.07541 9  DC B "C3'" 
248 O "O3'" . DC B 5  ? 3.70516 2.07162 3.75194 1.28447  -0.46227 -0.08377 9  DC B "O3'" 
249 C "C2'" . DC B 5  ? 4.07610 2.43735 4.14469 1.25968  -0.44432 -0.04509 9  DC B "C2'" 
250 C "C1'" . DC B 5  ? 3.75064 2.14025 3.91359 1.25028  -0.44831 -0.02741 9  DC B "C1'" 
251 N N1    . DC B 5  ? 3.61112 2.01422 3.82104 1.23416  -0.44538 0.00467  9  DC B N1    
252 C C2    . DC B 5  ? 3.46707 1.90180 3.72535 1.22864  -0.45950 0.02680  9  DC B C2    
253 O O2    . DC B 5  ? 3.52616 1.97824 3.79069 1.23675  -0.47313 0.01854  9  DC B O2    
254 N N3    . DC B 5  ? 3.34092 1.78510 3.63535 1.21486  -0.45830 0.05631  9  DC B N3    
255 C C4    . DC B 5  ? 3.34257 1.76826 3.63002 1.20701  -0.44367 0.06325  9  DC B C4    
256 N N4    . DC B 5  ? 3.32355 1.75925 3.64481 1.19451  -0.44471 0.09227  9  DC B N4    
257 C C5    . DC B 5  ? 3.36666 1.76132 3.60954 1.21186  -0.42787 0.04020  9  DC B C5    
258 C C6    . DC B 5  ? 3.39120 1.77453 3.59486 1.22526  -0.42939 0.01180  9  DC B C6    
259 P P     . DG B 6  ? 3.86476 2.21623 3.86891 1.30285  -0.46787 -0.11683 10 DG B P     
260 O OP1   . DG B 6  ? 4.41263 2.75139 4.47190 1.29763  -0.45271 -0.12653 10 DG B OP1   
261 O OP2   . DG B 6  ? 3.86349 2.18692 3.75907 1.31687  -0.47026 -0.13239 10 DG B OP2   
262 O "O5'" . DG B 6  ? 3.79004 2.17845 3.81635 1.31092  -0.49049 -0.11698 10 DG B "O5'" 
263 C "C5'" . DG B 6  ? 3.68443 2.10624 3.79404 1.29825  -0.49505 -0.09344 10 DG B "C5'" 
264 C "C4'" . DG B 6  ? 3.86999 2.32360 3.97621 1.30710  -0.51659 -0.09379 10 DG B "C4'" 
265 O "O4'" . DG B 6  ? 3.72413 2.19765 3.84251 1.29697  -0.52073 -0.06666 10 DG B "O4'" 
266 C "C3'" . DG B 6  ? 3.91437 2.36049 3.93237 1.32810  -0.52970 -0.11826 10 DG B "C3'" 
267 O "O3'" . DG B 6  ? 4.21012 2.68756 4.24859 1.33715  -0.54822 -0.12517 10 DG B "O3'" 
268 C "C2'" . DG B 6  ? 3.87779 2.31730 3.83875 1.32624  -0.52871 -0.10514 10 DG B "C2'" 
269 C "C1'" . DG B 6  ? 4.04508 2.50779 4.08017 1.30561  -0.52442 -0.07166 10 DG B "C1'" 
270 N N9    . DG B 6  ? 3.91984 2.36363 3.94557 1.29271  -0.50901 -0.05503 10 DG B N9    
271 C C8    . DG B 6  ? 3.66163 2.06994 3.62398 1.29635  -0.49706 -0.06675 10 DG B C8    
272 N N7    . DG B 6  ? 3.47807 1.87776 3.45201 1.28186  -0.48424 -0.04757 10 DG B N7    
273 C C5    . DG B 6  ? 3.70163 2.13235 3.74989 1.26819  -0.48868 -0.02054 10 DG B C5    
274 C C6    . DG B 6  ? 3.51383 1.95085 3.60359 1.25044  -0.48106 0.00870  10 DG B C6    
275 O O6    . DG B 6  ? 3.43980 1.85762 3.51327 1.24253  -0.46795 0.01576  10 DG B O6    
276 N N1    . DG B 6  ? 3.46202 1.93031 3.61609 1.24219  -0.49073 0.03090  10 DG B N1    
277 C C2    . DG B 6  ? 3.48486 1.97586 3.66295 1.24944  -0.50482 0.02470  10 DG B C2    
278 N N2    . DG B 6  ? 3.55367 2.07037 3.79029 1.23958  -0.51234 0.04898  10 DG B N2    
279 N N3    . DG B 6  ? 3.41878 1.90635 3.56333 1.26567  -0.51164 -0.00360 10 DG B N3    
280 C C4    . DG B 6  ? 3.81620 2.27309 3.89546 1.27454  -0.50348 -0.02459 10 DG B C4    
281 P P     . DT B 7  ? 4.36020 2.85194 4.33321 1.35419  -0.56713 -0.13516 11 DT B P     
282 O OP1   . DT B 7  ? 4.29559 2.81455 4.30310 1.36368  -0.58251 -0.14927 11 DT B OP1   
283 O OP2   . DT B 7  ? 4.12952 2.58820 3.99966 1.36939  -0.56665 -0.15286 11 DT B OP2   
284 O "O5'" . DT B 7  ? 4.53402 3.04795 4.53388 1.33981  -0.56707 -0.10439 11 DT B "O5'" 
285 C "C5'" . DT B 7  ? 4.08928 2.63201 4.17845 1.32443  -0.56779 -0.08169 11 DT B "C5'" 
286 C "C4'" . DT B 7  ? 4.30639 2.86904 4.39955 1.31597  -0.57152 -0.05713 11 DT B "C4'" 
287 O "O4'" . DT B 7  ? 4.47989 3.02472 4.56670 1.30140  -0.55719 -0.03573 11 DT B "O4'" 
288 C "C3'" . DT B 7  ? 4.23893 2.80863 4.26155 1.33253  -0.58403 -0.07108 11 DT B "C3'" 
289 O "O3'" . DT B 7  ? 4.28485 2.88774 4.34378 1.32774  -0.59286 -0.05529 11 DT B "O3'" 
290 C "C2'" . DT B 7  ? 3.98175 2.52379 3.93960 1.33035  -0.57363 -0.06547 11 DT B "C2'" 
291 C "C1'" . DT B 7  ? 3.97102 2.51273 3.99256 1.30640  -0.55993 -0.03424 11 DT B "C1'" 
292 N N1    . DT B 7  ? 3.88826 2.39801 3.86999 1.30013  -0.54469 -0.02953 11 DT B N1    
293 C C2    . DT B 7  ? 3.97951 2.49052 3.99750 1.28072  -0.53472 -0.00013 11 DT B C2    
294 O O2    . DT B 7  ? 4.08108 2.61646 4.15911 1.26843  -0.53814 0.02399  11 DT B O2    
295 N N3    . DT B 7  ? 3.91697 2.39805 3.89538 1.27673  -0.52079 -0.00007 11 DT B N3    
296 C C4    . DT B 7  ? 3.79743 2.24600 3.70200 1.28980  -0.51536 -0.02518 11 DT B C4    
297 O O4    . DT B 7  ? 3.74159 2.16341 3.61410 1.28481  -0.50181 -0.02345 11 DT B O4    
298 C C5    . DT B 7  ? 3.77213 2.21919 3.63756 1.31027  -0.52699 -0.05359 11 DT B C5    
299 C C7    . DT B 7  ? 3.69251 2.10222 3.47034 1.32675  -0.52331 -0.08051 11 DT B C7    
300 C C6    . DT B 7  ? 3.74025 2.21868 3.64726 1.31443  -0.54123 -0.05477 11 DT B C6    
301 O "O5'" . DC C 1  ? 5.59430 4.43913 2.64320 2.69885  -0.06825 -0.24167 -2 DC C "O5'" 
302 C "C5'" . DC C 1  ? 5.77788 4.47732 2.72185 2.74252  -0.10310 -0.28920 -2 DC C "C5'" 
303 C "C4'" . DC C 1  ? 5.79535 4.29209 2.80680 2.65208  -0.13820 -0.35592 -2 DC C "C4'" 
304 O "O4'" . DC C 1  ? 5.87695 4.23724 2.88038 2.63625  -0.12612 -0.36570 -2 DC C "O4'" 
305 C "C3'" . DC C 1  ? 5.61392 4.12174 2.77864 2.54392  -0.13767 -0.36165 -2 DC C "C3'" 
306 O "O3'" . DC C 1  ? 5.64473 4.00672 2.85104 2.48298  -0.18349 -0.42484 -2 DC C "O3'" 
307 C "C2'" . DC C 1  ? 5.56146 4.03320 2.79121 2.49715  -0.10147 -0.33813 -2 DC C "C2'" 
308 C "C1'" . DC C 1  ? 5.74781 4.06238 2.88986 2.53277  -0.11159 -0.36711 -2 DC C "C1'" 
309 N N1    . DC C 1  ? 5.76139 4.06646 2.89847 2.54125  -0.07031 -0.33231 -2 DC C N1    
310 C C2    . DC C 1  ? 5.93043 4.08796 2.99287 2.57101  -0.07431 -0.35390 -2 DC C C2    
311 O O2    . DC C 1  ? 6.06942 4.10195 3.07290 2.58795  -0.11543 -0.40403 -2 DC C O2    
312 N N3    . DC C 1  ? 5.94342 4.09650 2.99860 2.58146  -0.03499 -0.31986 -2 DC C N3    
313 C C4    . DC C 1  ? 5.79730 4.08772 2.91471 2.56417  0.00407  -0.26801 -2 DC C C4    
314 N N4    . DC C 1  ? 5.82080 4.10356 2.92378 2.57844  0.04035  -0.23617 -2 DC C N4    
315 C C5    . DC C 1  ? 5.62880 4.06790 2.82290 2.53361  0.00544  -0.24719 -2 DC C C5    
316 C C6    . DC C 1  ? 5.61707 4.05712 2.81817 2.52337  -0.03073 -0.27956 -2 DC C C6    
317 P P     . DT C 2  ? 6.48362 4.76857 3.58427 2.53839  -0.23547 -0.47557 -1 DT C P     
318 O OP1   . DT C 2  ? 6.77267 4.91097 3.78345 2.57832  -0.24713 -0.50136 -1 DT C OP1   
319 O OP2   . DT C 2  ? 6.49719 4.95152 3.53186 2.61474  -0.23277 -0.44477 -1 DT C OP2   
320 O "O5'" . DT C 2  ? 6.34025 4.52080 3.54447 2.44136  -0.27819 -0.53103 -1 DT C "O5'" 
321 C "C5'" . DT C 2  ? 6.18288 4.25620 3.50868 2.34103  -0.27307 -0.54582 -1 DT C "C5'" 
322 C "C4'" . DT C 2  ? 6.39528 4.28384 3.68688 2.33888  -0.29216 -0.58497 -1 DT C "C4'" 
323 O "O4'" . DT C 2  ? 6.44600 4.33849 3.69752 2.37533  -0.24791 -0.54621 -1 DT C "O4'" 
324 C "C3'" . DT C 2  ? 6.29537 4.04652 3.71369 2.23320  -0.30969 -0.62001 -1 DT C "C3'" 
325 O "O3'" . DT C 2  ? 6.56003 4.14101 3.93180 2.24054  -0.35121 -0.67250 -1 DT C "O3'" 
326 C "C2'" . DT C 2  ? 6.13392 3.89804 3.62448 2.19654  -0.25534 -0.57465 -1 DT C "C2'" 
327 C "C1'" . DT C 2  ? 6.31223 4.12648 3.67671 2.29330  -0.22542 -0.54074 -1 DT C "C1'" 
328 N N1    . DT C 2  ? 6.12790 4.07435 3.52785 2.29416  -0.17025 -0.47791 -1 DT C N1    
329 C C2    . DT C 2  ? 6.21547 4.14066 3.57576 2.32622  -0.13374 -0.44854 -1 DT C C2    
330 O O2    . DT C 2  ? 6.44351 4.24198 3.73685 2.35639  -0.14294 -0.47080 -1 DT C O2    
331 N N3    . DT C 2  ? 6.03781 4.09449 3.43597 2.32407  -0.08825 -0.39231 -1 DT C N3    
332 C C4    . DT C 2  ? 5.79233 3.99009 3.26356 2.29279  -0.07785 -0.36423 -1 DT C C4    
333 O O4    . DT C 2  ? 5.66054 3.96667 3.16006 2.29427  -0.04091 -0.31570 -1 DT C O4    
334 C C5    . DT C 2  ? 5.71468 3.92058 3.22351 2.26008  -0.11639 -0.39697 -1 DT C C5    
335 C C7    . DT C 2  ? 5.46787 3.81263 3.05128 2.22720  -0.11077 -0.37107 -1 DT C C7    
336 C C6    . DT C 2  ? 5.88167 3.96574 3.35360 2.26230  -0.15939 -0.45121 -1 DT C C6    
337 P P     . DG C 3  ? 6.68583 4.13580 4.15786 2.15176  -0.40113 -0.72912 0  DG C P     
338 O OP1   . DG C 3  ? 7.03059 4.33976 4.40616 2.19414  -0.45485 -0.78383 0  DG C OP1   
339 O OP2   . DG C 3  ? 6.42213 3.97935 3.96581 2.10988  -0.41169 -0.72769 0  DG C OP2   
340 O "O5'" . DG C 3  ? 6.62429 3.99429 4.22431 2.06900  -0.36703 -0.71093 0  DG C "O5'" 
341 C "C5'" . DG C 3  ? 6.39969 3.74554 4.14753 1.96964  -0.37587 -0.72071 0  DG C "C5'" 
342 C "C4'" . DG C 3  ? 6.45379 3.67371 4.29430 1.91015  -0.35668 -0.71514 0  DG C "C4'" 
343 O "O4'" . DG C 3  ? 6.43436 3.69356 4.24756 1.94446  -0.29830 -0.66391 0  DG C "O4'" 
344 C "C3'" . DG C 3  ? 6.21927 3.44335 4.22243 1.81151  -0.34846 -0.70495 0  DG C "C3'" 
345 O "O3'" . DG C 3  ? 6.37350 3.44153 4.45529 1.75753  -0.35850 -0.72212 0  DG C "O3'" 
346 C "C2'" . DG C 3  ? 6.01318 3.36047 4.04980 1.81230  -0.28479 -0.64070 0  DG C "C2'" 
347 C "C1'" . DG C 3  ? 6.20751 3.52535 4.14385 1.88192  -0.25548 -0.62109 0  DG C "C1'" 
348 N N9    . DG C 3  ? 6.04729 3.51502 3.93744 1.92847  -0.20931 -0.56882 0  DG C N9    
349 C C8    . DG C 3  ? 5.93576 3.54521 3.75838 1.97656  -0.21199 -0.55701 0  DG C C8    
350 N N7    . DG C 3  ? 5.82047 3.54591 3.62074 2.00898  -0.16713 -0.50549 0  DG C N7    
351 C C5    . DG C 3  ? 5.85517 3.51215 3.70604 1.98224  -0.13252 -0.48318 0  DG C C5    
352 C C6    . DG C 3  ? 5.78039 3.50749 3.63163 1.99940  -0.08091 -0.43002 0  DG C C6    
353 O O6    . DG C 3  ? 5.66660 3.53401 3.47554 2.04055  -0.05700 -0.39188 0  DG C O6    
354 N N1    . DG C 3  ? 5.86279 3.48180 3.77199 1.96518  -0.05815 -0.42159 0  DG C N1    
355 C C2    . DG C 3  ? 6.00272 3.46492 3.97018 1.91842  -0.08178 -0.45743 0  DG C C2    
356 N N2    . DG C 3  ? 6.07583 3.45339 4.09914 1.89338  -0.05175 -0.43706 0  DG C N2    
357 N N3    . DG C 3  ? 6.07684 3.47080 4.04835 1.89891  -0.13283 -0.50842 0  DG C N3    
358 C C4    . DG C 3  ? 5.99473 3.49319 3.90308 1.93344  -0.15589 -0.51965 0  DG C C4    
359 P P     . DC C 4  ? 7.34509 4.38041 5.59044 1.65662  -0.36962 -0.72648 1  DC C P     
360 O OP1   . DC C 4  ? 7.98089 4.84128 6.25775 1.62241  -0.41446 -0.77067 1  DC C OP1   
361 O OP2   . DC C 4  ? 6.49137 3.65242 4.75231 1.64308  -0.38701 -0.73188 1  DC C OP2   
362 O "O5'" . DC C 4  ? 6.67860 3.74800 5.01681 1.62538  -0.30180 -0.66282 1  DC C "O5'" 
363 C "C5'" . DC C 4  ? 6.91167 3.87045 5.26417 1.62742  -0.27420 -0.64452 1  DC C "C5'" 
364 C "C4'" . DC C 4  ? 6.72383 3.75957 5.13854 1.61665  -0.20764 -0.57909 1  DC C "C4'" 
365 O "O4'" . DC C 4  ? 6.50116 3.67338 4.81581 1.68191  -0.17834 -0.55167 1  DC C "O4'" 
366 C "C3'" . DC C 4  ? 6.01787 3.12267 4.56473 1.54819  -0.19485 -0.55410 1  DC C "C3'" 
367 O "O3'" . DC C 4  ? 6.01783 3.07239 4.66832 1.51170  -0.15239 -0.50977 1  DC C "O3'" 
368 C "C2'" . DC C 4  ? 5.85191 3.13209 4.34817 1.58087  -0.17286 -0.52709 1  DC C "C2'" 
369 C "C1'" . DC C 4  ? 6.22534 3.51968 4.61174 1.65319  -0.14255 -0.50700 1  DC C "C1'" 
370 N N1    . DC C 4  ? 5.84131 3.28973 4.13977 1.70621  -0.13025 -0.48797 1  DC C N1    
371 C C2    . DC C 4  ? 5.58721 3.12202 3.86393 1.73593  -0.08002 -0.43616 1  DC C C2    
372 O O2    . DC C 4  ? 5.64245 3.12400 3.96603 1.72158  -0.04583 -0.40832 1  DC C O2    
373 N N3    . DC C 4  ? 5.47368 3.14831 3.67848 1.78158  -0.07173 -0.41670 1  DC C N3    
374 C C4    . DC C 4  ? 5.42723 3.15638 3.58493 1.79939  -0.10785 -0.44382 1  DC C C4    
375 N N4    . DC C 4  ? 5.32672 3.19517 3.42080 1.84625  -0.09714 -0.41846 1  DC C N4    
376 C C5    . DC C 4  ? 5.49295 3.13812 3.66768 1.77174  -0.15775 -0.49675 1  DC C C5    
377 C C6    . DC C 4  ? 5.63427 3.14147 3.87986 1.72412  -0.16866 -0.51830 1  DC C C6    
378 P P     . DT C 5  ? 6.10764 3.29025 4.82379 1.49679  -0.09903 -0.44800 2  DT C P     
379 O OP1   . DT C 5  ? 5.97847 3.24887 4.74864 1.45746  -0.11916 -0.45479 2  DT C OP1   
380 O OP2   . DT C 5  ? 6.01124 3.26876 4.62807 1.56114  -0.06228 -0.41945 2  DT C OP2   
381 O "O5'" . DT C 5  ? 6.62273 3.71084 5.45742 1.45541  -0.06742 -0.40998 2  DT C "O5'" 
382 C "C5'" . DT C 5  ? 6.18103 3.34325 5.11579 1.42057  -0.03364 -0.36138 2  DT C "C5'" 
383 C "C4'" . DT C 5  ? 5.86709 3.13043 4.76219 1.46031  0.01997  -0.30977 2  DT C "C4'" 
384 O "O4'" . DT C 5  ? 5.54198 2.88044 4.30654 1.51716  0.01540  -0.32580 2  DT C "O4'" 
385 C "C3'" . DT C 5  ? 5.70158 3.08787 4.65603 1.43819  0.04359  -0.27035 2  DT C "C3'" 
386 O "O3'" . DT C 5  ? 5.84794 3.19459 4.90095 1.41419  0.07901  -0.22238 2  DT C "O3'" 
387 C "C2'" . DT C 5  ? 5.42394 2.93858 4.27892 1.48834  0.06634  -0.25141 2  DT C "C2'" 
388 C "C1'" . DT C 5  ? 5.50596 2.98835 4.24609 1.53618  0.04577  -0.28815 2  DT C "C1'" 
389 N N1    . DT C 5  ? 5.47704 3.06129 4.14129 1.55760  0.01667  -0.31342 2  DT C N1    
390 C C2    . DT C 5  ? 5.40766 3.11519 3.99926 1.59985  0.03749  -0.28670 2  DT C C2    
391 O O2    . DT C 5  ? 5.24208 2.98330 3.82313 1.62036  0.07720  -0.24662 2  DT C O2    
392 N N3    . DT C 5  ? 5.24842 3.03937 3.78005 1.61875  0.00845  -0.30732 2  DT C N3    
393 C C4    . DT C 5  ? 5.04696 2.81336 3.57770 1.60216  -0.03770 -0.35234 2  DT C C4    
394 O O4    . DT C 5  ? 4.76418 2.61335 3.23752 1.62556  -0.05968 -0.36436 2  DT C O4    
395 C C5    . DT C 5  ? 5.08772 2.72495 3.69086 1.55703  -0.05953 -0.38254 2  DT C C5    
396 C C7    . DT C 5  ? 5.04406 2.64610 3.64849 1.53621  -0.11343 -0.43464 2  DT C C7    
397 C C6    . DT C 5  ? 5.25960 2.81187 3.92846 1.53612  -0.03183 -0.36102 2  DT C C6    
398 P P     . DA C 6  ? 6.67687 4.03823 5.70449 1.45169  0.13358  -0.17000 3  DA C P     
399 O OP1   . DA C 6  ? 6.94340 4.23979 5.87527 1.49655  0.13307  -0.18956 3  DA C OP1   
400 O OP2   . DA C 6  ? 6.97361 4.27889 6.11553 1.41970  0.15786  -0.12625 3  DA C OP2   
401 O "O5'" . DA C 6  ? 5.85587 3.38603 4.83285 1.47461  0.15506  -0.14441 3  DA C "O5'" 
402 C "C5'" . DA C 6  ? 6.19380 3.77941 5.07730 1.52698  0.18516  -0.12352 3  DA C "C5'" 
403 C "C4'" . DA C 6  ? 5.79367 3.53061 4.62165 1.54342  0.18444  -0.11596 3  DA C "C4'" 
404 O "O4'" . DA C 6  ? 5.69410 3.46186 4.47343 1.54574  0.14235  -0.15944 3  DA C "O4'" 
405 C "C3'" . DA C 6  ? 5.65936 3.47478 4.55720 1.51098  0.19263  -0.08743 3  DA C "C3'" 
406 O "O3'" . DA C 6  ? 5.37484 3.28948 4.21990 1.54201  0.21977  -0.05383 3  DA C "O3'" 
407 C "C2'" . DA C 6  ? 5.81565 3.67706 4.71683 1.48589  0.14841  -0.12308 3  DA C "C2'" 
408 C "C1'" . DA C 6  ? 5.42065 3.29737 4.21585 1.52726  0.13105  -0.15215 3  DA C "C1'" 
409 N N9    . DA C 6  ? 4.72211 2.60680 3.50177 1.51426  0.08529  -0.19565 3  DA C N9    
410 C C8    . DA C 6  ? 4.76121 2.56236 3.59361 1.47826  0.05375  -0.23141 3  DA C C8    
411 N N7    . DA C 6  ? 4.70454 2.53843 3.49888 1.47829  0.01446  -0.26711 3  DA C N7    
412 C C5    . DA C 6  ? 4.61971 2.56601 3.33636 1.51705  0.02183  -0.25031 3  DA C C5    
413 C C6    . DA C 6  ? 4.54082 2.57049 3.19120 1.53946  -0.00586 -0.26638 3  DA C C6    
414 N N6    . DA C 6  ? 4.53103 2.54363 3.17717 1.52600  -0.04756 -0.30682 3  DA C N6    
415 N N1    . DA C 6  ? 4.48305 2.61567 3.07233 1.57870  0.00989  -0.23767 3  DA C N1    
416 C C2    . DA C 6  ? 4.50243 2.65290 3.09158 1.59333  0.04895  -0.19943 3  DA C C2    
417 N N3    . DA C 6  ? 4.57335 2.65360 3.21503 1.57651  0.07861  -0.18196 3  DA C N3    
418 C C4    . DA C 6  ? 4.62973 2.60814 3.33674 1.53847  0.06387  -0.20760 3  DA C C4    
419 P P     . DC C 7  ? 5.74804 3.71550 4.64758 1.52848  0.24881  -0.00808 4  DC C P     
420 O OP1   . DC C 7  ? 5.85024 3.77159 4.74467 1.55431  0.29291  0.02746  4  DC C OP1   
421 O OP2   . DC C 7  ? 5.64048 3.59076 4.63434 1.48016  0.22989  -0.01375 4  DC C OP2   
422 O "O5'" . DC C 7  ? 5.62119 3.72085 4.45010 1.54983  0.24139  -0.00110 4  DC C "O5'" 
423 C "C5'" . DC C 7  ? 5.51724 3.65937 4.25033 1.58953  0.23175  -0.01553 4  DC C "C5'" 
424 C "C4'" . DC C 7  ? 5.52150 3.75786 4.22729 1.58445  0.19611  -0.03040 4  DC C "C4'" 
425 O "O4'" . DC C 7  ? 5.43228 3.63283 4.14823 1.56527  0.16021  -0.07069 4  DC C "O4'" 
426 C "C3'" . DC C 7  ? 5.04833 3.33941 3.80380 1.55327  0.18864  -0.01428 4  DC C "C3'" 
427 O "O3'" . DC C 7  ? 5.01225 3.39667 3.71051 1.58176  0.19162  0.00709  4  DC C "O3'" 
428 C "C2'" . DC C 7  ? 4.81845 3.11356 3.60134 1.51956  0.14496  -0.04732 4  DC C "C2'" 
429 C "C1'" . DC C 7  ? 4.96645 3.23448 3.69593 1.54226  0.12900  -0.07859 4  DC C "C1'" 
430 N N1    . DC C 7  ? 4.57536 2.78914 3.34337 1.50921  0.09555  -0.11690 4  DC C N1    
431 C C2    . DC C 7  ? 4.50263 2.76342 3.22850 1.51467  0.05779  -0.14315 4  DC C C2    
432 O O2    . DC C 7  ? 4.45953 2.80683 3.12304 1.54715  0.05307  -0.13141 4  DC C O2    
433 N N3    . DC C 7  ? 4.49298 2.70349 3.24848 1.48656  0.02629  -0.17968 4  DC C N3    
434 C C4    . DC C 7  ? 4.55258 2.66948 3.38070 1.45292  0.02965  -0.19052 4  DC C C4    
435 N N4    . DC C 7  ? 4.55075 2.62114 3.40401 1.42655  -0.00577 -0.22901 4  DC C N4    
436 C C5    . DC C 7  ? 4.62821 2.69560 3.50707 1.44723  0.06824  -0.16076 4  DC C C5    
437 C C6    . DC C 7  ? 4.63566 2.75465 3.47987 1.47664  0.10089  -0.12464 4  DC C C6    
438 P P     . DT C 8  ? 5.04660 3.49815 3.76555 1.56073  0.17305  0.01878  5  DT C P     
439 O OP1   . DT C 8  ? 5.05012 3.56341 3.71565 1.59637  0.19043  0.04691  5  DT C OP1   
440 O OP2   . DT C 8  ? 5.15458 3.55606 3.95955 1.51859  0.17665  0.02108  5  DT C OP2   
441 O "O5'" . DT C 8  ? 4.79298 3.29484 3.48340 1.55620  0.12544  -0.00813 5  DT C "O5'" 
442 C "C5'" . DT C 8  ? 4.71330 3.24912 3.33549 1.59459  0.11663  -0.01851 5  DT C "C5'" 
443 C "C4'" . DT C 8  ? 4.66874 3.25694 3.27492 1.58952  0.07146  -0.03769 5  DT C "C4'" 
444 O "O4'" . DT C 8  ? 4.62536 3.15466 3.26344 1.56150  0.05288  -0.06971 5  DT C "O4'" 
445 C "C3'" . DT C 8  ? 4.48861 3.11970 3.11649 1.56502  0.04412  -0.03026 5  DT C "C3'" 
446 O "O3'" . DT C 8  ? 4.46074 3.16717 3.04549 1.58712  0.00909  -0.03276 5  DT C "O3'" 
447 C "C2'" . DT C 8  ? 4.13428 2.70422 2.82810 1.51461  0.02911  -0.05102 5  DT C "C2'" 
448 C "C1'" . DT C 8  ? 4.42524 2.96416 3.10323 1.52266  0.02025  -0.07922 5  DT C "C1'" 
449 N N1    . DT C 8  ? 4.38423 2.84124 3.12412 1.48241  0.01540  -0.10370 5  DT C N1    
450 C C2    . DT C 8  ? 4.32652 2.77469 3.06309 1.47008  -0.02029 -0.13580 5  DT C C2    
451 O O2    . DT C 8  ? 4.36293 2.86877 3.04947 1.49192  -0.04625 -0.14230 5  DT C O2    
452 N N3    . DT C 8  ? 4.30669 2.67787 3.10244 1.43421  -0.02555 -0.15870 5  DT C N3    
453 C C4    . DT C 8  ? 4.33944 2.64378 3.20291 1.41124  0.00157  -0.14919 5  DT C C4    
454 O O4    . DT C 8  ? 4.41564 2.65342 3.33477 1.38118  -0.00862 -0.17045 5  DT C O4    
455 C C5    . DT C 8  ? 4.45829 2.77756 3.32283 1.42823  0.04134  -0.11126 5  DT C C5    
456 C C7    . DT C 8  ? 4.44453 2.69847 3.38140 1.41158  0.07490  -0.09217 5  DT C C7    
457 C C6    . DT C 8  ? 4.43011 2.82376 3.23009 1.46203  0.04576  -0.09248 5  DT C C6    
458 P P     . DG C 9  ? 4.35291 3.12494 2.92475 1.59034  -0.01882 -0.01575 6  DG C P     
459 O OP1   . DG C 9  ? 4.45117 3.28374 2.97415 1.63879  -0.00110 0.00695  6  DG C OP1   
460 O OP2   . DG C 9  ? 4.22389 2.95160 2.84306 1.54736  -0.02151 -0.01553 6  DG C OP2   
461 O "O5'" . DG C 9  ? 4.23395 3.05332 2.79345 1.59199  -0.06922 -0.02755 6  DG C "O5'" 
462 C "C5'" . DG C 9  ? 4.33514 3.14964 2.88449 1.60230  -0.07317 -0.04572 6  DG C "C5'" 
463 C "C4'" . DG C 9  ? 4.12339 2.91462 2.70066 1.56512  -0.11406 -0.06667 6  DG C "C4'" 
464 O "O4'" . DG C 9  ? 4.07383 2.77676 2.69392 1.52614  -0.09902 -0.09026 6  DG C "O4'" 
465 C "C3'" . DG C 9  ? 4.04820 2.85168 2.64253 1.53689  -0.15221 -0.05794 6  DG C "C3'" 
466 O "O3'" . DG C 9  ? 4.00908 2.84900 2.59569 1.53534  -0.20225 -0.06054 6  DG C "O3'" 
467 C "C2'" . DG C 9  ? 3.90509 2.62871 2.54946 1.48776  -0.14005 -0.07200 6  DG C "C2'" 
468 C "C1'" . DG C 9  ? 3.93807 2.61490 2.59807 1.48118  -0.12565 -0.09695 6  DG C "C1'" 
469 N N9    . DG C 9  ? 3.95952 2.56308 2.67616 1.44603  -0.09937 -0.10523 6  DG C N9    
470 C C8    . DG C 9  ? 3.99033 2.57159 2.73419 1.44207  -0.06153 -0.08514 6  DG C C8    
471 N N7    . DG C 9  ? 4.15566 2.67471 2.96028 1.41160  -0.04536 -0.09266 6  DG C N7    
472 C C5    . DG C 9  ? 3.99426 2.49063 2.80944 1.39206  -0.07658 -0.12380 6  DG C C5    
473 C C6    . DG C 9  ? 4.01474 2.44831 2.88895 1.35831  -0.08064 -0.14587 6  DG C C6    
474 O O6    . DG C 9  ? 4.05490 2.43923 2.99194 1.33925  -0.05567 -0.13853 6  DG C O6    
475 N N1    . DG C 9  ? 3.99585 2.42839 2.85250 1.35071  -0.11976 -0.17791 6  DG C N1    
476 C C2    . DG C 9  ? 3.96264 2.44993 2.75563 1.37557  -0.14840 -0.18318 6  DG C C2    
477 N N2    . DG C 9  ? 4.23703 2.71705 3.01951 1.36835  -0.18344 -0.21368 6  DG C N2    
478 N N3    . DG C 9  ? 3.94494 2.49294 2.68991 1.40860  -0.14429 -0.15855 6  DG C N3    
479 C C4    . DG C 9  ? 3.96137 2.50910 2.71957 1.41360  -0.10901 -0.13185 6  DG C C4    
480 P P     . DT C 10 ? 4.27874 3.19226 2.85055 1.54376  -0.25266 -0.03183 7  DT C P     
481 O OP1   . DT C 10 ? 4.39548 3.41034 2.94288 1.59128  -0.25873 -0.00671 7  DT C OP1   
482 O OP2   . DT C 10 ? 4.75426 3.64897 3.32748 1.53363  -0.24431 -0.02380 7  DT C OP2   
483 O "O5'" . DT C 10 ? 4.15530 3.04272 2.74305 1.50261  -0.30843 -0.04141 7  DT C "O5'" 
484 C "C5'" . DT C 10 ? 4.01712 2.82424 2.62974 1.45716  -0.31050 -0.06290 7  DT C "C5'" 
485 C "C4'" . DT C 10 ? 3.87788 2.63898 2.51017 1.43399  -0.31476 -0.09142 7  DT C "C4'" 
486 O "O4'" . DT C 10 ? 3.86067 2.57557 2.51594 1.43134  -0.26218 -0.11084 7  DT C "O4'" 
487 C "C3'" . DT C 10 ? 3.73118 2.44080 2.38419 1.38668  -0.34693 -0.10509 7  DT C "C3'" 
488 O "O3'" . DT C 10 ? 3.79731 2.54103 2.43202 1.37120  -0.40993 -0.09129 7  DT C "O3'" 
489 C "C2'" . DT C 10 ? 3.65554 2.31618 2.33916 1.36816  -0.32689 -0.13699 7  DT C "C2'" 
490 C "C1'" . DT C 10 ? 3.78345 2.44002 2.47421 1.39162  -0.27032 -0.13768 7  DT C "C1'" 
491 N N1    . DT C 10 ? 3.79447 2.40291 2.53231 1.36687  -0.23037 -0.13761 7  DT C N1    
492 C C2    . DT C 10 ? 3.80466 2.36030 2.59176 1.33369  -0.22556 -0.15947 7  DT C C2    
493 O O2    . DT C 10 ? 4.62171 3.16326 3.41029 1.32122  -0.25370 -0.18458 7  DT C O2    
494 N N3    . DT C 10 ? 3.82488 2.34836 2.66207 1.31867  -0.18777 -0.14847 7  DT C N3    
495 C C4    . DT C 10 ? 3.83724 2.37462 2.67351 1.33455  -0.15354 -0.11980 7  DT C C4    
496 O O4    . DT C 10 ? 4.22304 2.73235 3.10792 1.32413  -0.11981 -0.10718 7  DT C O4    
497 C C5    . DT C 10 ? 3.82624 2.41648 2.60221 1.36798  -0.16169 -0.10374 7  DT C C5    
498 C C7    . DT C 10 ? 3.84886 2.45925 2.61267 1.38980  -0.12960 -0.07578 7  DT C C7    
499 C C6    . DT C 10 ? 3.80589 2.42932 2.53966 1.38200  -0.19975 -0.11265 7  DT C C6    
500 P P     . DG C 11 ? 3.74633 2.57042 2.38665 1.34099  -0.42981 -0.08947 8  DG C P     
501 O OP1   . DG C 11 ? 3.38414 2.15141 2.04137 1.31905  -0.43064 -0.12384 8  DG C OP1   
502 O OP2   . DG C 11 ? 3.51860 2.42365 2.14570 1.37979  -0.40272 -0.07143 8  DG C OP2   
503 O "O5'" . DG C 11 ? 3.67701 2.55446 2.31538 1.28884  -0.49136 -0.06248 8  DG C "O5'" 
504 C "C5'" . DG C 11 ? 3.69107 2.50647 2.33138 1.24788  -0.52883 -0.07583 8  DG C "C5'" 
505 C "C4'" . DG C 11 ? 3.77435 2.61224 2.40050 1.21278  -0.58661 -0.04841 8  DG C "C4'" 
506 O "O4'" . DG C 11 ? 3.77758 2.62983 2.38846 1.24598  -0.58160 -0.03071 8  DG C "O4'" 
507 C "C3'" . DG C 11 ? 3.87167 2.80977 2.50891 1.16830  -0.62407 -0.01572 8  DG C "C3'" 
508 O "O3'" . DG C 11 ? 3.86871 2.78471 2.51007 1.12573  -0.65067 -0.02587 8  DG C "O3'" 
509 C "C2'" . DG C 11 ? 4.12750 3.07673 2.75184 1.14920  -0.67381 0.01159  8  DG C "C2'" 
510 C "C1'" . DG C 11 ? 3.96854 2.88674 2.57665 1.20968  -0.63656 0.00254  8  DG C "C1'" 
511 N N9    . DG C 11 ? 4.04070 3.06092 2.65834 1.23609  -0.61685 0.03072  8  DG C N9    
512 C C8    . DG C 11 ? 4.29580 3.34703 2.91653 1.28871  -0.55514 0.02615  8  DG C C8    
513 N N7    . DG C 11 ? 4.12373 3.27625 2.74884 1.30799  -0.55081 0.05766  8  DG C N7    
514 C C5    . DG C 11 ? 4.17312 3.36761 2.80657 1.25915  -0.61634 0.08577  8  DG C C5    
515 C C6    . DG C 11 ? 4.15083 3.45929 2.80067 1.24944  -0.64613 0.12787  8  DG C C6    
516 O O6    . DG C 11 ? 4.23782 3.64282 2.89550 1.28847  -0.61571 0.15013  8  DG C O6    
517 N N1    . DG C 11 ? 4.09730 3.40070 2.75438 1.18756  -0.72216 0.14487  8  DG C N1    
518 C C2    . DG C 11 ? 4.04707 3.24295 2.68703 1.14745  -0.76158 0.12265  8  DG C C2    
519 N N2    . DG C 11 ? 4.37147 3.56455 3.01340 1.09107  -0.83915 0.14267  8  DG C N2    
520 N N3    . DG C 11 ? 3.94285 3.04007 2.56514 1.16149  -0.73038 0.08428  8  DG C N3    
521 C C4    . DG C 11 ? 3.95762 3.06349 2.58245 1.21498  -0.65865 0.06838  8  DG C C4    
522 P P     . DG C 12 ? 4.18884 3.20859 2.84721 1.08897  -0.66829 0.00417  9  DG C P     
523 O OP1   . DG C 12 ? 4.05980 3.02924 2.71448 1.06159  -0.68373 -0.01867 9  DG C OP1   
524 O OP2   . DG C 12 ? 4.19124 3.30091 2.85919 1.12977  -0.62214 0.01556  9  DG C OP2   
525 O "O5'" . DG C 12 ? 3.98971 3.05923 2.65273 1.04090  -0.72814 0.05102  9  DG C "O5'" 
526 C "C5'" . DG C 12 ? 4.17794 3.16386 2.82105 1.00046  -0.78494 0.04712  9  DG C "C5'" 
527 C "C4'" . DG C 12 ? 4.40060 3.43116 3.04947 0.96028  -0.84283 0.09059  9  DG C "C4'" 
528 O "O4'" . DG C 12 ? 4.45339 3.50633 3.09995 1.00004  -0.82707 0.09394  9  DG C "O4'" 
529 C "C3'" . DG C 12 ? 4.20933 3.37214 2.89884 0.91666  -0.85926 0.14525  9  DG C "C3'" 
530 O "O3'" . DG C 12 ? 4.40847 3.53873 3.09476 0.85724  -0.90959 0.15948  9  DG C "O3'" 
531 C "C2'" . DG C 12 ? 4.28927 3.51930 2.99700 0.90602  -0.88999 0.18272  9  DG C "C2'" 
532 C "C1'" . DG C 12 ? 4.29172 3.46381 2.97079 0.97243  -0.85354 0.14488  9  DG C "C1'" 
533 N N9    . DG C 12 ? 4.36030 3.62806 3.05759 1.02464  -0.79293 0.15364  9  DG C N9    
534 C C8    . DG C 12 ? 4.26993 3.51665 2.95609 1.08211  -0.72422 0.12061  9  DG C C8    
535 N N7    . DG C 12 ? 4.17463 3.51107 2.87109 1.12583  -0.68292 0.13676  9  DG C N7    
536 C C5    . DG C 12 ? 4.21661 3.65267 2.93901 1.09498  -0.72517 0.18547  9  DG C C5    
537 C C6    . DG C 12 ? 4.06465 3.63323 2.80937 1.12164  -0.70849 0.22367  9  DG C C6    
538 O O6    . DG C 12 ? 4.00251 3.61970 2.73897 1.18454  -0.64968 0.22023  9  DG C O6    
539 N N1    . DG C 12 ? 4.11510 3.76079 2.89382 1.06796  -0.77143 0.27030  9  DG C N1    
540 C C2    . DG C 12 ? 4.20390 3.79005 2.98752 0.99716  -0.84421 0.27689  9  DG C C2    
541 N N2    . DG C 12 ? 4.46344 4.13184 3.28540 0.94706  -0.90515 0.32466  9  DG C N2    
542 N N3    . DG C 12 ? 4.03810 3.49156 2.79057 0.97732  -0.85903 0.23979  9  DG C N3    
543 C C4    . DG C 12 ? 4.24185 3.63379 2.96769 1.02905  -0.79564 0.19622  9  DG C C4    
544 P P     . DT C 13 ? 4.96173 4.21367 3.68794 0.81306  -0.91633 0.21405  10 DT C P     
545 O OP1   . DT C 13 ? 5.29632 4.47989 4.00903 0.75179  -0.97734 0.22632  10 DT C OP1   
546 O OP2   . DT C 13 ? 5.20235 4.50878 3.93225 0.86110  -0.84902 0.19715  10 DT C OP2   
547 O "O5'" . DT C 13 ? 4.82027 4.20551 3.59318 0.79252  -0.93405 0.27478  10 DT C "O5'" 
548 C "C5'" . DT C 13 ? 4.96620 4.46502 3.78666 0.73390  -0.96469 0.34411  10 DT C "C5'" 
549 C "C4'" . DT C 13 ? 4.91222 4.47301 3.77075 0.69369  -1.01668 0.39083  10 DT C "C4'" 
550 O "O4'" . DT C 13 ? 4.82441 4.36445 3.66379 0.74929  -0.99519 0.35679  10 DT C "O4'" 
551 C "C3'" . DT C 13 ? 4.83829 4.59400 3.76981 0.66456  -1.01256 0.47273  10 DT C "C3'" 
552 O "O3'" . DT C 13 ? 5.07343 4.83822 4.04053 0.57577  -1.08367 0.52746  10 DT C "O3'" 
553 C "C2'" . DT C 13 ? 4.71270 4.55061 3.66845 0.69283  -1.00701 0.48523  10 DT C "C2'" 
554 C "C1'" . DT C 13 ? 4.76232 4.46054 3.65193 0.75813  -0.98148 0.40542  10 DT C "C1'" 
555 N N1    . DT C 13 ? 4.01655 3.75854 2.88948 0.84517  -0.89608 0.37754  10 DT C N1    
556 C C2    . DT C 13 ? 3.97509 3.85338 2.87819 0.87981  -0.86887 0.41028  10 DT C C2    
557 O O2    . DT C 13 ? 3.96778 3.94999 2.92010 0.84052  -0.91016 0.46433  10 DT C O2    
558 N N3    . DT C 13 ? 3.94208 3.83024 2.81597 0.96273  -0.79337 0.37816  10 DT C N3    
559 C C4    . DT C 13 ? 3.94238 3.71912 2.76839 1.00678  -0.74774 0.31825  10 DT C C4    
560 O O4    . DT C 13 ? 3.91942 3.70312 2.72158 1.07737  -0.68641 0.29309  10 DT C O4    
561 C C5    . DT C 13 ? 3.97489 3.62436 2.78082 0.96390  -0.78039 0.28809  10 DT C C5    
562 C C7    . DT C 13 ? 3.96973 3.50343 2.73426 1.00209  -0.73978 0.22570  10 DT C C7    
563 C C6    . DT C 13 ? 4.01181 3.64930 2.83770 0.88970  -0.85021 0.31823  10 DT C C6    
564 P P     . DG C 14 ? 5.12122 5.02061 4.14116 0.53560  -1.07286 0.60246  11 DG C P     
565 O OP1   . DG C 14 ? 5.07539 5.05097 4.16549 0.44779  -1.14381 0.68120  11 DG C OP1   
566 O OP2   . DG C 14 ? 5.47287 5.26357 4.44189 0.54058  -1.06110 0.56571  11 DG C OP2   
567 O "O5'" . DG C 14 ? 4.87495 4.94192 3.91650 0.60968  -0.98791 0.61994  11 DG C "O5'" 
568 C "C5'" . DG C 14 ? 4.94797 5.21229 4.05711 0.59168  -0.97114 0.70825  11 DG C "C5'" 
569 C "C4'" . DG C 14 ? 4.84836 5.24567 4.02912 0.56208  -1.00060 0.76828  11 DG C "C4'" 
570 O "O4'" . DG C 14 ? 4.51474 4.81075 3.65988 0.59017  -1.01616 0.70630  11 DG C "O4'" 
571 C "C3'" . DG C 14 ? 4.74594 5.36274 3.97167 0.61398  -0.93869 0.82525  11 DG C "C3'" 
572 O "O3'" . DG C 14 ? 4.92913 5.70533 4.23113 0.55815  -0.95059 0.92579  11 DG C "O3'" 
573 C "C2'" . DG C 14 ? 4.64140 5.30359 3.89472 0.62071  -0.95945 0.82725  11 DG C "C2'" 
574 C "C1'" . DG C 14 ? 4.66894 5.10810 3.84226 0.64265  -0.97668 0.72750  11 DG C "C1'" 
575 N N9    . DG C 14 ? 3.78058 4.16460 2.88434 0.74287  -0.90076 0.65746  11 DG C N9    
576 C C8    . DG C 14 ? 3.81808 4.04543 2.85131 0.77614  -0.87425 0.58423  11 DG C C8    
577 N N7    . DG C 14 ? 3.80283 4.01100 2.79084 0.86248  -0.80927 0.53537  11 DG C N7    
578 C C5    . DG C 14 ? 3.75683 4.11645 2.77959 0.89448  -0.78836 0.57764  11 DG C C5    
579 C C6    . DG C 14 ? 3.73108 4.13386 2.72371 0.98639  -0.72391 0.55508  11 DG C C6    
580 O O6    . DG C 14 ? 3.74241 4.05070 2.67362 1.05463  -0.67315 0.49224  11 DG C O6    
581 N N1    . DG C 14 ? 3.71806 4.29470 2.76143 0.99472  -0.72318 0.61707  11 DG C N1    
582 C C2    . DG C 14 ? 3.76622 4.46336 2.88953 0.91726  -0.78084 0.69250  11 DG C C2    
583 N N2    . DG C 14 ? 3.80882 4.67895 2.97919 0.93865  -0.77185 0.74659  11 DG C N2    
584 N N3    . DG C 14 ? 3.78114 4.43159 2.93705 0.82480  -0.84497 0.71504  11 DG C N3    
585 C C4    . DG C 14 ? 3.74030 4.21786 2.83788 0.82179  -0.84347 0.65385  11 DG C C4    
586 P P     . DA D 1  ? 2.91717 2.99853 3.39345 0.46978  0.80247  -0.52720 12 DA E P     
587 O OP1   . DA D 1  ? 2.85625 2.90500 3.33980 0.55592  0.79418  -0.49005 12 DA E OP1   
588 O OP2   . DA D 1  ? 3.42146 3.55068 3.92753 0.45718  0.80050  -0.55174 12 DA E OP2   
589 O "O5'" . DA D 1  ? 3.58695 3.62507 3.96526 0.40443  0.75214  -0.51509 12 DA E "O5'" 
590 C "C5'" . DA D 1  ? 3.11605 3.10732 3.43840 0.43677  0.69159  -0.48350 12 DA E "C5'" 
591 C "C4'" . DA D 1  ? 3.07010 3.08005 3.37404 0.42608  0.65318  -0.49194 12 DA E "C4'" 
592 O "O4'" . DA D 1  ? 2.97729 3.02311 3.33856 0.49165  0.67154  -0.49815 12 DA E "O4'" 
593 C "C3'" . DA D 1  ? 3.03859 2.99908 3.28035 0.43658  0.58277  -0.46721 12 DA E "C3'" 
594 O "O3'" . DA D 1  ? 3.08054 3.04029 3.27881 0.35335  0.54333  -0.47237 12 DA E "O3'" 
595 C "C2'" . DA D 1  ? 3.11842 3.08948 3.37766 0.51567  0.56791  -0.46354 12 DA E "C2'" 
596 C "C1'" . DA D 1  ? 3.07244 3.10503 3.40150 0.52436  0.61879  -0.48626 12 DA E "C1'" 
597 N N9    . DA D 1  ? 3.07614 3.12285 3.44582 0.60969  0.63035  -0.47447 12 DA E N9    
598 C C8    . DA D 1  ? 3.21048 3.24710 3.60572 0.66710  0.65902  -0.45507 12 DA E C8    
599 N N7    . DA D 1  ? 2.90513 2.96276 3.33200 0.73258  0.66059  -0.44252 12 DA E N7    
600 C C5    . DA D 1  ? 2.94845 3.02997 3.37226 0.71882  0.63056  -0.45664 12 DA E C5    
601 C C6    . DA D 1  ? 2.92216 3.03229 3.36975 0.76317  0.61292  -0.45107 12 DA E C6    
602 N N6    . DA D 1  ? 2.84709 2.96858 3.32318 0.83028  0.62342  -0.42637 12 DA E N6    
603 N N1    . DA D 1  ? 2.97859 3.10629 3.41940 0.73283  0.58144  -0.46860 12 DA E N1    
604 C C2    . DA D 1  ? 3.22886 3.34817 3.63998 0.66121  0.57005  -0.48869 12 DA E C2    
605 N N3    . DA D 1  ? 3.42177 3.51658 3.80420 0.61082  0.58291  -0.49302 12 DA E N3    
606 C C4    . DA D 1  ? 3.19913 3.27466 3.58997 0.64423  0.61292  -0.47711 12 DA E C4    
607 P P     . DC D 2  ? 3.08719 3.09903 3.29739 0.31440  0.53946  -0.49761 13 DC E P     
608 O OP1   . DC D 2  ? 3.10170 3.17359 3.37836 0.31769  0.60577  -0.52853 13 DC E OP1   
609 O OP2   . DC D 2  ? 3.10079 3.10241 3.25889 0.22216  0.49984  -0.49237 13 DC E OP2   
610 O "O5'" . DC D 2  ? 3.21676 3.21580 3.42420 0.38284  0.49301  -0.48797 13 DC E "O5'" 
611 C "C5'" . DC D 2  ? 3.13170 3.15223 3.33237 0.35418  0.45746  -0.49798 13 DC E "C5'" 
612 C "C4'" . DC D 2  ? 3.17733 3.15237 3.34086 0.38713  0.38726  -0.48013 13 DC E "C4'" 
613 O "O4'" . DC D 2  ? 3.42883 3.39883 3.60813 0.48088  0.39148  -0.47661 13 DC E "O4'" 
614 C "C3'" . DC D 2  ? 3.13080 3.04520 3.25254 0.36541  0.34707  -0.45674 13 DC E "C3'" 
615 O "O3'" . DC D 2  ? 3.19295 3.08182 3.29005 0.34243  0.27652  -0.44929 13 DC E "O3'" 
616 C "C2'" . DC D 2  ? 3.30523 3.18947 3.43347 0.45149  0.36065  -0.44643 13 DC E "C2'" 
617 C "C1'" . DC D 2  ? 3.25056 3.16645 3.40037 0.51871  0.36758  -0.45836 13 DC E "C1'" 
618 N N1    . DC D 2  ? 3.05969 2.98194 3.23261 0.59463  0.41133  -0.45225 13 DC E N1    
619 C C2    . DC D 2  ? 2.97663 2.93490 3.17508 0.65029  0.42348  -0.45730 13 DC E C2    
620 O O2    . DC D 2  ? 3.24700 3.22913 3.44971 0.63873  0.39804  -0.46920 13 DC E O2    
621 N N3    . DC D 2  ? 2.96178 2.92777 3.18116 0.71450  0.45903  -0.44529 13 DC E N3    
622 C C4    . DC D 2  ? 3.08697 3.02692 3.30508 0.72595  0.48561  -0.43166 13 DC E C4    
623 N N4    . DC D 2  ? 3.48282 3.43426 3.72464 0.78807  0.51985  -0.41674 13 DC E N4    
624 C C5    . DC D 2  ? 2.93364 2.83513 3.12845 0.67193  0.47489  -0.42891 13 DC E C5    
625 C C6    . DC D 2  ? 3.03488 2.92892 3.20678 0.60652  0.43635  -0.43810 13 DC E C6    
626 P P     . DG D 3  ? 3.15079 3.03607 3.22202 0.23543  0.23929  -0.43804 14 DG E P     
627 O OP1   . DG D 3  ? 3.14571 3.08159 3.22238 0.17475  0.29787  -0.45232 14 DG E OP1   
628 O OP2   . DG D 3  ? 3.19074 3.01312 3.24252 0.22194  0.18998  -0.41068 14 DG E OP2   
629 O "O5'" . DG D 3  ? 3.36979 3.26981 3.44323 0.22491  0.18881  -0.44512 14 DG E "O5'" 
630 C "C5'" . DG D 3  ? 3.58955 3.44542 3.65907 0.26449  0.12321  -0.43758 14 DG E "C5'" 
631 C "C4'" . DG D 3  ? 3.56788 3.44967 3.65448 0.32476  0.11899  -0.45849 14 DG E "C4'" 
632 O "O4'" . DG D 3  ? 3.39379 3.28635 3.49260 0.40559  0.16915  -0.46800 14 DG E "O4'" 
633 C "C3'" . DG D 3  ? 3.26245 3.10634 3.34534 0.35649  0.04769  -0.45903 14 DG E "C3'" 
634 O "O3'" . DG D 3  ? 3.31597 3.19534 3.41190 0.37581  0.03627  -0.47653 14 DG E "O3'" 
635 C "C2'" . DG D 3  ? 3.32493 3.13497 3.40325 0.43837  0.06070  -0.46134 14 DG E "C2'" 
636 C "C1'" . DG D 3  ? 3.20313 3.05531 3.29094 0.47458  0.13697  -0.46769 14 DG E "C1'" 
637 N N9    . DG D 3  ? 3.16935 2.99770 3.25412 0.51052  0.17374  -0.45790 14 DG E N9    
638 C C8    . DG D 3  ? 3.29357 3.09262 3.37344 0.46870  0.17987  -0.44087 14 DG E C8    
639 N N7    . DG D 3  ? 3.25027 3.03346 3.33382 0.51615  0.21572  -0.43477 14 DG E N7    
640 C C5    . DG D 3  ? 3.03994 2.84539 3.12764 0.59256  0.23528  -0.44685 14 DG E C5    
641 C C6    . DG D 3  ? 2.97134 2.77658 3.06279 0.66447  0.27457  -0.44330 14 DG E C6    
642 O O6    . DG D 3  ? 2.94309 2.72670 3.03961 0.67802  0.30237  -0.43058 14 DG E O6    
643 N N1    . DG D 3  ? 2.92340 2.75894 3.01278 0.72168  0.27846  -0.45329 14 DG E N1    
644 C C2    . DG D 3  ? 2.94719 2.80761 3.03494 0.71289  0.24740  -0.46680 14 DG E C2    
645 N N2    . DG D 3  ? 3.01161 2.89926 3.09623 0.77139  0.25221  -0.47173 14 DG E N2    
646 N N3    . DG D 3  ? 3.07137 2.93134 3.16064 0.64839  0.21201  -0.47220 14 DG E N3    
647 C C4    . DG D 3  ? 3.06106 2.89395 3.14864 0.58985  0.20857  -0.46095 14 DG E C4    
648 P P     . DG D 4  ? 3.30295 3.15634 3.39862 0.41923  -0.03099 -0.48765 15 DG E P     
649 O OP1   . DG D 4  ? 3.47990 3.35907 3.58936 0.36558  -0.06715 -0.48952 15 DG E OP1   
650 O OP2   . DG D 4  ? 3.30383 3.09602 3.39222 0.43558  -0.07243 -0.48141 15 DG E OP2   
651 O "O5'" . DG D 4  ? 3.07848 2.95810 3.17501 0.50643  0.00388  -0.50514 15 DG E "O5'" 
652 C "C5'" . DG D 4  ? 3.28410 3.16244 3.37714 0.55264  -0.03827 -0.52181 15 DG E "C5'" 
653 C "C4'" . DG D 4  ? 3.29993 3.14490 3.36931 0.62516  -0.04278 -0.53092 15 DG E "C4'" 
654 O "O4'" . DG D 4  ? 3.05001 2.87998 3.11441 0.63163  0.00417  -0.51702 15 DG E "O4'" 
655 C "C3'" . DG D 4  ? 3.39085 3.18526 3.45680 0.62595  -0.11024 -0.54267 15 DG E "C3'" 
656 O "O3'" . DG D 4  ? 3.31394 3.11435 3.37138 0.66717  -0.14957 -0.56747 15 DG E "O3'" 
657 C "C2'" . DG D 4  ? 3.49507 3.25107 3.55120 0.66096  -0.09102 -0.54137 15 DG E "C2'" 
658 C "C1'" . DG D 4  ? 3.08783 2.87354 3.13790 0.67342  -0.01519 -0.52461 15 DG E "C1'" 
659 N N9    . DG D 4  ? 3.03579 2.79111 3.09257 0.64818  0.00530  -0.50644 15 DG E N9    
660 C C8    . DG D 4  ? 3.16021 2.89041 3.23135 0.57625  -0.02215 -0.48968 15 DG E C8    
661 N N7    . DG D 4  ? 3.10861 2.81319 3.18327 0.56758  0.00108  -0.47350 15 DG E N7    
662 C C5    . DG D 4  ? 2.96697 2.68029 3.03126 0.64028  0.04901  -0.48104 15 DG E C5    
663 C C6    . DG D 4  ? 2.91924 2.61488 2.98596 0.66597  0.09047  -0.46960 15 DG E C6    
664 O O6    . DG D 4  ? 3.28698 2.95305 3.36633 0.62902  0.09166  -0.45114 15 DG E O6    
665 N N1    . DG D 4  ? 2.85824 2.57506 2.91160 0.74015  0.13124  -0.47846 15 DG E N1    
666 C C2    . DG D 4  ? 2.83984 2.59048 2.87615 0.78195  0.12920  -0.49465 15 DG E C2    
667 N N2    . DG D 4  ? 2.83770 2.60755 2.85888 0.84683  0.16865  -0.49512 15 DG E N2    
668 N N3    . DG D 4  ? 2.87993 2.64548 2.91470 0.75922  0.08871  -0.50664 15 DG E N3    
669 C C4    . DG D 4  ? 2.94918 2.69469 2.99998 0.68914  0.05164  -0.49977 15 DG E C4    
670 P P     . DA D 5  ? 3.35287 3.18669 3.38267 0.74183  -0.11900 -0.58026 16 DA E P     
671 O OP1   . DA D 5  ? 3.32182 3.20930 3.36807 0.73054  -0.08486 -0.56726 16 DA E OP1   
672 O OP2   . DA D 5  ? 3.43744 3.25332 3.45129 0.77533  -0.17429 -0.61038 16 DA E OP2   
673 O "O5'" . DA D 5  ? 3.47769 3.29784 3.48750 0.78557  -0.06748 -0.57392 16 DA E "O5'" 
674 C "C5'" . DA D 5  ? 3.32767 3.18076 3.31465 0.84286  -0.02357 -0.57071 16 DA E "C5'" 
675 C "C4'" . DA D 5  ? 3.41090 3.23932 3.36678 0.89617  -0.01145 -0.58257 16 DA E "C4'" 
676 O "O4'" . DA D 5  ? 3.24034 3.03854 3.21272 0.87908  0.01703  -0.56792 16 DA E "O4'" 
677 C "C3'" . DA D 5  ? 3.37368 3.17057 3.31373 0.91407  -0.06718 -0.61892 16 DA E "C3'" 
678 O "O3'" . DA D 5  ? 3.37437 3.19222 3.26851 0.97430  -0.05736 -0.63642 16 DA E "O3'" 
679 C "C2'" . DA D 5  ? 3.16365 2.90956 3.12617 0.90060  -0.07101 -0.62209 16 DA E "C2'" 
680 C "C1'" . DA D 5  ? 3.21916 2.97464 3.18602 0.89984  -0.00635 -0.58941 16 DA E "C1'" 
681 N N9    . DA D 5  ? 3.32529 3.04116 3.32666 0.85478  -0.00957 -0.57402 16 DA E N9    
682 C C8    . DA D 5  ? 3.43563 3.13250 3.46666 0.78807  -0.04940 -0.56396 16 DA E C8    
683 N N7    . DA D 5  ? 3.14711 2.81006 3.20240 0.75442  -0.04675 -0.54567 16 DA E N7    
684 C C5    . DA D 5  ? 3.08880 2.74695 3.13420 0.80535  0.00010  -0.54579 16 DA E C5    
685 C C6    . DA D 5  ? 3.18885 2.81601 3.25387 0.80313  0.02391  -0.53007 16 DA E C6    
686 N N6    . DA D 5  ? 3.67633 3.26972 3.77295 0.74304  -0.00040 -0.50895 16 DA E N6    
687 N N1    . DA D 5  ? 3.00103 2.63489 3.05208 0.86234  0.07194  -0.53380 16 DA E N1    
688 C C2    . DA D 5  ? 3.00384 2.67442 3.01826 0.91653  0.09247  -0.54995 16 DA E C2    
689 N N3    . DA D 5  ? 3.03205 2.73321 3.02279 0.92292  0.07053  -0.56413 16 DA E N3    
690 C C4    . DA D 5  ? 3.05796 2.75000 3.06866 0.86674  0.02473  -0.56251 16 DA E C4    
691 P P     . DC D 6  ? 3.54322 3.33635 3.41293 1.00538  -0.09993 -0.68441 17 DC E P     
692 O OP1   . DC D 6  ? 3.65516 3.48900 3.47251 1.04542  -0.10237 -0.69650 17 DC E OP1   
693 O OP2   . DC D 6  ? 3.35968 3.11406 3.27192 0.96355  -0.16146 -0.70307 17 DC E OP2   
694 O "O5'" . DC D 6  ? 3.44448 3.21440 3.30878 1.03589  -0.05974 -0.69026 17 DC E "O5'" 
695 C "C5'" . DC D 6  ? 3.49953 3.29787 3.33862 1.06664  0.00410  -0.66268 17 DC E "C5'" 
696 C "C4'" . DC D 6  ? 3.53185 3.30229 3.37687 1.08961  0.03499  -0.67153 17 DC E "C4'" 
697 O "O4'" . DC D 6  ? 3.59328 3.32600 3.49344 1.04776  0.03722  -0.65029 17 DC E "O4'" 
698 C "C3'" . DC D 6  ? 3.34067 3.08556 3.18009 1.11298  0.00435  -0.72559 17 DC E "C3'" 
699 O "O3'" . DC D 6  ? 3.44021 3.19452 3.25236 1.15742  0.05194  -0.73502 17 DC E "O3'" 
700 C "C2'" . DC D 6  ? 3.28414 2.97359 3.19417 1.07084  -0.03227 -0.73029 17 DC E "C2'" 
701 C "C1'" . DC D 6  ? 3.27815 2.96444 3.20988 1.04830  0.01143  -0.68027 17 DC E "C1'" 
702 N N1    . DC D 6  ? 3.56696 3.21317 3.55688 0.98808  -0.02233 -0.66196 17 DC E N1    
703 C C2    . DC D 6  ? 3.71268 3.32488 3.74189 0.97393  -0.00338 -0.64312 17 DC E C2    
704 O O2    . DC D 6  ? 3.53645 3.15217 3.55589 1.01437  0.04366  -0.64366 17 DC E O2    
705 N N3    . DC D 6  ? 3.60594 3.18393 3.68247 0.91319  -0.03881 -0.62199 17 DC E N3    
706 C C4    . DC D 6  ? 3.45151 3.03052 3.53648 0.86802  -0.08837 -0.61972 17 DC E C4    
707 N N4    . DC D 6  ? 3.80102 3.34959 3.92792 0.80320  -0.12331 -0.59426 17 DC E N4    
708 C C5    . DC D 6  ? 3.33898 2.95190 3.38966 0.88434  -0.10602 -0.64064 17 DC E C5    
709 C C6    . DC D 6  ? 3.45579 3.10019 3.45995 0.94440  -0.07342 -0.66118 17 DC E C6    
710 P P     . DA D 7  ? 4.01965 3.77539 3.80016 1.19648  0.04142  -0.79731 18 DA E P     
711 O OP1   . DA D 7  ? 3.56825 3.38050 3.26663 1.22831  0.06034  -0.79577 18 DA E OP1   
712 O OP2   . DA D 7  ? 3.83301 3.54918 3.66024 1.17332  -0.02360 -0.84032 18 DA E OP2   
713 O "O5'" . DA D 7  ? 3.71165 3.44933 3.51568 1.21979  0.09027  -0.80164 18 DA E "O5'" 
714 C "C5'" . DA D 7  ? 3.54943 3.30687 3.34237 1.23093  0.15013  -0.75205 18 DA E "C5'" 
715 C "C4'" . DA D 7  ? 3.64253 3.35637 3.50258 1.22146  0.16992  -0.74212 18 DA E "C4'" 
716 O "O4'" . DA D 7  ? 3.66423 3.33490 3.58673 1.16995  0.12584  -0.72694 18 DA E "O4'" 
717 C "C3'" . DA D 7  ? 3.89845 3.58865 3.78627 1.24673  0.17246  -0.79533 18 DA E "C3'" 
718 O "O3'" . DA D 7  ? 3.97351 3.65360 3.89086 1.25985  0.22281  -0.77274 18 DA E "O3'" 
719 C "C2'" . DA D 7  ? 3.90681 3.54316 3.86937 1.20941  0.10632  -0.81947 18 DA E "C2'" 
720 C "C1'" . DA D 7  ? 3.78725 3.40833 3.77557 1.16272  0.09851  -0.75897 18 DA E "C1'" 
721 N N9    . DA D 7  ? 3.73311 3.32030 3.76742 1.11339  0.03109  -0.76036 18 DA E N9    
722 C C8    . DA D 7  ? 3.70615 3.30198 3.72384 1.10214  -0.01868 -0.78443 18 DA E C8    
723 N N7    . DA D 7  ? 3.70975 3.27104 3.78129 1.05147  -0.07483 -0.77435 18 DA E N7    
724 C C5    . DA D 7  ? 3.80839 3.33655 3.93081 1.02577  -0.06210 -0.74055 18 DA E C5    
725 C C6    . DA D 7  ? 3.99058 3.47640 4.17733 0.96619  -0.10463 -0.71118 18 DA E C6    
726 N N6    . DA D 7  ? 4.21180 3.68220 4.42582 0.92066  -0.16966 -0.71052 18 DA E N6    
727 N N1    . DA D 7  ? 3.89496 3.35621 4.11651 0.95213  -0.07985 -0.67950 18 DA E N1    
728 C C2    . DA D 7  ? 3.87930 3.35677 4.07791 0.99738  -0.01527 -0.67846 18 DA E C2    
729 N N3    . DA D 7  ? 3.70170 3.21991 3.84243 1.05447  0.03053  -0.70245 18 DA E N3    
730 C C4    . DA D 7  ? 3.70111 3.24353 3.80322 1.06475  0.00306  -0.73280 18 DA E C4    
731 P P     . DG D 8  ? 3.62592 3.31889 3.53618 1.30594  0.26730  -0.81370 19 DG E P     
732 O OP1   . DG D 8  ? 3.60902 3.34512 3.46974 1.33119  0.33260  -0.76985 19 DG E OP1   
733 O OP2   . DG D 8  ? 3.70314 3.40989 3.58308 1.32262  0.23945  -0.88180 19 DG E OP2   
734 O "O5'" . DG D 8  ? 3.60925 3.24175 3.62623 1.29150  0.25833  -0.82164 19 DG E "O5'" 
735 C "C5'" . DG D 8  ? 3.53947 3.13594 3.60896 1.25253  0.24800  -0.76750 19 DG E "C5'" 
736 C "C4'" . DG D 8  ? 3.56872 3.10224 3.73948 1.22239  0.19637  -0.78623 19 DG E "C4'" 
737 O "O4'" . DG D 8  ? 3.61881 3.13300 3.79989 1.17703  0.13127  -0.77915 19 DG E "O4'" 
738 C "C3'" . DG D 8  ? 3.60957 3.12957 3.82633 1.25040  0.18424  -0.85808 19 DG E "C3'" 
739 O "O3'" . DG D 8  ? 3.61824 3.12578 3.88892 1.27485  0.22865  -0.86373 19 DG E "O3'" 
740 C "C2'" . DG D 8  ? 3.65271 3.12113 3.94971 1.20862  0.10290  -0.87434 19 DG E "C2'" 
741 C "C1'" . DG D 8  ? 3.66177 3.12468 3.93518 1.15806  0.07690  -0.81029 19 DG E "C1'" 
742 N N9    . DG D 8  ? 3.71178 3.16593 3.98661 1.12560  0.00979  -0.82288 19 DG E N9    
743 C C8    . DG D 8  ? 3.72577 3.21294 3.94189 1.14364  -0.00500 -0.86049 19 DG E C8    
744 N N7    . DG D 8  ? 3.76881 3.23758 4.00851 1.10529  -0.07054 -0.86181 19 DG E N7    
745 C C5    . DG D 8  ? 3.78629 3.20891 4.10103 1.05623  -0.10120 -0.82063 19 DG E C5    
746 C C6    . DG D 8  ? 3.82959 3.21869 4.19648 0.99645  -0.17236 -0.79855 19 DG E C6    
747 O O6    . DG D 8  ? 3.86120 3.25387 4.22314 0.97713  -0.22258 -0.81266 19 DG E O6    
748 N N1    . DG D 8  ? 3.83087 3.18041 4.26043 0.95404  -0.18469 -0.75277 19 DG E N1    
749 C C2    . DG D 8  ? 3.79493 3.13586 4.23947 0.97013  -0.13493 -0.73303 19 DG E C2    
750 N N2    . DG D 8  ? 3.79757 3.09811 4.30331 0.92005  -0.16016 -0.68716 19 DG E N2    
751 N N3    . DG D 8  ? 3.75379 3.12504 4.15566 1.02853  -0.06677 -0.75427 19 DG E N3    
752 C C4    . DG D 8  ? 3.75196 3.16417 4.08826 1.06788  -0.05356 -0.79693 19 DG E C4    
753 P P     . DT D 9  ? 3.65065 3.09232 4.04695 1.24490  0.20092  -0.84438 20 DT E P     
754 O OP1   . DT D 9  ? 3.62805 3.04620 4.02555 1.19072  0.16790  -0.77893 20 DT E OP1   
755 O OP2   . DT D 9  ? 3.65982 3.10796 4.08461 1.28048  0.26344  -0.84731 20 DT E OP2   
756 O "O5'" . DT D 9  ? 3.70299 3.10763 4.19025 1.24014  0.13998  -0.90987 20 DT E "O5'" 
757 C "C5'" . DT D 9  ? 3.70841 3.05468 4.33030 1.22179  0.10652  -0.91311 20 DT E "C5'" 
758 C "C4'" . DT D 9  ? 3.71707 3.01901 4.37801 1.15820  0.05073  -0.84594 20 DT E "C4'" 
759 O "O4'" . DT D 9  ? 3.75344 3.06968 4.34735 1.12769  0.00990  -0.83333 20 DT E "O4'" 
760 C "C3'" . DT D 9  ? 3.72894 2.96574 4.53682 1.12602  -0.01642 -0.85129 20 DT E "C3'" 
761 O "O3'" . DT D 9  ? 3.70412 2.90574 4.54720 1.07791  -0.03398 -0.77902 20 DT E "O3'" 
762 C "C2'" . DT D 9  ? 3.77679 3.00353 4.59283 1.09829  -0.08946 -0.87409 20 DT E "C2'" 
763 C "C1'" . DT D 9  ? 3.78667 3.05477 4.46869 1.08168  -0.07386 -0.83399 20 DT E "C1'" 
764 N N1    . DT D 9  ? 3.82027 3.10902 4.45766 1.08117  -0.11110 -0.87032 20 DT E N1    
765 C C2    . DT D 9  ? 3.85415 3.11408 4.52894 1.02599  -0.18849 -0.84900 20 DT E C2    
766 O O2    . DT D 9  ? 3.85814 3.07756 4.59667 0.97361  -0.23001 -0.79990 20 DT E O2    
767 N N3    . DT D 9  ? 3.88022 3.16236 4.51333 1.03143  -0.21754 -0.88539 20 DT E N3    
768 C C4    . DT D 9  ? 3.87431 3.20315 4.42964 1.08343  -0.17985 -0.93950 20 DT E C4    
769 O O4    . DT D 9  ? 3.89698 3.24172 4.42037 1.08248  -0.21361 -0.96844 20 DT E O4    
770 C C5    . DT D 9  ? 3.83800 3.19718 4.35140 1.13585  -0.09985 -0.95723 20 DT E C5    
771 C C7    . DT D 9  ? 3.82833 3.24282 4.24917 1.18784  -0.05579 -1.01068 20 DT E C7    
772 C C6    . DT D 9  ? 3.81305 3.15109 4.37124 1.13310  -0.06885 -0.92228 20 DT E C6    
773 P P     . DA D 10 ? 3.60034 2.74574 4.59017 1.06736  -0.05453 -0.76898 21 DA E P     
774 O OP1   . DA D 10 ? 3.55410 2.70006 4.51408 1.05617  -0.01077 -0.70690 21 DA E OP1   
775 O OP2   . DA D 10 ? 3.61350 2.76054 4.68003 1.12145  -0.03551 -0.84737 21 DA E OP2   
776 O "O5'" . DA D 10 ? 3.61836 2.70914 4.69704 0.99772  -0.15774 -0.73967 21 DA E "O5'" 
777 C "C5'" . DA D 10 ? 3.65282 2.73066 4.78897 0.99625  -0.21744 -0.78979 21 DA E "C5'" 
778 C "C4'" . DA D 10 ? 3.65857 2.69466 4.84701 0.91937  -0.31148 -0.73938 21 DA E "C4'" 
779 O "O4'" . DA D 10 ? 3.70112 2.76528 4.80617 0.90526  -0.33616 -0.74953 21 DA E "O4'" 
780 C "C3'" . DA D 10 ? 3.64589 2.62536 5.00962 0.90220  -0.38954 -0.75992 21 DA E "C3'" 
781 O "O3'" . DA D 10 ? 3.62958 2.56709 5.04399 0.82166  -0.46836 -0.68608 21 DA E "O3'" 
782 C "C2'" . DA D 10 ? 3.68698 2.68392 5.04896 0.92749  -0.41380 -0.82995 21 DA E "C2'" 
783 C "C1'" . DA D 10 ? 3.71781 2.75730 4.92091 0.90528  -0.40236 -0.79841 21 DA E "C1'" 
784 N N9    . DA D 10 ? 3.75263 2.83866 4.87431 0.95500  -0.37070 -0.86508 21 DA E N9    
785 C C8    . DA D 10 ? 3.74701 2.87682 4.80001 1.02233  -0.28945 -0.91685 21 DA E C8    
786 N N7    . DA D 10 ? 3.77686 2.94393 4.75932 1.05035  -0.28271 -0.96840 21 DA E N7    
787 C C5    . DA D 10 ? 3.80721 2.95200 4.81948 1.00081  -0.36420 -0.95094 21 DA E C5    
788 C C6    . DA D 10 ? 3.84506 3.00856 4.81809 0.99910  -0.40077 -0.98403 21 DA E C6    
789 N N6    . DA D 10 ? 3.85683 3.06715 4.74464 1.04964  -0.35922 -1.04445 21 DA E N6    
790 N N1    . DA D 10 ? 3.86670 3.00015 4.89115 0.94034  -0.48401 -0.95016 21 DA E N1    
791 C C2    . DA D 10 ? 3.84842 2.93789 4.95168 0.88398  -0.52815 -0.88552 21 DA E C2    
792 N N3    . DA D 10 ? 3.81014 2.87739 4.95387 0.87784  -0.50292 -0.84913 21 DA E N3    
793 C C4    . DA D 10 ? 3.79289 2.88918 4.88949 0.94047  -0.41876 -0.88610 21 DA E C4    
794 P P     . DG D 11 ? 3.66850 2.53871 5.28269 0.78697  -0.56193 -0.67936 22 DG E P     
795 O OP1   . DG D 11 ? 3.65419 2.49108 5.28357 0.70417  -0.61551 -0.58402 22 DG E OP1   
796 O OP2   . DG D 11 ? 3.69119 2.55004 5.41534 0.85098  -0.52458 -0.74245 22 DG E OP2   
797 O "O5'" . DG D 11 ? 3.69987 2.56714 5.34916 0.77462  -0.63149 -0.71663 22 DG E "O5'" 
798 C "C5'" . DG D 11 ? 3.68208 2.57344 5.21865 0.72856  -0.65714 -0.67992 22 DG E "C5'" 
799 C "C4'" . DG D 11 ? 3.72069 2.60244 5.32193 0.72185  -0.72809 -0.72051 22 DG E "C4'" 
800 O "O4'" . DG D 11 ? 3.75402 2.68613 5.25439 0.78295  -0.67301 -0.79257 22 DG E "O4'" 
801 C "C3'" . DG D 11 ? 3.76822 2.59870 5.57391 0.73273  -0.79010 -0.76176 22 DG E "C3'" 
802 O "O3'" . DG D 11 ? 3.78928 2.58449 5.68516 0.66589  -0.89792 -0.72344 22 DG E "O3'" 
803 C "C2'" . DG D 11 ? 3.79936 2.66022 5.60041 0.81471  -0.74148 -0.87165 22 DG E "C2'" 
804 C "C1'" . DG D 11 ? 3.77787 2.69486 5.39204 0.82108  -0.70356 -0.87347 22 DG E "C1'" 
805 N N9    . DG D 11 ? 3.78949 2.75613 5.31371 0.89894  -0.61779 -0.95293 22 DG E N9    
806 C C8    . DG D 11 ? 3.78149 2.77176 5.26244 0.95084  -0.52861 -0.97490 22 DG E C8    
807 N N7    . DG D 11 ? 3.80244 2.84121 5.19578 1.00984  -0.46703 -1.04415 22 DG E N7    
808 C C5    . DG D 11 ? 3.83025 2.87621 5.20836 0.99810  -0.51906 -1.07225 22 DG E C5    
809 C C6    . DG D 11 ? 3.86437 2.95525 5.15815 1.04064  -0.49315 -1.14362 22 DG E C6    
810 O O6    . DG D 11 ? 3.87762 3.01417 5.08645 1.09613  -0.41670 -1.19539 22 DG E O6    
811 N N1    . DG D 11 ? 3.89855 2.97909 5.21233 1.00951  -0.56876 -1.14917 22 DG E N1    
812 C C2    . DG D 11 ? 3.89824 2.93317 5.30172 0.94369  -0.65755 -1.09031 22 DG E C2    
813 N N2    . DG D 11 ? 3.93146 2.96493 5.34447 0.92140  -0.72198 -1.10387 22 DG E N2    
814 N N3    . DG D 11 ? 3.86334 2.85801 5.34179 0.89968  -0.68366 -1.02049 22 DG E N3    
815 C C4    . DG D 11 ? 3.83148 2.83340 5.29185 0.93110  -0.61122 -1.01675 22 DG E C4    
816 P P     . DC D 12 ? 3.86811 2.60269 6.00255 0.65758  -0.98777 -0.74781 23 DC E P     
817 O OP1   . DC D 12 ? 3.87964 2.57283 6.08453 0.56211  -1.08877 -0.64982 23 DC E OP1   
818 O OP2   . DC D 12 ? 3.88416 2.60548 6.11372 0.71745  -0.93654 -0.79961 23 DC E OP2   
819 O "O5'" . DC D 12 ? 3.89359 2.64388 6.04917 0.69127  -1.01172 -0.83095 23 DC E "O5'" 
820 C "C5'" . DC D 12 ? 3.87063 2.65447 5.89570 0.66443  -1.02502 -0.81283 23 DC E "C5'" 
821 C "C4'" . DC D 12 ? 3.90412 2.70190 5.96001 0.70956  -1.03851 -0.90587 23 DC E "C4'" 
822 O "O4'" . DC D 12 ? 3.90330 2.75471 5.82541 0.78567  -0.93528 -0.97927 23 DC E "O4'" 
823 C "C3'" . DC D 12 ? 3.95972 2.71114 6.23980 0.73005  -1.09647 -0.96873 23 DC E "C3'" 
824 O "O3'" . DC D 12 ? 3.98297 2.72081 6.33559 0.70425  -1.18183 -0.98423 23 DC E "O3'" 
825 C "C2'" . DC D 12 ? 3.98530 2.76863 6.24172 0.82155  -1.00318 -1.07870 23 DC E "C2'" 
826 C "C1'" . DC D 12 ? 3.95480 2.80215 5.98044 0.84447  -0.93074 -1.08508 23 DC E "C1'" 
827 N N1    . DC D 12 ? 3.96254 2.85412 5.88897 0.91702  -0.81813 -1.14577 23 DC E N1    
828 C C2    . DC D 12 ? 3.99006 2.93065 5.81738 0.97073  -0.76982 -1.22960 23 DC E C2    
829 O O2    . DC D 12 ? 4.00489 2.94907 5.83172 0.95947  -0.82168 -1.25471 23 DC E O2    
830 N N3    . DC D 12 ? 4.00384 2.98788 5.73743 1.03066  -0.66944 -1.27784 23 DC E N3    
831 C C4    . DC D 12 ? 3.98748 2.96592 5.73044 1.04058  -0.61718 -1.24692 23 DC E C4    
832 N N4    . DC D 12 ? 4.00492 3.02955 5.65528 1.09783  -0.51933 -1.29268 23 DC E N4    
833 C C5    . DC D 12 ? 3.95728 2.88367 5.80424 0.98918  -0.66527 -1.16485 23 DC E C5    
834 C C6    . DC D 12 ? 3.94777 2.83299 5.87994 0.92740  -0.76531 -1.11612 23 DC E C6    
835 P P     . DA D 13 ? 3.97834 2.66145 6.59071 0.70586  -1.27001 -1.03406 24 DA E P     
836 O OP1   . DA D 13 ? 3.98043 2.63640 6.66074 0.63156  -1.38337 -0.97076 24 DA E OP1   
837 O OP2   . DA D 13 ? 3.99100 2.65930 6.71934 0.70844  -1.25152 -1.02115 24 DA E OP2   
838 O "O5'" . DA D 13 ? 4.01938 2.73815 6.62172 0.78535  -1.22134 -1.16957 24 DA E "O5'" 
839 C "C5'" . DA D 13 ? 4.01305 2.77121 6.47413 0.79620  -1.21176 -1.19801 24 DA E "C5'" 
840 C "C4'" . DA D 13 ? 4.05904 2.85342 6.49183 0.87724  -1.14646 -1.32923 24 DA E "C4'" 
841 O "O4'" . DA D 13 ? 4.04658 2.88427 6.33261 0.92579  -1.03104 -1.34735 24 DA E "O4'" 
842 C "C3'" . DA D 13 ? 4.12126 2.94117 6.72666 0.87916  -1.15780 -1.38864 24 DA E "C3'" 
843 O "O3'" . DA D 13 ? 4.16408 2.99562 6.81689 0.88416  -1.20639 -1.45372 24 DA E "O3'" 
844 C "C2'" . DA D 13 ? 4.15150 3.02913 6.67552 0.93481  -1.03659 -1.45055 24 DA E "C2'" 
845 C "C1'" . DA D 13 ? 4.10993 3.00252 6.41050 0.96895  -0.96809 -1.43948 24 DA E "C1'" 
846 N N9    . DA D 13 ? 4.10436 3.03112 6.31509 1.00155  -0.86338 -1.43760 24 DA E N9    
847 C C8    . DA D 13 ? 4.07340 2.97839 6.32570 0.98117  -0.84782 -1.36890 24 DA E C8    
848 N N7    . DA D 13 ? 4.07799 3.02386 6.23010 1.01930  -0.74552 -1.38344 24 DA E N7    
849 C C5    . DA D 13 ? 4.11720 3.11643 6.15080 1.06543  -0.69103 -1.46467 24 DA E C5    
850 C C6    . DA D 13 ? 4.14718 3.20767 6.03866 1.11435  -0.58333 -1.51069 24 DA E C6    
851 N N6    . DA D 13 ? 4.13729 3.21439 5.98501 1.12785  -0.50696 -1.48040 24 DA E N6    
852 N N1    . DA D 13 ? 4.19279 3.29716 5.98843 1.14573  -0.55994 -1.58583 24 DA E N1    
853 C C2    . DA D 13 ? 4.20415 3.29090 6.04605 1.13195  -0.63809 -1.61567 24 DA E C2    
854 N N3    . DA D 13 ? 4.17667 3.20648 6.15376 1.08872  -0.74097 -1.57837 24 DA E N3    
855 C C4    . DA D 13 ? 4.13437 3.12265 6.20187 1.05565  -0.76270 -1.50092 24 DA E C4    
# 
